data_2QNT
# 
_entry.id   2QNT 
# 
_audit_conform.dict_name       mmcif_pdbx.dic 
_audit_conform.dict_version    5.397 
_audit_conform.dict_location   http://mmcif.pdb.org/dictionaries/ascii/mmcif_pdbx.dic 
# 
loop_
_database_2.database_id 
_database_2.database_code 
_database_2.pdbx_database_accession 
_database_2.pdbx_DOI 
PDB   2QNT         pdb_00002qnt 10.2210/pdb2qnt/pdb 
RCSB  RCSB043831   ?            ?                   
WWPDB D_1000043831 ?            ?                   
# 
loop_
_pdbx_audit_revision_history.ordinal 
_pdbx_audit_revision_history.data_content_type 
_pdbx_audit_revision_history.major_revision 
_pdbx_audit_revision_history.minor_revision 
_pdbx_audit_revision_history.revision_date 
1 'Structure model' 1 0 2007-07-31 
2 'Structure model' 1 1 2011-07-13 
3 'Structure model' 1 2 2024-10-16 
# 
_pdbx_audit_revision_details.ordinal             1 
_pdbx_audit_revision_details.revision_ordinal    1 
_pdbx_audit_revision_details.data_content_type   'Structure model' 
_pdbx_audit_revision_details.provider            repository 
_pdbx_audit_revision_details.type                'Initial release' 
_pdbx_audit_revision_details.description         ? 
_pdbx_audit_revision_details.details             ? 
# 
loop_
_pdbx_audit_revision_group.ordinal 
_pdbx_audit_revision_group.revision_ordinal 
_pdbx_audit_revision_group.data_content_type 
_pdbx_audit_revision_group.group 
1 2 'Structure model' Advisory                    
2 2 'Structure model' 'Refinement description'    
3 2 'Structure model' 'Source and taxonomy'       
4 2 'Structure model' 'Version format compliance' 
5 3 'Structure model' 'Data collection'           
6 3 'Structure model' 'Database references'       
7 3 'Structure model' 'Derived calculations'      
8 3 'Structure model' 'Structure summary'         
# 
loop_
_pdbx_audit_revision_category.ordinal 
_pdbx_audit_revision_category.revision_ordinal 
_pdbx_audit_revision_category.data_content_type 
_pdbx_audit_revision_category.category 
1 3 'Structure model' chem_comp_atom               
2 3 'Structure model' chem_comp_bond               
3 3 'Structure model' database_2                   
4 3 'Structure model' pdbx_entry_details           
5 3 'Structure model' pdbx_modification_feature    
6 3 'Structure model' pdbx_struct_special_symmetry 
7 3 'Structure model' struct_conn                  
8 3 'Structure model' struct_ref_seq_dif           
9 3 'Structure model' struct_site                  
# 
loop_
_pdbx_audit_revision_item.ordinal 
_pdbx_audit_revision_item.revision_ordinal 
_pdbx_audit_revision_item.data_content_type 
_pdbx_audit_revision_item.item 
1 3 'Structure model' '_database_2.pdbx_DOI'                
2 3 'Structure model' '_database_2.pdbx_database_accession' 
3 3 'Structure model' '_struct_conn.pdbx_leaving_atom_flag' 
4 3 'Structure model' '_struct_ref_seq_dif.details'         
5 3 'Structure model' '_struct_site.pdbx_auth_asym_id'      
6 3 'Structure model' '_struct_site.pdbx_auth_comp_id'      
7 3 'Structure model' '_struct_site.pdbx_auth_seq_id'       
# 
_pdbx_database_status.status_code                     REL 
_pdbx_database_status.entry_id                        2QNT 
_pdbx_database_status.recvd_initial_deposition_date   2007-07-19 
_pdbx_database_status.deposit_site                    RCSB 
_pdbx_database_status.process_site                    RCSB 
_pdbx_database_status.status_code_sf                  REL 
_pdbx_database_status.status_code_mr                  ? 
_pdbx_database_status.SG_entry                        Y 
_pdbx_database_status.pdb_format_compatible           Y 
_pdbx_database_status.status_code_cs                  ? 
_pdbx_database_status.status_code_nmr_data            ? 
_pdbx_database_status.methods_development_category    ? 
# 
_pdbx_database_related.db_name        TargetDB 
_pdbx_database_related.db_id          APC5895 
_pdbx_database_related.details        . 
_pdbx_database_related.content_type   unspecified 
# 
loop_
_audit_author.name 
_audit_author.pdbx_ordinal 
'Nocek, B.'                                     1 
'Evdokimova, E.'                                2 
'Kudritska, M.'                                 3 
'Savchenko, A.'                                 4 
'Edwards, A.'                                   5 
'Joachimiak, A.'                                6 
'Midwest Center for Structural Genomics (MCSG)' 7 
# 
_citation.id                        primary 
_citation.title                     'Crystal structure of protein of unknown function from Agrobacterium tumefaciens str. C58.' 
_citation.journal_abbrev            'To be Published' 
_citation.journal_volume            ? 
_citation.page_first                ? 
_citation.page_last                 ? 
_citation.year                      ? 
_citation.journal_id_ASTM           ? 
_citation.country                   ? 
_citation.journal_id_ISSN           ? 
_citation.journal_id_CSD            0353 
_citation.book_publisher            ? 
_citation.pdbx_database_id_PubMed   ? 
_citation.pdbx_database_id_DOI      ? 
# 
loop_
_citation_author.citation_id 
_citation_author.name 
_citation_author.ordinal 
_citation_author.identifier_ORCID 
primary 'Nocek, B.'      1 ? 
primary 'Evdokimova, E.' 2 ? 
primary 'Kudritska, M.'  3 ? 
primary 'Savchenko, A.'  4 ? 
primary 'Edwards, A.'    5 ? 
primary 'Joachimiak, A.' 6 ? 
# 
loop_
_entity.id 
_entity.type 
_entity.src_method 
_entity.pdbx_description 
_entity.formula_weight 
_entity.pdbx_number_of_molecules 
_entity.pdbx_ec 
_entity.pdbx_mutation 
_entity.pdbx_fragment 
_entity.details 
1 polymer     man 'Uncharacterized protein Atu1872'                     16467.965 1   ? ? ? ? 
2 non-polymer syn '4-(2-HYDROXYETHYL)-1-PIPERAZINE ETHANESULFONIC ACID' 238.305   1   ? ? ? ? 
3 water       nat water                                                 18.015    154 ? ? ? ? 
# 
_entity_name_com.entity_id   1 
_entity_name_com.name        AGR_C_3434p 
# 
_entity_poly.entity_id                      1 
_entity_poly.type                           'polypeptide(L)' 
_entity_poly.nstd_linkage                   no 
_entity_poly.nstd_monomer                   yes 
_entity_poly.pdbx_seq_one_letter_code       
;NLYFQG(MSE)RFVNPIPFVRDINRSKSFYRDRLGLKILEDFGSFVLFETGFAIHEGRSLEETIWRTSSDAQEAYGRRN
(MSE)LLYFEHADVDAAFQDIAPHVELIHPLERQAWGQRVFRFYDPDGHAIEVGESLSQSGENLYFQGGS
;
_entity_poly.pdbx_seq_one_letter_code_can   
;NLYFQGMRFVNPIPFVRDINRSKSFYRDRLGLKILEDFGSFVLFETGFAIHEGRSLEETIWRTSSDAQEAYGRRNMLLYF
EHADVDAAFQDIAPHVELIHPLERQAWGQRVFRFYDPDGHAIEVGESLSQSGENLYFQGGS
;
_entity_poly.pdbx_strand_id                 A 
_entity_poly.pdbx_target_identifier         APC5895 
# 
loop_
_pdbx_entity_nonpoly.entity_id 
_pdbx_entity_nonpoly.name 
_pdbx_entity_nonpoly.comp_id 
2 '4-(2-HYDROXYETHYL)-1-PIPERAZINE ETHANESULFONIC ACID' EPE 
3 water                                                 HOH 
# 
loop_
_entity_poly_seq.entity_id 
_entity_poly_seq.num 
_entity_poly_seq.mon_id 
_entity_poly_seq.hetero 
1 1   ASN n 
1 2   LEU n 
1 3   TYR n 
1 4   PHE n 
1 5   GLN n 
1 6   GLY n 
1 7   MSE n 
1 8   ARG n 
1 9   PHE n 
1 10  VAL n 
1 11  ASN n 
1 12  PRO n 
1 13  ILE n 
1 14  PRO n 
1 15  PHE n 
1 16  VAL n 
1 17  ARG n 
1 18  ASP n 
1 19  ILE n 
1 20  ASN n 
1 21  ARG n 
1 22  SER n 
1 23  LYS n 
1 24  SER n 
1 25  PHE n 
1 26  TYR n 
1 27  ARG n 
1 28  ASP n 
1 29  ARG n 
1 30  LEU n 
1 31  GLY n 
1 32  LEU n 
1 33  LYS n 
1 34  ILE n 
1 35  LEU n 
1 36  GLU n 
1 37  ASP n 
1 38  PHE n 
1 39  GLY n 
1 40  SER n 
1 41  PHE n 
1 42  VAL n 
1 43  LEU n 
1 44  PHE n 
1 45  GLU n 
1 46  THR n 
1 47  GLY n 
1 48  PHE n 
1 49  ALA n 
1 50  ILE n 
1 51  HIS n 
1 52  GLU n 
1 53  GLY n 
1 54  ARG n 
1 55  SER n 
1 56  LEU n 
1 57  GLU n 
1 58  GLU n 
1 59  THR n 
1 60  ILE n 
1 61  TRP n 
1 62  ARG n 
1 63  THR n 
1 64  SER n 
1 65  SER n 
1 66  ASP n 
1 67  ALA n 
1 68  GLN n 
1 69  GLU n 
1 70  ALA n 
1 71  TYR n 
1 72  GLY n 
1 73  ARG n 
1 74  ARG n 
1 75  ASN n 
1 76  MSE n 
1 77  LEU n 
1 78  LEU n 
1 79  TYR n 
1 80  PHE n 
1 81  GLU n 
1 82  HIS n 
1 83  ALA n 
1 84  ASP n 
1 85  VAL n 
1 86  ASP n 
1 87  ALA n 
1 88  ALA n 
1 89  PHE n 
1 90  GLN n 
1 91  ASP n 
1 92  ILE n 
1 93  ALA n 
1 94  PRO n 
1 95  HIS n 
1 96  VAL n 
1 97  GLU n 
1 98  LEU n 
1 99  ILE n 
1 100 HIS n 
1 101 PRO n 
1 102 LEU n 
1 103 GLU n 
1 104 ARG n 
1 105 GLN n 
1 106 ALA n 
1 107 TRP n 
1 108 GLY n 
1 109 GLN n 
1 110 ARG n 
1 111 VAL n 
1 112 PHE n 
1 113 ARG n 
1 114 PHE n 
1 115 TYR n 
1 116 ASP n 
1 117 PRO n 
1 118 ASP n 
1 119 GLY n 
1 120 HIS n 
1 121 ALA n 
1 122 ILE n 
1 123 GLU n 
1 124 VAL n 
1 125 GLY n 
1 126 GLU n 
1 127 SER n 
1 128 LEU n 
1 129 SER n 
1 130 GLN n 
1 131 SER n 
1 132 GLY n 
1 133 GLU n 
1 134 ASN n 
1 135 LEU n 
1 136 TYR n 
1 137 PHE n 
1 138 GLN n 
1 139 GLY n 
1 140 GLY n 
1 141 SER n 
# 
_entity_src_gen.entity_id                          1 
_entity_src_gen.pdbx_src_id                        1 
_entity_src_gen.pdbx_alt_source_flag               sample 
_entity_src_gen.pdbx_seq_type                      ? 
_entity_src_gen.pdbx_beg_seq_num                   ? 
_entity_src_gen.pdbx_end_seq_num                   ? 
_entity_src_gen.gene_src_common_name               ? 
_entity_src_gen.gene_src_genus                     Agrobacterium 
_entity_src_gen.pdbx_gene_src_gene                 'AGR_C_3434, Atu1872' 
_entity_src_gen.gene_src_species                   'Agrobacterium tumefaciens' 
_entity_src_gen.gene_src_strain                    C58 
_entity_src_gen.gene_src_tissue                    ? 
_entity_src_gen.gene_src_tissue_fraction           ? 
_entity_src_gen.gene_src_details                   ? 
_entity_src_gen.pdbx_gene_src_fragment             ? 
_entity_src_gen.pdbx_gene_src_scientific_name      'Agrobacterium tumefaciens str.' 
_entity_src_gen.pdbx_gene_src_ncbi_taxonomy_id     176299 
_entity_src_gen.pdbx_gene_src_variant              ? 
_entity_src_gen.pdbx_gene_src_cell_line            ? 
_entity_src_gen.pdbx_gene_src_atcc                 33970 
_entity_src_gen.pdbx_gene_src_organ                ? 
_entity_src_gen.pdbx_gene_src_organelle            ? 
_entity_src_gen.pdbx_gene_src_cell                 ? 
_entity_src_gen.pdbx_gene_src_cellular_location    ? 
_entity_src_gen.host_org_common_name               ? 
_entity_src_gen.pdbx_host_org_scientific_name      'Escherichia coli BL21(DE3)' 
_entity_src_gen.pdbx_host_org_ncbi_taxonomy_id     469008 
_entity_src_gen.host_org_genus                     Escherichia 
_entity_src_gen.pdbx_host_org_gene                 ? 
_entity_src_gen.pdbx_host_org_organ                ? 
_entity_src_gen.host_org_species                   'Escherichia coli' 
_entity_src_gen.pdbx_host_org_tissue               ? 
_entity_src_gen.pdbx_host_org_tissue_fraction      ? 
_entity_src_gen.pdbx_host_org_strain               'BL21(DE3)' 
_entity_src_gen.pdbx_host_org_variant              ? 
_entity_src_gen.pdbx_host_org_cell_line            ? 
_entity_src_gen.pdbx_host_org_atcc                 ? 
_entity_src_gen.pdbx_host_org_culture_collection   ? 
_entity_src_gen.pdbx_host_org_cell                 ? 
_entity_src_gen.pdbx_host_org_organelle            ? 
_entity_src_gen.pdbx_host_org_cellular_location    ? 
_entity_src_gen.pdbx_host_org_vector_type          Plasmid 
_entity_src_gen.pdbx_host_org_vector               ? 
_entity_src_gen.host_org_details                   ? 
_entity_src_gen.expression_system_id               ? 
_entity_src_gen.plasmid_name                       pET15b 
_entity_src_gen.plasmid_details                    ? 
_entity_src_gen.pdbx_description                   ? 
# 
loop_
_chem_comp.id 
_chem_comp.type 
_chem_comp.mon_nstd_flag 
_chem_comp.name 
_chem_comp.pdbx_synonyms 
_chem_comp.formula 
_chem_comp.formula_weight 
ALA 'L-peptide linking' y ALANINE                                               ?     'C3 H7 N O2'     89.093  
ARG 'L-peptide linking' y ARGININE                                              ?     'C6 H15 N4 O2 1' 175.209 
ASN 'L-peptide linking' y ASPARAGINE                                            ?     'C4 H8 N2 O3'    132.118 
ASP 'L-peptide linking' y 'ASPARTIC ACID'                                       ?     'C4 H7 N O4'     133.103 
EPE non-polymer         . '4-(2-HYDROXYETHYL)-1-PIPERAZINE ETHANESULFONIC ACID' HEPES 'C8 H18 N2 O4 S' 238.305 
GLN 'L-peptide linking' y GLUTAMINE                                             ?     'C5 H10 N2 O3'   146.144 
GLU 'L-peptide linking' y 'GLUTAMIC ACID'                                       ?     'C5 H9 N O4'     147.129 
GLY 'peptide linking'   y GLYCINE                                               ?     'C2 H5 N O2'     75.067  
HIS 'L-peptide linking' y HISTIDINE                                             ?     'C6 H10 N3 O2 1' 156.162 
HOH non-polymer         . WATER                                                 ?     'H2 O'           18.015  
ILE 'L-peptide linking' y ISOLEUCINE                                            ?     'C6 H13 N O2'    131.173 
LEU 'L-peptide linking' y LEUCINE                                               ?     'C6 H13 N O2'    131.173 
LYS 'L-peptide linking' y LYSINE                                                ?     'C6 H15 N2 O2 1' 147.195 
MSE 'L-peptide linking' n SELENOMETHIONINE                                      ?     'C5 H11 N O2 Se' 196.106 
PHE 'L-peptide linking' y PHENYLALANINE                                         ?     'C9 H11 N O2'    165.189 
PRO 'L-peptide linking' y PROLINE                                               ?     'C5 H9 N O2'     115.130 
SER 'L-peptide linking' y SERINE                                                ?     'C3 H7 N O3'     105.093 
THR 'L-peptide linking' y THREONINE                                             ?     'C4 H9 N O3'     119.119 
TRP 'L-peptide linking' y TRYPTOPHAN                                            ?     'C11 H12 N2 O2'  204.225 
TYR 'L-peptide linking' y TYROSINE                                              ?     'C9 H11 N O3'    181.189 
VAL 'L-peptide linking' y VALINE                                                ?     'C5 H11 N O2'    117.146 
# 
loop_
_pdbx_poly_seq_scheme.asym_id 
_pdbx_poly_seq_scheme.entity_id 
_pdbx_poly_seq_scheme.seq_id 
_pdbx_poly_seq_scheme.mon_id 
_pdbx_poly_seq_scheme.ndb_seq_num 
_pdbx_poly_seq_scheme.pdb_seq_num 
_pdbx_poly_seq_scheme.auth_seq_num 
_pdbx_poly_seq_scheme.pdb_mon_id 
_pdbx_poly_seq_scheme.auth_mon_id 
_pdbx_poly_seq_scheme.pdb_strand_id 
_pdbx_poly_seq_scheme.pdb_ins_code 
_pdbx_poly_seq_scheme.hetero 
A 1 1   ASN 1   -5  -5  ASN ASN A . n 
A 1 2   LEU 2   -4  -4  LEU LEU A . n 
A 1 3   TYR 3   -3  -3  TYR TYR A . n 
A 1 4   PHE 4   -2  -2  PHE PHE A . n 
A 1 5   GLN 5   -1  -1  GLN GLN A . n 
A 1 6   GLY 6   0   0   GLY GLY A . n 
A 1 7   MSE 7   1   1   MSE MSE A . n 
A 1 8   ARG 8   2   2   ARG ARG A . n 
A 1 9   PHE 9   3   3   PHE PHE A . n 
A 1 10  VAL 10  4   4   VAL VAL A . n 
A 1 11  ASN 11  5   5   ASN ASN A . n 
A 1 12  PRO 12  6   6   PRO PRO A . n 
A 1 13  ILE 13  7   7   ILE ILE A . n 
A 1 14  PRO 14  8   8   PRO PRO A . n 
A 1 15  PHE 15  9   9   PHE PHE A . n 
A 1 16  VAL 16  10  10  VAL VAL A . n 
A 1 17  ARG 17  11  11  ARG ARG A . n 
A 1 18  ASP 18  12  12  ASP ASP A . n 
A 1 19  ILE 19  13  13  ILE ILE A . n 
A 1 20  ASN 20  14  14  ASN ASN A . n 
A 1 21  ARG 21  15  15  ARG ARG A . n 
A 1 22  SER 22  16  16  SER SER A . n 
A 1 23  LYS 23  17  17  LYS LYS A . n 
A 1 24  SER 24  18  18  SER SER A . n 
A 1 25  PHE 25  19  19  PHE PHE A . n 
A 1 26  TYR 26  20  20  TYR TYR A . n 
A 1 27  ARG 27  21  21  ARG ARG A . n 
A 1 28  ASP 28  22  22  ASP ASP A . n 
A 1 29  ARG 29  23  23  ARG ARG A . n 
A 1 30  LEU 30  24  24  LEU LEU A . n 
A 1 31  GLY 31  25  25  GLY GLY A . n 
A 1 32  LEU 32  26  26  LEU LEU A . n 
A 1 33  LYS 33  27  27  LYS LYS A . n 
A 1 34  ILE 34  28  28  ILE ILE A . n 
A 1 35  LEU 35  29  29  LEU LEU A . n 
A 1 36  GLU 36  30  30  GLU GLU A . n 
A 1 37  ASP 37  31  31  ASP ASP A . n 
A 1 38  PHE 38  32  32  PHE PHE A . n 
A 1 39  GLY 39  33  33  GLY GLY A . n 
A 1 40  SER 40  34  34  SER SER A . n 
A 1 41  PHE 41  35  35  PHE PHE A . n 
A 1 42  VAL 42  36  36  VAL VAL A . n 
A 1 43  LEU 43  37  37  LEU LEU A . n 
A 1 44  PHE 44  38  38  PHE PHE A . n 
A 1 45  GLU 45  39  39  GLU GLU A . n 
A 1 46  THR 46  40  40  THR THR A . n 
A 1 47  GLY 47  41  41  GLY GLY A . n 
A 1 48  PHE 48  42  42  PHE PHE A . n 
A 1 49  ALA 49  43  43  ALA ALA A . n 
A 1 50  ILE 50  44  44  ILE ILE A . n 
A 1 51  HIS 51  45  45  HIS HIS A . n 
A 1 52  GLU 52  46  46  GLU GLU A . n 
A 1 53  GLY 53  47  47  GLY GLY A . n 
A 1 54  ARG 54  48  48  ARG ARG A . n 
A 1 55  SER 55  49  49  SER SER A . n 
A 1 56  LEU 56  50  50  LEU LEU A . n 
A 1 57  GLU 57  51  51  GLU GLU A . n 
A 1 58  GLU 58  52  52  GLU GLU A . n 
A 1 59  THR 59  53  53  THR THR A . n 
A 1 60  ILE 60  54  54  ILE ILE A . n 
A 1 61  TRP 61  55  55  TRP TRP A . n 
A 1 62  ARG 62  56  56  ARG ARG A . n 
A 1 63  THR 63  57  57  THR THR A . n 
A 1 64  SER 64  58  58  SER SER A . n 
A 1 65  SER 65  59  59  SER SER A . n 
A 1 66  ASP 66  60  ?   ?   ?   A . n 
A 1 67  ALA 67  61  ?   ?   ?   A . n 
A 1 68  GLN 68  62  62  GLN GLN A . n 
A 1 69  GLU 69  63  63  GLU GLU A . n 
A 1 70  ALA 70  64  64  ALA ALA A . n 
A 1 71  TYR 71  65  65  TYR TYR A . n 
A 1 72  GLY 72  66  66  GLY GLY A . n 
A 1 73  ARG 73  67  67  ARG ARG A . n 
A 1 74  ARG 74  68  68  ARG ARG A . n 
A 1 75  ASN 75  69  69  ASN ASN A . n 
A 1 76  MSE 76  70  70  MSE MSE A . n 
A 1 77  LEU 77  71  71  LEU LEU A . n 
A 1 78  LEU 78  72  72  LEU LEU A . n 
A 1 79  TYR 79  73  73  TYR TYR A . n 
A 1 80  PHE 80  74  74  PHE PHE A . n 
A 1 81  GLU 81  75  75  GLU GLU A . n 
A 1 82  HIS 82  76  76  HIS HIS A . n 
A 1 83  ALA 83  77  77  ALA ALA A . n 
A 1 84  ASP 84  78  78  ASP ASP A . n 
A 1 85  VAL 85  79  79  VAL VAL A . n 
A 1 86  ASP 86  80  80  ASP ASP A . n 
A 1 87  ALA 87  81  81  ALA ALA A . n 
A 1 88  ALA 88  82  82  ALA ALA A . n 
A 1 89  PHE 89  83  83  PHE PHE A . n 
A 1 90  GLN 90  84  84  GLN GLN A . n 
A 1 91  ASP 91  85  85  ASP ASP A . n 
A 1 92  ILE 92  86  86  ILE ILE A . n 
A 1 93  ALA 93  87  87  ALA ALA A . n 
A 1 94  PRO 94  88  88  PRO PRO A . n 
A 1 95  HIS 95  89  89  HIS HIS A . n 
A 1 96  VAL 96  90  90  VAL VAL A . n 
A 1 97  GLU 97  91  91  GLU GLU A . n 
A 1 98  LEU 98  92  92  LEU LEU A . n 
A 1 99  ILE 99  93  93  ILE ILE A . n 
A 1 100 HIS 100 94  94  HIS HIS A . n 
A 1 101 PRO 101 95  95  PRO PRO A . n 
A 1 102 LEU 102 96  96  LEU LEU A . n 
A 1 103 GLU 103 97  97  GLU GLU A . n 
A 1 104 ARG 104 98  98  ARG ARG A . n 
A 1 105 GLN 105 99  99  GLN GLN A . n 
A 1 106 ALA 106 100 100 ALA ALA A . n 
A 1 107 TRP 107 101 101 TRP TRP A . n 
A 1 108 GLY 108 102 102 GLY GLY A . n 
A 1 109 GLN 109 103 103 GLN GLN A . n 
A 1 110 ARG 110 104 104 ARG ARG A . n 
A 1 111 VAL 111 105 105 VAL VAL A . n 
A 1 112 PHE 112 106 106 PHE PHE A . n 
A 1 113 ARG 113 107 107 ARG ARG A . n 
A 1 114 PHE 114 108 108 PHE PHE A . n 
A 1 115 TYR 115 109 109 TYR TYR A . n 
A 1 116 ASP 116 110 110 ASP ASP A . n 
A 1 117 PRO 117 111 111 PRO PRO A . n 
A 1 118 ASP 118 112 112 ASP ASP A . n 
A 1 119 GLY 119 113 113 GLY GLY A . n 
A 1 120 HIS 120 114 114 HIS HIS A . n 
A 1 121 ALA 121 115 115 ALA ALA A . n 
A 1 122 ILE 122 116 116 ILE ILE A . n 
A 1 123 GLU 123 117 117 GLU GLU A . n 
A 1 124 VAL 124 118 118 VAL VAL A . n 
A 1 125 GLY 125 119 119 GLY GLY A . n 
A 1 126 GLU 126 120 120 GLU GLU A . n 
A 1 127 SER 127 121 121 SER SER A . n 
A 1 128 LEU 128 122 122 LEU LEU A . n 
A 1 129 SER 129 123 ?   ?   ?   A . n 
A 1 130 GLN 130 124 ?   ?   ?   A . n 
A 1 131 SER 131 125 ?   ?   ?   A . n 
A 1 132 GLY 132 126 ?   ?   ?   A . n 
A 1 133 GLU 133 127 ?   ?   ?   A . n 
A 1 134 ASN 134 128 ?   ?   ?   A . n 
A 1 135 LEU 135 129 ?   ?   ?   A . n 
A 1 136 TYR 136 130 ?   ?   ?   A . n 
A 1 137 PHE 137 131 ?   ?   ?   A . n 
A 1 138 GLN 138 132 ?   ?   ?   A . n 
A 1 139 GLY 139 133 ?   ?   ?   A . n 
A 1 140 GLY 140 134 ?   ?   ?   A . n 
A 1 141 SER 141 135 ?   ?   ?   A . n 
# 
loop_
_pdbx_nonpoly_scheme.asym_id 
_pdbx_nonpoly_scheme.entity_id 
_pdbx_nonpoly_scheme.mon_id 
_pdbx_nonpoly_scheme.ndb_seq_num 
_pdbx_nonpoly_scheme.pdb_seq_num 
_pdbx_nonpoly_scheme.auth_seq_num 
_pdbx_nonpoly_scheme.pdb_mon_id 
_pdbx_nonpoly_scheme.auth_mon_id 
_pdbx_nonpoly_scheme.pdb_strand_id 
_pdbx_nonpoly_scheme.pdb_ins_code 
B 2 EPE 1   136 136 EPE EPE A . 
C 3 HOH 1   137 137 HOH HOH A . 
C 3 HOH 2   138 138 HOH HOH A . 
C 3 HOH 3   139 139 HOH HOH A . 
C 3 HOH 4   140 140 HOH HOH A . 
C 3 HOH 5   141 141 HOH HOH A . 
C 3 HOH 6   142 142 HOH HOH A . 
C 3 HOH 7   143 143 HOH HOH A . 
C 3 HOH 8   144 144 HOH HOH A . 
C 3 HOH 9   145 145 HOH HOH A . 
C 3 HOH 10  146 146 HOH HOH A . 
C 3 HOH 11  147 147 HOH HOH A . 
C 3 HOH 12  148 148 HOH HOH A . 
C 3 HOH 13  149 149 HOH HOH A . 
C 3 HOH 14  150 150 HOH HOH A . 
C 3 HOH 15  151 151 HOH HOH A . 
C 3 HOH 16  152 152 HOH HOH A . 
C 3 HOH 17  153 153 HOH HOH A . 
C 3 HOH 18  154 154 HOH HOH A . 
C 3 HOH 19  155 155 HOH HOH A . 
C 3 HOH 20  156 156 HOH HOH A . 
C 3 HOH 21  157 157 HOH HOH A . 
C 3 HOH 22  158 158 HOH HOH A . 
C 3 HOH 23  159 159 HOH HOH A . 
C 3 HOH 24  160 160 HOH HOH A . 
C 3 HOH 25  161 161 HOH HOH A . 
C 3 HOH 26  162 162 HOH HOH A . 
C 3 HOH 27  163 163 HOH HOH A . 
C 3 HOH 28  164 164 HOH HOH A . 
C 3 HOH 29  165 165 HOH HOH A . 
C 3 HOH 30  166 166 HOH HOH A . 
C 3 HOH 31  167 167 HOH HOH A . 
C 3 HOH 32  168 168 HOH HOH A . 
C 3 HOH 33  169 169 HOH HOH A . 
C 3 HOH 34  170 170 HOH HOH A . 
C 3 HOH 35  171 171 HOH HOH A . 
C 3 HOH 36  172 172 HOH HOH A . 
C 3 HOH 37  173 173 HOH HOH A . 
C 3 HOH 38  174 174 HOH HOH A . 
C 3 HOH 39  175 175 HOH HOH A . 
C 3 HOH 40  176 176 HOH HOH A . 
C 3 HOH 41  177 177 HOH HOH A . 
C 3 HOH 42  178 178 HOH HOH A . 
C 3 HOH 43  179 179 HOH HOH A . 
C 3 HOH 44  180 180 HOH HOH A . 
C 3 HOH 45  181 181 HOH HOH A . 
C 3 HOH 46  182 182 HOH HOH A . 
C 3 HOH 47  183 183 HOH HOH A . 
C 3 HOH 48  184 184 HOH HOH A . 
C 3 HOH 49  185 185 HOH HOH A . 
C 3 HOH 50  186 186 HOH HOH A . 
C 3 HOH 51  187 187 HOH HOH A . 
C 3 HOH 52  188 188 HOH HOH A . 
C 3 HOH 53  189 189 HOH HOH A . 
C 3 HOH 54  190 190 HOH HOH A . 
C 3 HOH 55  191 191 HOH HOH A . 
C 3 HOH 56  192 192 HOH HOH A . 
C 3 HOH 57  193 193 HOH HOH A . 
C 3 HOH 58  194 194 HOH HOH A . 
C 3 HOH 59  195 195 HOH HOH A . 
C 3 HOH 60  196 196 HOH HOH A . 
C 3 HOH 61  197 197 HOH HOH A . 
C 3 HOH 62  198 198 HOH HOH A . 
C 3 HOH 63  199 199 HOH HOH A . 
C 3 HOH 64  200 200 HOH HOH A . 
C 3 HOH 65  201 201 HOH HOH A . 
C 3 HOH 66  202 202 HOH HOH A . 
C 3 HOH 67  203 203 HOH HOH A . 
C 3 HOH 68  204 204 HOH HOH A . 
C 3 HOH 69  205 205 HOH HOH A . 
C 3 HOH 70  206 206 HOH HOH A . 
C 3 HOH 71  207 207 HOH HOH A . 
C 3 HOH 72  208 208 HOH HOH A . 
C 3 HOH 73  209 209 HOH HOH A . 
C 3 HOH 74  210 210 HOH HOH A . 
C 3 HOH 75  211 211 HOH HOH A . 
C 3 HOH 76  212 212 HOH HOH A . 
C 3 HOH 77  213 213 HOH HOH A . 
C 3 HOH 78  214 214 HOH HOH A . 
C 3 HOH 79  215 215 HOH HOH A . 
C 3 HOH 80  216 216 HOH HOH A . 
C 3 HOH 81  217 217 HOH HOH A . 
C 3 HOH 82  218 218 HOH HOH A . 
C 3 HOH 83  219 219 HOH HOH A . 
C 3 HOH 84  220 220 HOH HOH A . 
C 3 HOH 85  221 221 HOH HOH A . 
C 3 HOH 86  222 222 HOH HOH A . 
C 3 HOH 87  223 223 HOH HOH A . 
C 3 HOH 88  224 224 HOH HOH A . 
C 3 HOH 89  225 225 HOH HOH A . 
C 3 HOH 90  226 226 HOH HOH A . 
C 3 HOH 91  227 227 HOH HOH A . 
C 3 HOH 92  228 228 HOH HOH A . 
C 3 HOH 93  229 229 HOH HOH A . 
C 3 HOH 94  230 230 HOH HOH A . 
C 3 HOH 95  231 231 HOH HOH A . 
C 3 HOH 96  232 232 HOH HOH A . 
C 3 HOH 97  233 233 HOH HOH A . 
C 3 HOH 98  234 234 HOH HOH A . 
C 3 HOH 99  235 235 HOH HOH A . 
C 3 HOH 100 236 236 HOH HOH A . 
C 3 HOH 101 237 237 HOH HOH A . 
C 3 HOH 102 238 238 HOH HOH A . 
C 3 HOH 103 239 239 HOH HOH A . 
C 3 HOH 104 240 240 HOH HOH A . 
C 3 HOH 105 241 241 HOH HOH A . 
C 3 HOH 106 242 242 HOH HOH A . 
C 3 HOH 107 243 243 HOH HOH A . 
C 3 HOH 108 244 244 HOH HOH A . 
C 3 HOH 109 245 245 HOH HOH A . 
C 3 HOH 110 246 246 HOH HOH A . 
C 3 HOH 111 247 247 HOH HOH A . 
C 3 HOH 112 248 248 HOH HOH A . 
C 3 HOH 113 249 249 HOH HOH A . 
C 3 HOH 114 250 250 HOH HOH A . 
C 3 HOH 115 251 251 HOH HOH A . 
C 3 HOH 116 252 252 HOH HOH A . 
C 3 HOH 117 253 253 HOH HOH A . 
C 3 HOH 118 254 254 HOH HOH A . 
C 3 HOH 119 255 255 HOH HOH A . 
C 3 HOH 120 256 256 HOH HOH A . 
C 3 HOH 121 257 257 HOH HOH A . 
C 3 HOH 122 258 258 HOH HOH A . 
C 3 HOH 123 259 259 HOH HOH A . 
C 3 HOH 124 260 260 HOH HOH A . 
C 3 HOH 125 261 261 HOH HOH A . 
C 3 HOH 126 262 262 HOH HOH A . 
C 3 HOH 127 263 263 HOH HOH A . 
C 3 HOH 128 264 264 HOH HOH A . 
C 3 HOH 129 265 265 HOH HOH A . 
C 3 HOH 130 266 266 HOH HOH A . 
C 3 HOH 131 267 267 HOH HOH A . 
C 3 HOH 132 268 268 HOH HOH A . 
C 3 HOH 133 269 269 HOH HOH A . 
C 3 HOH 134 270 270 HOH HOH A . 
C 3 HOH 135 271 271 HOH HOH A . 
C 3 HOH 136 272 272 HOH HOH A . 
C 3 HOH 137 273 273 HOH HOH A . 
C 3 HOH 138 274 274 HOH HOH A . 
C 3 HOH 139 275 275 HOH HOH A . 
C 3 HOH 140 276 276 HOH HOH A . 
C 3 HOH 141 277 277 HOH HOH A . 
C 3 HOH 142 278 278 HOH HOH A . 
C 3 HOH 143 279 279 HOH HOH A . 
C 3 HOH 144 280 280 HOH HOH A . 
C 3 HOH 145 281 281 HOH HOH A . 
C 3 HOH 146 282 282 HOH HOH A . 
C 3 HOH 147 283 283 HOH HOH A . 
C 3 HOH 148 284 284 HOH HOH A . 
C 3 HOH 149 285 285 HOH HOH A . 
C 3 HOH 150 286 286 HOH HOH A . 
C 3 HOH 151 287 287 HOH HOH A . 
C 3 HOH 152 288 288 HOH HOH A . 
C 3 HOH 153 289 289 HOH HOH A . 
C 3 HOH 154 290 290 HOH HOH A . 
# 
loop_
_software.name 
_software.classification 
_software.version 
_software.citation_id 
_software.pdbx_ordinal 
REFMAC   refinement        5.2.0019 ? 1 
HKL-3000 'data collection' .        ? 2 
HKL-3000 'data reduction'  .        ? 3 
HKL-3000 'data scaling'    .        ? 4 
HKL-3000 phasing           .        ? 5 
# 
_cell.entry_id           2QNT 
_cell.length_a           50.329 
_cell.length_b           50.329 
_cell.length_c           105.076 
_cell.angle_alpha        90.00 
_cell.angle_beta         90.00 
_cell.angle_gamma        90.00 
_cell.Z_PDB              8 
_cell.pdbx_unique_axis   ? 
_cell.length_a_esd       ? 
_cell.length_b_esd       ? 
_cell.length_c_esd       ? 
_cell.angle_alpha_esd    ? 
_cell.angle_beta_esd     ? 
_cell.angle_gamma_esd    ? 
# 
_symmetry.entry_id                         2QNT 
_symmetry.space_group_name_H-M             'P 41 21 2' 
_symmetry.pdbx_full_space_group_name_H-M   ? 
_symmetry.cell_setting                     ? 
_symmetry.Int_Tables_number                92 
_symmetry.space_group_name_Hall            ? 
# 
_exptl.entry_id          2QNT 
_exptl.method            'X-RAY DIFFRACTION' 
_exptl.crystals_number   1 
# 
_exptl_crystal.id                    1 
_exptl_crystal.density_meas          ? 
_exptl_crystal.density_Matthews      2.02 
_exptl_crystal.density_percent_sol   39.12 
_exptl_crystal.description           ? 
_exptl_crystal.F_000                 ? 
_exptl_crystal.preparation           ? 
# 
_exptl_crystal_grow.crystal_id      1 
_exptl_crystal_grow.method          'VAPOR DIFFUSION, SITTING DROP' 
_exptl_crystal_grow.temp            291 
_exptl_crystal_grow.temp_details    ? 
_exptl_crystal_grow.pH              7.5 
_exptl_crystal_grow.pdbx_details    
'0.2 M Li2SO4, 0.1 M Hepes, 25% PEG 3350, pH 7.5, VAPOR DIFFUSION, SITTING DROP, temperature 291K' 
_exptl_crystal_grow.pdbx_pH_range   . 
# 
_diffrn.id                     1 
_diffrn.ambient_temp           100 
_diffrn.ambient_temp_details   ? 
_diffrn.crystal_id             1 
# 
_diffrn_detector.diffrn_id              1 
_diffrn_detector.detector               CCD 
_diffrn_detector.type                   'ADSC QUANTUM 315' 
_diffrn_detector.pdbx_collection_date   2006-04-20 
_diffrn_detector.details                mirrors 
# 
_diffrn_radiation.diffrn_id                        1 
_diffrn_radiation.wavelength_id                    1 
_diffrn_radiation.pdbx_monochromatic_or_laue_m_l   M 
_diffrn_radiation.monochromator                    'Double crystal' 
_diffrn_radiation.pdbx_diffrn_protocol             'SINGLE WAVELENGTH' 
_diffrn_radiation.pdbx_scattering_type             x-ray 
# 
_diffrn_radiation_wavelength.id           1 
_diffrn_radiation_wavelength.wavelength   0.97940 
_diffrn_radiation_wavelength.wt           1.0 
# 
_diffrn_source.diffrn_id                   1 
_diffrn_source.source                      SYNCHROTRON 
_diffrn_source.type                        'APS BEAMLINE 19-ID' 
_diffrn_source.pdbx_synchrotron_site       APS 
_diffrn_source.pdbx_synchrotron_beamline   19-ID 
_diffrn_source.pdbx_wavelength             ? 
_diffrn_source.pdbx_wavelength_list        0.97940 
# 
_reflns.entry_id                     2QNT 
_reflns.observed_criterion_sigma_F   0 
_reflns.observed_criterion_sigma_I   0 
_reflns.d_resolution_high            1.40 
_reflns.d_resolution_low             40.0 
_reflns.number_all                   27485 
_reflns.number_obs                   27485 
_reflns.percent_possible_obs         100 
_reflns.pdbx_Rmerge_I_obs            0.077 
_reflns.pdbx_Rsym_value              ? 
_reflns.pdbx_netI_over_sigmaI        17.7 
_reflns.B_iso_Wilson_estimate        26.5 
_reflns.pdbx_redundancy              7.2 
_reflns.R_free_details               ? 
_reflns.limit_h_max                  ? 
_reflns.limit_h_min                  ? 
_reflns.limit_k_max                  ? 
_reflns.limit_k_min                  ? 
_reflns.limit_l_max                  ? 
_reflns.limit_l_min                  ? 
_reflns.observed_criterion_F_max     ? 
_reflns.observed_criterion_F_min     ? 
_reflns.pdbx_chi_squared             ? 
_reflns.pdbx_scaling_rejects         ? 
_reflns.pdbx_ordinal                 1 
_reflns.pdbx_diffrn_id               1 
# 
_reflns_shell.d_res_high             1.40 
_reflns_shell.d_res_low              1.42 
_reflns_shell.percent_possible_all   100 
_reflns_shell.Rmerge_I_obs           0.27 
_reflns_shell.pdbx_Rsym_value        ? 
_reflns_shell.meanI_over_sigI_obs    5.5 
_reflns_shell.pdbx_redundancy        6.2 
_reflns_shell.percent_possible_obs   ? 
_reflns_shell.number_unique_all      1335 
_reflns_shell.number_measured_all    ? 
_reflns_shell.number_measured_obs    ? 
_reflns_shell.number_unique_obs      ? 
_reflns_shell.pdbx_chi_squared       ? 
_reflns_shell.pdbx_ordinal           1 
_reflns_shell.pdbx_diffrn_id         1 
# 
_refine.entry_id                                 2QNT 
_refine.ls_number_reflns_obs                     26018 
_refine.ls_number_reflns_all                     27393 
_refine.pdbx_ls_sigma_I                          ? 
_refine.pdbx_ls_sigma_F                          ? 
_refine.pdbx_data_cutoff_high_absF               ? 
_refine.pdbx_data_cutoff_low_absF                ? 
_refine.pdbx_data_cutoff_high_rms_absF           ? 
_refine.ls_d_res_low                             40.00 
_refine.ls_d_res_high                            1.40 
_refine.ls_percent_reflns_obs                    99.93 
_refine.ls_R_factor_obs                          0.17025 
_refine.ls_R_factor_all                          0.17140 
_refine.ls_R_factor_R_work                       0.16873 
_refine.ls_R_factor_R_free                       0.19907 
_refine.ls_R_factor_R_free_error                 ? 
_refine.ls_R_factor_R_free_error_details         ? 
_refine.ls_percent_reflns_R_free                 5.0 
_refine.ls_number_reflns_R_free                  1375 
_refine.ls_number_parameters                     ? 
_refine.ls_number_restraints                     ? 
_refine.occupancy_min                            ? 
_refine.occupancy_max                            ? 
_refine.correlation_coeff_Fo_to_Fc               0.971 
_refine.correlation_coeff_Fo_to_Fc_free          0.952 
_refine.B_iso_mean                               11.267 
_refine.aniso_B[1][1]                            0.28 
_refine.aniso_B[2][2]                            0.28 
_refine.aniso_B[3][3]                            -0.56 
_refine.aniso_B[1][2]                            0.00 
_refine.aniso_B[1][3]                            0.00 
_refine.aniso_B[2][3]                            0.00 
_refine.solvent_model_details                    MASK 
_refine.solvent_model_param_ksol                 ? 
_refine.solvent_model_param_bsol                 ? 
_refine.pdbx_solvent_vdw_probe_radii             1.20 
_refine.pdbx_solvent_ion_probe_radii             0.80 
_refine.pdbx_solvent_shrinkage_radii             0.80 
_refine.pdbx_ls_cross_valid_method               THROUGHOUT 
_refine.details                                  'HYDROGENS HAVE BEEN ADDED IN THE RIDING POSITIONS' 
_refine.pdbx_starting_model                      ? 
_refine.pdbx_method_to_determine_struct          SAD 
_refine.pdbx_isotropic_thermal_model             ? 
_refine.pdbx_stereochemistry_target_values       'MAXIMUM LIKELIHOOD' 
_refine.pdbx_stereochem_target_val_spec_case     ? 
_refine.pdbx_R_Free_selection_details            RANDOM 
_refine.pdbx_overall_ESU_R                       0.060 
_refine.pdbx_overall_ESU_R_Free                  0.063 
_refine.overall_SU_ML                            0.035 
_refine.overall_SU_B                             1.752 
_refine.ls_redundancy_reflns_obs                 ? 
_refine.B_iso_min                                ? 
_refine.B_iso_max                                ? 
_refine.overall_SU_R_Cruickshank_DPI             ? 
_refine.overall_SU_R_free                        ? 
_refine.ls_wR_factor_R_free                      ? 
_refine.ls_wR_factor_R_work                      ? 
_refine.overall_FOM_free_R_set                   ? 
_refine.overall_FOM_work_R_set                   ? 
_refine.pdbx_refine_id                           'X-RAY DIFFRACTION' 
_refine.pdbx_TLS_residual_ADP_flag               'LIKELY RESIDUAL' 
_refine.pdbx_diffrn_id                           1 
_refine.pdbx_overall_phase_error                 ? 
_refine.pdbx_overall_SU_R_free_Cruickshank_DPI   ? 
_refine.pdbx_overall_SU_R_Blow_DPI               ? 
_refine.pdbx_overall_SU_R_free_Blow_DPI          ? 
# 
_refine_hist.pdbx_refine_id                   'X-RAY DIFFRACTION' 
_refine_hist.cycle_id                         LAST 
_refine_hist.pdbx_number_atoms_protein        1051 
_refine_hist.pdbx_number_atoms_nucleic_acid   0 
_refine_hist.pdbx_number_atoms_ligand         15 
_refine_hist.number_atoms_solvent             154 
_refine_hist.number_atoms_total               1220 
_refine_hist.d_res_high                       1.40 
_refine_hist.d_res_low                        40.00 
# 
loop_
_refine_ls_restr.type 
_refine_ls_restr.dev_ideal 
_refine_ls_restr.dev_ideal_target 
_refine_ls_restr.weight 
_refine_ls_restr.number 
_refine_ls_restr.pdbx_refine_id 
_refine_ls_restr.pdbx_restraint_function 
r_bond_refined_d             0.016  0.021  ? 1189 'X-RAY DIFFRACTION' ? 
r_bond_other_d               0.002  0.020  ? 859  'X-RAY DIFFRACTION' ? 
r_angle_refined_deg          1.639  1.942  ? 1619 'X-RAY DIFFRACTION' ? 
r_angle_other_deg            1.042  3.000  ? 2053 'X-RAY DIFFRACTION' ? 
r_dihedral_angle_1_deg       6.994  5.000  ? 147  'X-RAY DIFFRACTION' ? 
r_dihedral_angle_2_deg       32.246 22.113 ? 71   'X-RAY DIFFRACTION' ? 
r_dihedral_angle_3_deg       13.249 15.000 ? 197  'X-RAY DIFFRACTION' ? 
r_dihedral_angle_4_deg       21.853 15.000 ? 16   'X-RAY DIFFRACTION' ? 
r_chiral_restr               0.104  0.200  ? 159  'X-RAY DIFFRACTION' ? 
r_gen_planes_refined         0.008  0.020  ? 1366 'X-RAY DIFFRACTION' ? 
r_gen_planes_other           0.002  0.020  ? 300  'X-RAY DIFFRACTION' ? 
r_nbd_refined                0.214  0.200  ? 197  'X-RAY DIFFRACTION' ? 
r_nbd_other                  0.201  0.200  ? 881  'X-RAY DIFFRACTION' ? 
r_nbtor_refined              0.191  0.200  ? 574  'X-RAY DIFFRACTION' ? 
r_nbtor_other                0.084  0.200  ? 669  'X-RAY DIFFRACTION' ? 
r_xyhbond_nbd_refined        0.171  0.200  ? 101  'X-RAY DIFFRACTION' ? 
r_xyhbond_nbd_other          ?      ?      ? ?    'X-RAY DIFFRACTION' ? 
r_metal_ion_refined          ?      ?      ? ?    'X-RAY DIFFRACTION' ? 
r_metal_ion_other            ?      ?      ? ?    'X-RAY DIFFRACTION' ? 
r_symmetry_vdw_refined       0.138  0.200  ? 9    'X-RAY DIFFRACTION' ? 
r_symmetry_vdw_other         0.242  0.200  ? 65   'X-RAY DIFFRACTION' ? 
r_symmetry_hbond_refined     0.167  0.200  ? 26   'X-RAY DIFFRACTION' ? 
r_symmetry_hbond_other       ?      ?      ? ?    'X-RAY DIFFRACTION' ? 
r_symmetry_metal_ion_refined ?      ?      ? ?    'X-RAY DIFFRACTION' ? 
r_symmetry_metal_ion_other   ?      ?      ? ?    'X-RAY DIFFRACTION' ? 
r_mcbond_it                  1.182  1.500  ? 827  'X-RAY DIFFRACTION' ? 
r_mcbond_other               0.262  1.500  ? 272  'X-RAY DIFFRACTION' ? 
r_mcangle_it                 1.382  2.000  ? 1097 'X-RAY DIFFRACTION' ? 
r_scbond_it                  1.937  3.000  ? 580  'X-RAY DIFFRACTION' ? 
r_scangle_it                 2.426  4.500  ? 515  'X-RAY DIFFRACTION' ? 
r_rigid_bond_restr           ?      ?      ? ?    'X-RAY DIFFRACTION' ? 
r_sphericity_free            ?      ?      ? ?    'X-RAY DIFFRACTION' ? 
r_sphericity_bonded          ?      ?      ? ?    'X-RAY DIFFRACTION' ? 
# 
_refine_ls_shell.pdbx_total_number_of_bins_used   20 
_refine_ls_shell.d_res_high                       1.400 
_refine_ls_shell.d_res_low                        1.436 
_refine_ls_shell.number_reflns_R_work             1886 
_refine_ls_shell.R_factor_R_work                  0.225 
_refine_ls_shell.percent_reflns_obs               99.90 
_refine_ls_shell.R_factor_R_free                  0.278 
_refine_ls_shell.R_factor_R_free_error            ? 
_refine_ls_shell.percent_reflns_R_free            ? 
_refine_ls_shell.number_reflns_R_free             93 
_refine_ls_shell.number_reflns_all                ? 
_refine_ls_shell.R_factor_all                     ? 
_refine_ls_shell.number_reflns_obs                ? 
_refine_ls_shell.redundancy_reflns_obs            ? 
_refine_ls_shell.pdbx_refine_id                   'X-RAY DIFFRACTION' 
# 
_struct.entry_id                  2QNT 
_struct.title                     'Crystal structure of protein of unknown function from Agrobacterium tumefaciens str. C58' 
_struct.pdbx_model_details        ? 
_struct.pdbx_CASP_flag            ? 
_struct.pdbx_model_type_details   ? 
# 
_struct_keywords.entry_id        2QNT 
_struct_keywords.pdbx_keywords   'STRUCTURAL GENOMICS, UNKNOWN FUNCTION' 
_struct_keywords.text            
;Glyoxalase/bleomycin resistance protein/dioxygenase family related protein, PSI-2, MCSG, Structural Genomics, Protein Structure Initiative, Midwest Center for Structural Genomics, Uncharacterized protein, UNKNOWN FUNCTION
;
# 
loop_
_struct_asym.id 
_struct_asym.pdbx_blank_PDB_chainid_flag 
_struct_asym.pdbx_modified 
_struct_asym.entity_id 
_struct_asym.details 
A N N 1 ? 
B N N 2 ? 
C N N 3 ? 
# 
_struct_ref.id                         1 
_struct_ref.db_name                    UNP 
_struct_ref.db_code                    Q8UE88_AGRT5 
_struct_ref.pdbx_db_accession          Q8UE88 
_struct_ref.entity_id                  1 
_struct_ref.pdbx_seq_one_letter_code   
;MRFVNPIPFVRDINRSKSFYRDRLGLKILEDFGSFVLFETGFAIHEGRSLEETIWRTSSDAQEAYGRRNMLLYFEHADVD
AAFQDIAPHVELIHPLERQAWGQRVFRFYDPDGHAIEVGESLSQSGE
;
_struct_ref.pdbx_align_begin           1 
_struct_ref.pdbx_db_isoform            ? 
# 
_struct_ref_seq.align_id                      1 
_struct_ref_seq.ref_id                        1 
_struct_ref_seq.pdbx_PDB_id_code              2QNT 
_struct_ref_seq.pdbx_strand_id                A 
_struct_ref_seq.seq_align_beg                 7 
_struct_ref_seq.pdbx_seq_align_beg_ins_code   ? 
_struct_ref_seq.seq_align_end                 133 
_struct_ref_seq.pdbx_seq_align_end_ins_code   ? 
_struct_ref_seq.pdbx_db_accession             Q8UE88 
_struct_ref_seq.db_align_beg                  1 
_struct_ref_seq.pdbx_db_align_beg_ins_code    ? 
_struct_ref_seq.db_align_end                  127 
_struct_ref_seq.pdbx_db_align_end_ins_code    ? 
_struct_ref_seq.pdbx_auth_seq_align_beg       1 
_struct_ref_seq.pdbx_auth_seq_align_end       127 
# 
loop_
_struct_ref_seq_dif.align_id 
_struct_ref_seq_dif.pdbx_pdb_id_code 
_struct_ref_seq_dif.mon_id 
_struct_ref_seq_dif.pdbx_pdb_strand_id 
_struct_ref_seq_dif.seq_num 
_struct_ref_seq_dif.pdbx_pdb_ins_code 
_struct_ref_seq_dif.pdbx_seq_db_name 
_struct_ref_seq_dif.pdbx_seq_db_accession_code 
_struct_ref_seq_dif.db_mon_id 
_struct_ref_seq_dif.pdbx_seq_db_seq_num 
_struct_ref_seq_dif.details 
_struct_ref_seq_dif.pdbx_auth_seq_num 
_struct_ref_seq_dif.pdbx_ordinal 
1 2QNT ASN A 1   ? UNP Q8UE88 ? ? 'cloning artifact' -5  1  
1 2QNT LEU A 2   ? UNP Q8UE88 ? ? 'cloning artifact' -4  2  
1 2QNT TYR A 3   ? UNP Q8UE88 ? ? 'cloning artifact' -3  3  
1 2QNT PHE A 4   ? UNP Q8UE88 ? ? 'cloning artifact' -2  4  
1 2QNT GLN A 5   ? UNP Q8UE88 ? ? 'cloning artifact' -1  5  
1 2QNT GLY A 6   ? UNP Q8UE88 ? ? 'cloning artifact' 0   6  
1 2QNT ASN A 134 ? UNP Q8UE88 ? ? 'cloning artifact' 128 7  
1 2QNT LEU A 135 ? UNP Q8UE88 ? ? 'cloning artifact' 129 8  
1 2QNT TYR A 136 ? UNP Q8UE88 ? ? 'cloning artifact' 130 9  
1 2QNT PHE A 137 ? UNP Q8UE88 ? ? 'cloning artifact' 131 10 
1 2QNT GLN A 138 ? UNP Q8UE88 ? ? 'cloning artifact' 132 11 
1 2QNT GLY A 139 ? UNP Q8UE88 ? ? 'cloning artifact' 133 12 
1 2QNT GLY A 140 ? UNP Q8UE88 ? ? 'cloning artifact' 134 13 
1 2QNT SER A 141 ? UNP Q8UE88 ? ? 'cloning artifact' 135 14 
# 
_pdbx_struct_assembly.id                   1 
_pdbx_struct_assembly.details              software_defined_assembly 
_pdbx_struct_assembly.method_details       PISA 
_pdbx_struct_assembly.oligomeric_details   dimeric 
_pdbx_struct_assembly.oligomeric_count     2 
# 
_pdbx_struct_assembly_prop.biol_id   1 
_pdbx_struct_assembly_prop.type      'ABSA (A^2)' 
_pdbx_struct_assembly_prop.value     4280 
_pdbx_struct_assembly_prop.details   ? 
# 
_pdbx_struct_assembly_gen.assembly_id       1 
_pdbx_struct_assembly_gen.oper_expression   1,2 
_pdbx_struct_assembly_gen.asym_id_list      A,B,C 
# 
loop_
_pdbx_struct_oper_list.id 
_pdbx_struct_oper_list.type 
_pdbx_struct_oper_list.name 
_pdbx_struct_oper_list.symmetry_operation 
_pdbx_struct_oper_list.matrix[1][1] 
_pdbx_struct_oper_list.matrix[1][2] 
_pdbx_struct_oper_list.matrix[1][3] 
_pdbx_struct_oper_list.vector[1] 
_pdbx_struct_oper_list.matrix[2][1] 
_pdbx_struct_oper_list.matrix[2][2] 
_pdbx_struct_oper_list.matrix[2][3] 
_pdbx_struct_oper_list.vector[2] 
_pdbx_struct_oper_list.matrix[3][1] 
_pdbx_struct_oper_list.matrix[3][2] 
_pdbx_struct_oper_list.matrix[3][3] 
_pdbx_struct_oper_list.vector[3] 
1 'identity operation'         1_555 x,y,z    1.0000000000  0.0000000000 0.0000000000  0.0000000000 0.0000000000 1.0000000000  0.0000000000  0.0000000000 0.0000000000  0.0000000000  1.0000000000  0.0000000000  
2 'crystal symmetry operation' 7_556 y,x,-z+1 -0.0667974168 0.4732248704 -0.8784055596 5.9889231069 0.4732248704 -0.7600287633 -0.4454374265 9.2736397606 -0.8784055596 -0.4454374265 -0.1731738199 11.3585295302 
# 
_struct_biol.id   1 
# 
loop_
_struct_conf.conf_type_id 
_struct_conf.id 
_struct_conf.pdbx_PDB_helix_id 
_struct_conf.beg_label_comp_id 
_struct_conf.beg_label_asym_id 
_struct_conf.beg_label_seq_id 
_struct_conf.pdbx_beg_PDB_ins_code 
_struct_conf.end_label_comp_id 
_struct_conf.end_label_asym_id 
_struct_conf.end_label_seq_id 
_struct_conf.pdbx_end_PDB_ins_code 
_struct_conf.beg_auth_comp_id 
_struct_conf.beg_auth_asym_id 
_struct_conf.beg_auth_seq_id 
_struct_conf.end_auth_comp_id 
_struct_conf.end_auth_asym_id 
_struct_conf.end_auth_seq_id 
_struct_conf.pdbx_PDB_helix_class 
_struct_conf.details 
_struct_conf.pdbx_PDB_helix_length 
HELX_P HELX_P1 1 ASP A 18 ? ARG A 29 ? ASP A 12 ARG A 23 1 ? 12 
HELX_P HELX_P2 2 GLY A 53 ? ARG A 62 ? GLY A 47 ARG A 56 1 ? 10 
HELX_P HELX_P3 3 ASP A 84 ? ALA A 93 ? ASP A 78 ALA A 87 1 ? 10 
HELX_P HELX_P4 4 PRO A 94 ? VAL A 96 ? PRO A 88 VAL A 90 5 ? 3  
# 
_struct_conf_type.id          HELX_P 
_struct_conf_type.criteria    ? 
_struct_conf_type.reference   ? 
# 
loop_
_struct_conn.id 
_struct_conn.conn_type_id 
_struct_conn.pdbx_leaving_atom_flag 
_struct_conn.pdbx_PDB_id 
_struct_conn.ptnr1_label_asym_id 
_struct_conn.ptnr1_label_comp_id 
_struct_conn.ptnr1_label_seq_id 
_struct_conn.ptnr1_label_atom_id 
_struct_conn.pdbx_ptnr1_label_alt_id 
_struct_conn.pdbx_ptnr1_PDB_ins_code 
_struct_conn.pdbx_ptnr1_standard_comp_id 
_struct_conn.ptnr1_symmetry 
_struct_conn.ptnr2_label_asym_id 
_struct_conn.ptnr2_label_comp_id 
_struct_conn.ptnr2_label_seq_id 
_struct_conn.ptnr2_label_atom_id 
_struct_conn.pdbx_ptnr2_label_alt_id 
_struct_conn.pdbx_ptnr2_PDB_ins_code 
_struct_conn.ptnr1_auth_asym_id 
_struct_conn.ptnr1_auth_comp_id 
_struct_conn.ptnr1_auth_seq_id 
_struct_conn.ptnr2_auth_asym_id 
_struct_conn.ptnr2_auth_comp_id 
_struct_conn.ptnr2_auth_seq_id 
_struct_conn.ptnr2_symmetry 
_struct_conn.pdbx_ptnr3_label_atom_id 
_struct_conn.pdbx_ptnr3_label_seq_id 
_struct_conn.pdbx_ptnr3_label_comp_id 
_struct_conn.pdbx_ptnr3_label_asym_id 
_struct_conn.pdbx_ptnr3_label_alt_id 
_struct_conn.pdbx_ptnr3_PDB_ins_code 
_struct_conn.details 
_struct_conn.pdbx_dist_value 
_struct_conn.pdbx_value_order 
_struct_conn.pdbx_role 
covale1 covale both ? A GLY 6  C ? ? ? 1_555 A MSE 7  N ? ? A GLY 0  A MSE 1  1_555 ? ? ? ? ? ? ? 1.341 ? ? 
covale2 covale both ? A MSE 7  C ? ? ? 1_555 A ARG 8  N ? ? A MSE 1  A ARG 2  1_555 ? ? ? ? ? ? ? 1.330 ? ? 
covale3 covale both ? A ASN 75 C ? ? ? 1_555 A MSE 76 N ? ? A ASN 69 A MSE 70 1_555 ? ? ? ? ? ? ? 1.321 ? ? 
covale4 covale both ? A MSE 76 C ? ? ? 1_555 A LEU 77 N ? ? A MSE 70 A LEU 71 1_555 ? ? ? ? ? ? ? 1.316 ? ? 
# 
_struct_conn_type.id          covale 
_struct_conn_type.criteria    ? 
_struct_conn_type.reference   ? 
# 
loop_
_pdbx_modification_feature.ordinal 
_pdbx_modification_feature.label_comp_id 
_pdbx_modification_feature.label_asym_id 
_pdbx_modification_feature.label_seq_id 
_pdbx_modification_feature.label_alt_id 
_pdbx_modification_feature.modified_residue_label_comp_id 
_pdbx_modification_feature.modified_residue_label_asym_id 
_pdbx_modification_feature.modified_residue_label_seq_id 
_pdbx_modification_feature.modified_residue_label_alt_id 
_pdbx_modification_feature.auth_comp_id 
_pdbx_modification_feature.auth_asym_id 
_pdbx_modification_feature.auth_seq_id 
_pdbx_modification_feature.PDB_ins_code 
_pdbx_modification_feature.symmetry 
_pdbx_modification_feature.modified_residue_auth_comp_id 
_pdbx_modification_feature.modified_residue_auth_asym_id 
_pdbx_modification_feature.modified_residue_auth_seq_id 
_pdbx_modification_feature.modified_residue_PDB_ins_code 
_pdbx_modification_feature.modified_residue_symmetry 
_pdbx_modification_feature.comp_id_linking_atom 
_pdbx_modification_feature.modified_residue_id_linking_atom 
_pdbx_modification_feature.modified_residue_id 
_pdbx_modification_feature.ref_pcm_id 
_pdbx_modification_feature.ref_comp_id 
_pdbx_modification_feature.type 
_pdbx_modification_feature.category 
1 MSE A 7  ? . . . . MSE A 1  ? 1_555 . . . . . . . MET 1 MSE Selenomethionine 'Named protein modification' 
2 MSE A 76 ? . . . . MSE A 70 ? 1_555 . . . . . . . MET 1 MSE Selenomethionine 'Named protein modification' 
# 
loop_
_struct_sheet.id 
_struct_sheet.type 
_struct_sheet.number_strands 
_struct_sheet.details 
A ? 4 ? 
B ? 4 ? 
# 
loop_
_struct_sheet_order.sheet_id 
_struct_sheet_order.range_id_1 
_struct_sheet_order.range_id_2 
_struct_sheet_order.offset 
_struct_sheet_order.sense 
A 1 2 ? parallel      
A 2 3 ? anti-parallel 
A 3 4 ? anti-parallel 
B 1 2 ? parallel      
B 2 3 ? anti-parallel 
B 3 4 ? anti-parallel 
# 
loop_
_struct_sheet_range.sheet_id 
_struct_sheet_range.id 
_struct_sheet_range.beg_label_comp_id 
_struct_sheet_range.beg_label_asym_id 
_struct_sheet_range.beg_label_seq_id 
_struct_sheet_range.pdbx_beg_PDB_ins_code 
_struct_sheet_range.end_label_comp_id 
_struct_sheet_range.end_label_asym_id 
_struct_sheet_range.end_label_seq_id 
_struct_sheet_range.pdbx_end_PDB_ins_code 
_struct_sheet_range.beg_auth_comp_id 
_struct_sheet_range.beg_auth_asym_id 
_struct_sheet_range.beg_auth_seq_id 
_struct_sheet_range.end_auth_comp_id 
_struct_sheet_range.end_auth_asym_id 
_struct_sheet_range.end_auth_seq_id 
A 1 PHE A 15  ? VAL A 16  ? PHE A 9   VAL A 10  
A 2 ALA A 49  ? GLU A 52  ? ALA A 43  GLU A 46  
A 3 PHE A 41  ? PHE A 44  ? PHE A 35  PHE A 38  
A 4 ILE A 34  ? ASP A 37  ? ILE A 28  ASP A 31  
B 1 LEU A 77  ? HIS A 82  ? LEU A 71  HIS A 76  
B 2 ALA A 121 ? GLU A 126 ? ALA A 115 GLU A 120 
B 3 ARG A 110 ? TYR A 115 ? ARG A 104 TYR A 109 
B 4 LEU A 98  ? ARG A 104 ? LEU A 92  ARG A 98  
# 
loop_
_pdbx_struct_sheet_hbond.sheet_id 
_pdbx_struct_sheet_hbond.range_id_1 
_pdbx_struct_sheet_hbond.range_id_2 
_pdbx_struct_sheet_hbond.range_1_label_atom_id 
_pdbx_struct_sheet_hbond.range_1_label_comp_id 
_pdbx_struct_sheet_hbond.range_1_label_asym_id 
_pdbx_struct_sheet_hbond.range_1_label_seq_id 
_pdbx_struct_sheet_hbond.range_1_PDB_ins_code 
_pdbx_struct_sheet_hbond.range_1_auth_atom_id 
_pdbx_struct_sheet_hbond.range_1_auth_comp_id 
_pdbx_struct_sheet_hbond.range_1_auth_asym_id 
_pdbx_struct_sheet_hbond.range_1_auth_seq_id 
_pdbx_struct_sheet_hbond.range_2_label_atom_id 
_pdbx_struct_sheet_hbond.range_2_label_comp_id 
_pdbx_struct_sheet_hbond.range_2_label_asym_id 
_pdbx_struct_sheet_hbond.range_2_label_seq_id 
_pdbx_struct_sheet_hbond.range_2_PDB_ins_code 
_pdbx_struct_sheet_hbond.range_2_auth_atom_id 
_pdbx_struct_sheet_hbond.range_2_auth_comp_id 
_pdbx_struct_sheet_hbond.range_2_auth_asym_id 
_pdbx_struct_sheet_hbond.range_2_auth_seq_id 
A 1 2 N VAL A 16  ? N VAL A 10  O HIS A 51  ? O HIS A 45  
A 2 3 O ILE A 50  ? O ILE A 44  N VAL A 42  ? N VAL A 36  
A 3 4 O LEU A 43  ? O LEU A 37  N GLU A 36  ? N GLU A 30  
B 1 2 N PHE A 80  ? N PHE A 74  O GLU A 123 ? O GLU A 117 
B 2 3 O ILE A 122 ? O ILE A 116 N PHE A 114 ? N PHE A 108 
B 3 4 O ARG A 113 ? O ARG A 107 N ILE A 99  ? N ILE A 93  
# 
_struct_site.id                   AC1 
_struct_site.pdbx_evidence_code   Software 
_struct_site.pdbx_auth_asym_id    A 
_struct_site.pdbx_auth_comp_id    EPE 
_struct_site.pdbx_auth_seq_id     136 
_struct_site.pdbx_auth_ins_code   ? 
_struct_site.pdbx_num_residues    12 
_struct_site.details              'BINDING SITE FOR RESIDUE EPE A 136' 
# 
loop_
_struct_site_gen.id 
_struct_site_gen.site_id 
_struct_site_gen.pdbx_num_res 
_struct_site_gen.label_comp_id 
_struct_site_gen.label_asym_id 
_struct_site_gen.label_seq_id 
_struct_site_gen.pdbx_auth_ins_code 
_struct_site_gen.auth_comp_id 
_struct_site_gen.auth_asym_id 
_struct_site_gen.auth_seq_id 
_struct_site_gen.label_atom_id 
_struct_site_gen.label_alt_id 
_struct_site_gen.symmetry 
_struct_site_gen.details 
1  AC1 12 TYR A 3   ? TYR A -3  . ? 5_546 ? 
2  AC1 12 ILE A 13  ? ILE A 7   . ? 1_555 ? 
3  AC1 12 TRP A 107 ? TRP A 101 . ? 7_556 ? 
4  AC1 12 ARG A 113 ? ARG A 107 . ? 7_556 ? 
5  AC1 12 GLU A 123 ? GLU A 117 . ? 7_556 ? 
6  AC1 12 LEU A 128 ? LEU A 122 . ? 7_556 ? 
7  AC1 12 HOH C .   ? HOH A 145 . ? 7_556 ? 
8  AC1 12 HOH C .   ? HOH A 182 . ? 5_546 ? 
9  AC1 12 HOH C .   ? HOH A 224 . ? 7_556 ? 
10 AC1 12 HOH C .   ? HOH A 235 . ? 5_546 ? 
11 AC1 12 HOH C .   ? HOH A 265 . ? 1_555 ? 
12 AC1 12 HOH C .   ? HOH A 267 . ? 1_555 ? 
# 
_pdbx_entry_details.entry_id                   2QNT 
_pdbx_entry_details.compound_details           ? 
_pdbx_entry_details.source_details             ? 
_pdbx_entry_details.nonpolymer_details         ? 
_pdbx_entry_details.sequence_details           ? 
_pdbx_entry_details.has_ligand_of_interest     ? 
_pdbx_entry_details.has_protein_modification   Y 
# 
_pdbx_validate_close_contact.id               1 
_pdbx_validate_close_contact.PDB_model_num    1 
_pdbx_validate_close_contact.auth_atom_id_1   N 
_pdbx_validate_close_contact.auth_asym_id_1   A 
_pdbx_validate_close_contact.auth_comp_id_1   ASN 
_pdbx_validate_close_contact.auth_seq_id_1    -5 
_pdbx_validate_close_contact.PDB_ins_code_1   ? 
_pdbx_validate_close_contact.label_alt_id_1   ? 
_pdbx_validate_close_contact.auth_atom_id_2   O 
_pdbx_validate_close_contact.auth_asym_id_2   A 
_pdbx_validate_close_contact.auth_comp_id_2   HOH 
_pdbx_validate_close_contact.auth_seq_id_2    272 
_pdbx_validate_close_contact.PDB_ins_code_2   ? 
_pdbx_validate_close_contact.label_alt_id_2   ? 
_pdbx_validate_close_contact.dist             2.10 
# 
_pdbx_validate_torsion.id              1 
_pdbx_validate_torsion.PDB_model_num   1 
_pdbx_validate_torsion.auth_comp_id    VAL 
_pdbx_validate_torsion.auth_asym_id    A 
_pdbx_validate_torsion.auth_seq_id     4 
_pdbx_validate_torsion.PDB_ins_code    ? 
_pdbx_validate_torsion.label_alt_id    ? 
_pdbx_validate_torsion.phi             -105.85 
_pdbx_validate_torsion.psi             -60.94 
# 
_pdbx_SG_project.id                    1 
_pdbx_SG_project.project_name          'PSI, Protein Structure Initiative' 
_pdbx_SG_project.full_name_of_center   'Midwest Center for Structural Genomics' 
_pdbx_SG_project.initial_of_center     MCSG 
# 
loop_
_pdbx_struct_mod_residue.id 
_pdbx_struct_mod_residue.label_asym_id 
_pdbx_struct_mod_residue.label_comp_id 
_pdbx_struct_mod_residue.label_seq_id 
_pdbx_struct_mod_residue.auth_asym_id 
_pdbx_struct_mod_residue.auth_comp_id 
_pdbx_struct_mod_residue.auth_seq_id 
_pdbx_struct_mod_residue.PDB_ins_code 
_pdbx_struct_mod_residue.parent_comp_id 
_pdbx_struct_mod_residue.details 
1 A MSE 7  A MSE 1  ? MET SELENOMETHIONINE 
2 A MSE 76 A MSE 70 ? MET SELENOMETHIONINE 
# 
_pdbx_struct_special_symmetry.id              1 
_pdbx_struct_special_symmetry.PDB_model_num   1 
_pdbx_struct_special_symmetry.auth_asym_id    A 
_pdbx_struct_special_symmetry.auth_comp_id    HOH 
_pdbx_struct_special_symmetry.auth_seq_id     253 
_pdbx_struct_special_symmetry.PDB_ins_code    ? 
_pdbx_struct_special_symmetry.label_asym_id   C 
_pdbx_struct_special_symmetry.label_comp_id   HOH 
_pdbx_struct_special_symmetry.label_seq_id    . 
# 
loop_
_pdbx_refine_tls.pdbx_refine_id 
_pdbx_refine_tls.id 
_pdbx_refine_tls.details 
_pdbx_refine_tls.method 
_pdbx_refine_tls.origin_x 
_pdbx_refine_tls.origin_y 
_pdbx_refine_tls.origin_z 
_pdbx_refine_tls.T[1][1] 
_pdbx_refine_tls.T[2][2] 
_pdbx_refine_tls.T[3][3] 
_pdbx_refine_tls.T[1][2] 
_pdbx_refine_tls.T[1][3] 
_pdbx_refine_tls.T[2][3] 
_pdbx_refine_tls.L[1][1] 
_pdbx_refine_tls.L[2][2] 
_pdbx_refine_tls.L[3][3] 
_pdbx_refine_tls.L[1][2] 
_pdbx_refine_tls.L[1][3] 
_pdbx_refine_tls.L[2][3] 
_pdbx_refine_tls.S[1][1] 
_pdbx_refine_tls.S[2][2] 
_pdbx_refine_tls.S[3][3] 
_pdbx_refine_tls.S[1][2] 
_pdbx_refine_tls.S[1][3] 
_pdbx_refine_tls.S[2][3] 
_pdbx_refine_tls.S[2][1] 
_pdbx_refine_tls.S[3][1] 
_pdbx_refine_tls.S[3][2] 
'X-RAY DIFFRACTION' 1  ? refined 25.1026  10.9865  3.0774   0.0324 0.1732  0.0410  0.0187  0.0278  0.0774  29.0280 4.9464  32.9107 3.2396   -22.4136 5.9569   -0.0189 -0.0289 0.0478  0.1908  0.4479  0.2586  0.3253  0.6336  -0.1709 
'X-RAY DIFFRACTION' 2  ? refined 14.6411  8.5788   6.5819   0.0483 0.1213  0.0685  -0.0100 0.0285  0.0140  2.5635  8.4181  2.8598  2.1094   -0.3979  1.0791   0.0008  0.1646  -0.1654 0.3260  0.1876  -0.1909 -0.3843 -0.2444 0.2872  
'X-RAY DIFFRACTION' 3  ? refined 3.1874   -3.5547  6.3984   0.0971 0.0646  0.0539  0.0136  -0.0109 0.0074  4.1463  5.9843  1.4344  3.2214   1.4701   0.4123   -0.0253 0.1471  -0.1218 0.0332  -0.1044 -0.0550 -0.0882 0.2017  0.0036  
'X-RAY DIFFRACTION' 4  ? refined -0.5430  -11.3574 0.2915   0.1698 -0.0267 0.0564  -0.0145 -0.0560 -0.0082 5.1710  11.6565 10.8143 0.0871   -3.8470  5.0526   0.1325  -0.1174 -0.0150 0.0402  -0.6118 0.0538  -0.2133 0.4600  -0.0671 
'X-RAY DIFFRACTION' 5  ? refined 0.5012   -7.2189  -6.0684  0.2240 0.0345  0.0228  0.0766  0.0563  0.0156  8.3980  18.7793 2.7475  -6.5006  -1.9291  7.0473   0.7094  -0.3551 -0.3543 0.4596  0.0621  -0.5830 -0.9912 0.0959  0.0197  
'X-RAY DIFFRACTION' 6  ? refined 3.1026   -3.8312  -8.7171  0.1542 0.0540  -0.0632 0.0712  0.0799  -0.0211 17.6224 0.5740  6.0826  -2.7945  6.1800   -0.6758  -0.2197 0.0226  0.1971  0.8049  0.0570  0.1591  -0.3692 0.7411  0.2031  
'X-RAY DIFFRACTION' 7  ? refined 10.1617  -6.9137  -0.3979  0.1024 0.0552  0.0494  0.0824  0.0210  -0.0277 5.8000  5.5577  5.2302  -1.2470  0.9173   -1.6356  0.3274  -0.1498 -0.1776 0.2033  -0.2068 -0.1630 -0.2142 0.3444  0.4565  
'X-RAY DIFFRACTION' 8  ? refined 4.8760   -5.7158  5.1926   0.1035 0.0284  0.0586  0.0230  0.0041  0.0023  2.0395  4.1854  7.0464  -0.2215  0.9297   -4.6707  0.2218  0.0000  -0.2219 0.0235  -0.0755 -0.0747 -0.1674 0.3930  -0.0192 
'X-RAY DIFFRACTION' 9  ? refined 7.0536   -7.7430  17.6639  0.1071 0.0800  0.0453  -0.0134 -0.0378 0.0407  2.7508  6.3129  10.0627 -0.3588  -3.1152  3.7000   0.1008  -0.0126 -0.0882 -0.4112 -0.2814 -0.1135 0.2085  0.3356  0.1666  
'X-RAY DIFFRACTION' 10 ? refined -3.0036  -10.8397 17.2796  0.4338 0.4441  0.1645  -0.0543 -0.0263 0.0528  89.5484 3.8495  42.9450 -11.0789 59.4209  -10.3035 -0.0478 1.3851  -1.3373 -1.9803 -1.8325 -0.1842 0.1802  1.0750  -1.8306 
'X-RAY DIFFRACTION' 11 ? refined -6.0003  0.0302   9.9008   0.0815 0.1179  0.0405  -0.0303 -0.0067 -0.0023 2.3711  5.2893  1.7676  -0.3139  -0.1876  -2.5423  0.1697  -0.2328 0.0631  -0.1954 0.0228  0.1745  -0.0004 0.2144  -0.2573 
'X-RAY DIFFRACTION' 12 ? refined -4.7673  5.5589   -10.0212 0.0655 0.1059  0.0640  -0.0042 -0.0051 -0.0047 3.7867  0.4828  5.3318  0.7068   1.8627   0.2728   -0.1066 0.0399  0.0667  0.5120  -0.0370 0.0188  -0.0648 0.0627  0.1833  
'X-RAY DIFFRACTION' 13 ? refined -12.7932 0.4955   -6.0312  0.0473 0.0797  0.0794  -0.0307 -0.0444 -0.0107 4.0387  5.5326  4.4771  1.0802   -0.7811  2.7414   -0.0391 0.0293  0.0098  0.1489  -0.3430 0.0019  0.0506  0.2638  -0.2633 
'X-RAY DIFFRACTION' 14 ? refined -10.9706 15.8853  -7.2696  0.1316 0.0628  0.1153  0.0436  -0.1085 0.0137  4.7953  8.8058  5.5564  0.6023   1.6532   2.6028   -0.2254 -0.1538 0.3791  0.0814  0.5533  0.5371  -0.7048 -0.6447 -0.4138 
'X-RAY DIFFRACTION' 15 ? refined -6.4593  4.4185   -2.4301  0.0623 0.0695  0.0595  -0.0100 -0.0189 0.0122  1.3026  3.1823  2.6884  0.1271   0.4206   -1.2746  -0.0052 -0.0677 0.0729  0.0751  0.0674  0.0334  -0.0956 0.0395  -0.0509  
# 
loop_
_pdbx_refine_tls_group.pdbx_refine_id 
_pdbx_refine_tls_group.id 
_pdbx_refine_tls_group.refine_tls_id 
_pdbx_refine_tls_group.beg_auth_asym_id 
_pdbx_refine_tls_group.beg_auth_seq_id 
_pdbx_refine_tls_group.end_auth_asym_id 
_pdbx_refine_tls_group.end_auth_seq_id 
_pdbx_refine_tls_group.selection_details 
_pdbx_refine_tls_group.beg_label_asym_id 
_pdbx_refine_tls_group.beg_label_seq_id 
_pdbx_refine_tls_group.end_label_asym_id 
_pdbx_refine_tls_group.end_label_seq_id 
_pdbx_refine_tls_group.selection 
'X-RAY DIFFRACTION' 1  1  A -5  A -1  ? . . . . ? 
'X-RAY DIFFRACTION' 2  2  A 0   A 4   ? . . . . ? 
'X-RAY DIFFRACTION' 3  3  A 5   A 11  ? . . . . ? 
'X-RAY DIFFRACTION' 4  4  A 12  A 16  ? . . . . ? 
'X-RAY DIFFRACTION' 5  5  A 17  A 21  ? . . . . ? 
'X-RAY DIFFRACTION' 6  6  A 22  A 29  ? . . . . ? 
'X-RAY DIFFRACTION' 7  7  A 30  A 39  ? . . . . ? 
'X-RAY DIFFRACTION' 8  8  A 40  A 49  ? . . . . ? 
'X-RAY DIFFRACTION' 9  9  A 50  A 56  ? . . . . ? 
'X-RAY DIFFRACTION' 10 10 A 57  A 63  ? . . . . ? 
'X-RAY DIFFRACTION' 11 11 A 64  A 70  ? . . . . ? 
'X-RAY DIFFRACTION' 12 12 A 71  A 85  ? . . . . ? 
'X-RAY DIFFRACTION' 13 13 A 86  A 95  ? . . . . ? 
'X-RAY DIFFRACTION' 14 14 A 96  A 104 ? . . . . ? 
'X-RAY DIFFRACTION' 15 15 A 105 A 122 ? . . . . ? 
# 
_pdbx_database_remark.id     300 
_pdbx_database_remark.text   
;
BIOMOLECULE: 1
SEE REMARK 350 FOR THE SOFTWARE GENERATED ASSEMBLY
INFORMATION FOR THE STRUCTURE IN THIS ENTRY.
THE REMARK MAY ALSO PROVIDE INFORMATION ON BURIED
SURFACE AREA.
AUTHORS STATE THAT THE BIOLOGICAL UNIT OF THIS
PROTEIN IS UNKNOWN.
;
# 
loop_
_pdbx_unobs_or_zero_occ_residues.id 
_pdbx_unobs_or_zero_occ_residues.PDB_model_num 
_pdbx_unobs_or_zero_occ_residues.polymer_flag 
_pdbx_unobs_or_zero_occ_residues.occupancy_flag 
_pdbx_unobs_or_zero_occ_residues.auth_asym_id 
_pdbx_unobs_or_zero_occ_residues.auth_comp_id 
_pdbx_unobs_or_zero_occ_residues.auth_seq_id 
_pdbx_unobs_or_zero_occ_residues.PDB_ins_code 
_pdbx_unobs_or_zero_occ_residues.label_asym_id 
_pdbx_unobs_or_zero_occ_residues.label_comp_id 
_pdbx_unobs_or_zero_occ_residues.label_seq_id 
1  1 Y 1 A ASP 60  ? A ASP 66  
2  1 Y 1 A ALA 61  ? A ALA 67  
3  1 Y 1 A SER 123 ? A SER 129 
4  1 Y 1 A GLN 124 ? A GLN 130 
5  1 Y 1 A SER 125 ? A SER 131 
6  1 Y 1 A GLY 126 ? A GLY 132 
7  1 Y 1 A GLU 127 ? A GLU 133 
8  1 Y 1 A ASN 128 ? A ASN 134 
9  1 Y 1 A LEU 129 ? A LEU 135 
10 1 Y 1 A TYR 130 ? A TYR 136 
11 1 Y 1 A PHE 131 ? A PHE 137 
12 1 Y 1 A GLN 132 ? A GLN 138 
13 1 Y 1 A GLY 133 ? A GLY 139 
14 1 Y 1 A GLY 134 ? A GLY 140 
15 1 Y 1 A SER 135 ? A SER 141 
# 
loop_
_chem_comp_atom.comp_id 
_chem_comp_atom.atom_id 
_chem_comp_atom.type_symbol 
_chem_comp_atom.pdbx_aromatic_flag 
_chem_comp_atom.pdbx_stereo_config 
_chem_comp_atom.pdbx_ordinal 
ALA N    N  N N 1   
ALA CA   C  N S 2   
ALA C    C  N N 3   
ALA O    O  N N 4   
ALA CB   C  N N 5   
ALA OXT  O  N N 6   
ALA H    H  N N 7   
ALA H2   H  N N 8   
ALA HA   H  N N 9   
ALA HB1  H  N N 10  
ALA HB2  H  N N 11  
ALA HB3  H  N N 12  
ALA HXT  H  N N 13  
ARG N    N  N N 14  
ARG CA   C  N S 15  
ARG C    C  N N 16  
ARG O    O  N N 17  
ARG CB   C  N N 18  
ARG CG   C  N N 19  
ARG CD   C  N N 20  
ARG NE   N  N N 21  
ARG CZ   C  N N 22  
ARG NH1  N  N N 23  
ARG NH2  N  N N 24  
ARG OXT  O  N N 25  
ARG H    H  N N 26  
ARG H2   H  N N 27  
ARG HA   H  N N 28  
ARG HB2  H  N N 29  
ARG HB3  H  N N 30  
ARG HG2  H  N N 31  
ARG HG3  H  N N 32  
ARG HD2  H  N N 33  
ARG HD3  H  N N 34  
ARG HE   H  N N 35  
ARG HH11 H  N N 36  
ARG HH12 H  N N 37  
ARG HH21 H  N N 38  
ARG HH22 H  N N 39  
ARG HXT  H  N N 40  
ASN N    N  N N 41  
ASN CA   C  N S 42  
ASN C    C  N N 43  
ASN O    O  N N 44  
ASN CB   C  N N 45  
ASN CG   C  N N 46  
ASN OD1  O  N N 47  
ASN ND2  N  N N 48  
ASN OXT  O  N N 49  
ASN H    H  N N 50  
ASN H2   H  N N 51  
ASN HA   H  N N 52  
ASN HB2  H  N N 53  
ASN HB3  H  N N 54  
ASN HD21 H  N N 55  
ASN HD22 H  N N 56  
ASN HXT  H  N N 57  
ASP N    N  N N 58  
ASP CA   C  N S 59  
ASP C    C  N N 60  
ASP O    O  N N 61  
ASP CB   C  N N 62  
ASP CG   C  N N 63  
ASP OD1  O  N N 64  
ASP OD2  O  N N 65  
ASP OXT  O  N N 66  
ASP H    H  N N 67  
ASP H2   H  N N 68  
ASP HA   H  N N 69  
ASP HB2  H  N N 70  
ASP HB3  H  N N 71  
ASP HD2  H  N N 72  
ASP HXT  H  N N 73  
EPE N1   N  N N 74  
EPE C2   C  N N 75  
EPE C3   C  N N 76  
EPE N4   N  N N 77  
EPE C5   C  N N 78  
EPE C6   C  N N 79  
EPE C7   C  N N 80  
EPE C8   C  N N 81  
EPE O8   O  N N 82  
EPE C9   C  N N 83  
EPE C10  C  N N 84  
EPE S    S  N N 85  
EPE O1S  O  N N 86  
EPE O2S  O  N N 87  
EPE O3S  O  N N 88  
EPE H21  H  N N 89  
EPE H22  H  N N 90  
EPE H31  H  N N 91  
EPE H32  H  N N 92  
EPE H51  H  N N 93  
EPE H52  H  N N 94  
EPE H61  H  N N 95  
EPE H62  H  N N 96  
EPE H71  H  N N 97  
EPE H72  H  N N 98  
EPE H81  H  N N 99  
EPE H82  H  N N 100 
EPE HO8  H  N N 101 
EPE H91  H  N N 102 
EPE H92  H  N N 103 
EPE H101 H  N N 104 
EPE H102 H  N N 105 
EPE HOS3 H  N N 106 
GLN N    N  N N 107 
GLN CA   C  N S 108 
GLN C    C  N N 109 
GLN O    O  N N 110 
GLN CB   C  N N 111 
GLN CG   C  N N 112 
GLN CD   C  N N 113 
GLN OE1  O  N N 114 
GLN NE2  N  N N 115 
GLN OXT  O  N N 116 
GLN H    H  N N 117 
GLN H2   H  N N 118 
GLN HA   H  N N 119 
GLN HB2  H  N N 120 
GLN HB3  H  N N 121 
GLN HG2  H  N N 122 
GLN HG3  H  N N 123 
GLN HE21 H  N N 124 
GLN HE22 H  N N 125 
GLN HXT  H  N N 126 
GLU N    N  N N 127 
GLU CA   C  N S 128 
GLU C    C  N N 129 
GLU O    O  N N 130 
GLU CB   C  N N 131 
GLU CG   C  N N 132 
GLU CD   C  N N 133 
GLU OE1  O  N N 134 
GLU OE2  O  N N 135 
GLU OXT  O  N N 136 
GLU H    H  N N 137 
GLU H2   H  N N 138 
GLU HA   H  N N 139 
GLU HB2  H  N N 140 
GLU HB3  H  N N 141 
GLU HG2  H  N N 142 
GLU HG3  H  N N 143 
GLU HE2  H  N N 144 
GLU HXT  H  N N 145 
GLY N    N  N N 146 
GLY CA   C  N N 147 
GLY C    C  N N 148 
GLY O    O  N N 149 
GLY OXT  O  N N 150 
GLY H    H  N N 151 
GLY H2   H  N N 152 
GLY HA2  H  N N 153 
GLY HA3  H  N N 154 
GLY HXT  H  N N 155 
HIS N    N  N N 156 
HIS CA   C  N S 157 
HIS C    C  N N 158 
HIS O    O  N N 159 
HIS CB   C  N N 160 
HIS CG   C  Y N 161 
HIS ND1  N  Y N 162 
HIS CD2  C  Y N 163 
HIS CE1  C  Y N 164 
HIS NE2  N  Y N 165 
HIS OXT  O  N N 166 
HIS H    H  N N 167 
HIS H2   H  N N 168 
HIS HA   H  N N 169 
HIS HB2  H  N N 170 
HIS HB3  H  N N 171 
HIS HD1  H  N N 172 
HIS HD2  H  N N 173 
HIS HE1  H  N N 174 
HIS HE2  H  N N 175 
HIS HXT  H  N N 176 
HOH O    O  N N 177 
HOH H1   H  N N 178 
HOH H2   H  N N 179 
ILE N    N  N N 180 
ILE CA   C  N S 181 
ILE C    C  N N 182 
ILE O    O  N N 183 
ILE CB   C  N S 184 
ILE CG1  C  N N 185 
ILE CG2  C  N N 186 
ILE CD1  C  N N 187 
ILE OXT  O  N N 188 
ILE H    H  N N 189 
ILE H2   H  N N 190 
ILE HA   H  N N 191 
ILE HB   H  N N 192 
ILE HG12 H  N N 193 
ILE HG13 H  N N 194 
ILE HG21 H  N N 195 
ILE HG22 H  N N 196 
ILE HG23 H  N N 197 
ILE HD11 H  N N 198 
ILE HD12 H  N N 199 
ILE HD13 H  N N 200 
ILE HXT  H  N N 201 
LEU N    N  N N 202 
LEU CA   C  N S 203 
LEU C    C  N N 204 
LEU O    O  N N 205 
LEU CB   C  N N 206 
LEU CG   C  N N 207 
LEU CD1  C  N N 208 
LEU CD2  C  N N 209 
LEU OXT  O  N N 210 
LEU H    H  N N 211 
LEU H2   H  N N 212 
LEU HA   H  N N 213 
LEU HB2  H  N N 214 
LEU HB3  H  N N 215 
LEU HG   H  N N 216 
LEU HD11 H  N N 217 
LEU HD12 H  N N 218 
LEU HD13 H  N N 219 
LEU HD21 H  N N 220 
LEU HD22 H  N N 221 
LEU HD23 H  N N 222 
LEU HXT  H  N N 223 
LYS N    N  N N 224 
LYS CA   C  N S 225 
LYS C    C  N N 226 
LYS O    O  N N 227 
LYS CB   C  N N 228 
LYS CG   C  N N 229 
LYS CD   C  N N 230 
LYS CE   C  N N 231 
LYS NZ   N  N N 232 
LYS OXT  O  N N 233 
LYS H    H  N N 234 
LYS H2   H  N N 235 
LYS HA   H  N N 236 
LYS HB2  H  N N 237 
LYS HB3  H  N N 238 
LYS HG2  H  N N 239 
LYS HG3  H  N N 240 
LYS HD2  H  N N 241 
LYS HD3  H  N N 242 
LYS HE2  H  N N 243 
LYS HE3  H  N N 244 
LYS HZ1  H  N N 245 
LYS HZ2  H  N N 246 
LYS HZ3  H  N N 247 
LYS HXT  H  N N 248 
MSE N    N  N N 249 
MSE CA   C  N S 250 
MSE C    C  N N 251 
MSE O    O  N N 252 
MSE OXT  O  N N 253 
MSE CB   C  N N 254 
MSE CG   C  N N 255 
MSE SE   SE N N 256 
MSE CE   C  N N 257 
MSE H    H  N N 258 
MSE H2   H  N N 259 
MSE HA   H  N N 260 
MSE HXT  H  N N 261 
MSE HB2  H  N N 262 
MSE HB3  H  N N 263 
MSE HG2  H  N N 264 
MSE HG3  H  N N 265 
MSE HE1  H  N N 266 
MSE HE2  H  N N 267 
MSE HE3  H  N N 268 
PHE N    N  N N 269 
PHE CA   C  N S 270 
PHE C    C  N N 271 
PHE O    O  N N 272 
PHE CB   C  N N 273 
PHE CG   C  Y N 274 
PHE CD1  C  Y N 275 
PHE CD2  C  Y N 276 
PHE CE1  C  Y N 277 
PHE CE2  C  Y N 278 
PHE CZ   C  Y N 279 
PHE OXT  O  N N 280 
PHE H    H  N N 281 
PHE H2   H  N N 282 
PHE HA   H  N N 283 
PHE HB2  H  N N 284 
PHE HB3  H  N N 285 
PHE HD1  H  N N 286 
PHE HD2  H  N N 287 
PHE HE1  H  N N 288 
PHE HE2  H  N N 289 
PHE HZ   H  N N 290 
PHE HXT  H  N N 291 
PRO N    N  N N 292 
PRO CA   C  N S 293 
PRO C    C  N N 294 
PRO O    O  N N 295 
PRO CB   C  N N 296 
PRO CG   C  N N 297 
PRO CD   C  N N 298 
PRO OXT  O  N N 299 
PRO H    H  N N 300 
PRO HA   H  N N 301 
PRO HB2  H  N N 302 
PRO HB3  H  N N 303 
PRO HG2  H  N N 304 
PRO HG3  H  N N 305 
PRO HD2  H  N N 306 
PRO HD3  H  N N 307 
PRO HXT  H  N N 308 
SER N    N  N N 309 
SER CA   C  N S 310 
SER C    C  N N 311 
SER O    O  N N 312 
SER CB   C  N N 313 
SER OG   O  N N 314 
SER OXT  O  N N 315 
SER H    H  N N 316 
SER H2   H  N N 317 
SER HA   H  N N 318 
SER HB2  H  N N 319 
SER HB3  H  N N 320 
SER HG   H  N N 321 
SER HXT  H  N N 322 
THR N    N  N N 323 
THR CA   C  N S 324 
THR C    C  N N 325 
THR O    O  N N 326 
THR CB   C  N R 327 
THR OG1  O  N N 328 
THR CG2  C  N N 329 
THR OXT  O  N N 330 
THR H    H  N N 331 
THR H2   H  N N 332 
THR HA   H  N N 333 
THR HB   H  N N 334 
THR HG1  H  N N 335 
THR HG21 H  N N 336 
THR HG22 H  N N 337 
THR HG23 H  N N 338 
THR HXT  H  N N 339 
TRP N    N  N N 340 
TRP CA   C  N S 341 
TRP C    C  N N 342 
TRP O    O  N N 343 
TRP CB   C  N N 344 
TRP CG   C  Y N 345 
TRP CD1  C  Y N 346 
TRP CD2  C  Y N 347 
TRP NE1  N  Y N 348 
TRP CE2  C  Y N 349 
TRP CE3  C  Y N 350 
TRP CZ2  C  Y N 351 
TRP CZ3  C  Y N 352 
TRP CH2  C  Y N 353 
TRP OXT  O  N N 354 
TRP H    H  N N 355 
TRP H2   H  N N 356 
TRP HA   H  N N 357 
TRP HB2  H  N N 358 
TRP HB3  H  N N 359 
TRP HD1  H  N N 360 
TRP HE1  H  N N 361 
TRP HE3  H  N N 362 
TRP HZ2  H  N N 363 
TRP HZ3  H  N N 364 
TRP HH2  H  N N 365 
TRP HXT  H  N N 366 
TYR N    N  N N 367 
TYR CA   C  N S 368 
TYR C    C  N N 369 
TYR O    O  N N 370 
TYR CB   C  N N 371 
TYR CG   C  Y N 372 
TYR CD1  C  Y N 373 
TYR CD2  C  Y N 374 
TYR CE1  C  Y N 375 
TYR CE2  C  Y N 376 
TYR CZ   C  Y N 377 
TYR OH   O  N N 378 
TYR OXT  O  N N 379 
TYR H    H  N N 380 
TYR H2   H  N N 381 
TYR HA   H  N N 382 
TYR HB2  H  N N 383 
TYR HB3  H  N N 384 
TYR HD1  H  N N 385 
TYR HD2  H  N N 386 
TYR HE1  H  N N 387 
TYR HE2  H  N N 388 
TYR HH   H  N N 389 
TYR HXT  H  N N 390 
VAL N    N  N N 391 
VAL CA   C  N S 392 
VAL C    C  N N 393 
VAL O    O  N N 394 
VAL CB   C  N N 395 
VAL CG1  C  N N 396 
VAL CG2  C  N N 397 
VAL OXT  O  N N 398 
VAL H    H  N N 399 
VAL H2   H  N N 400 
VAL HA   H  N N 401 
VAL HB   H  N N 402 
VAL HG11 H  N N 403 
VAL HG12 H  N N 404 
VAL HG13 H  N N 405 
VAL HG21 H  N N 406 
VAL HG22 H  N N 407 
VAL HG23 H  N N 408 
VAL HXT  H  N N 409 
# 
loop_
_chem_comp_bond.comp_id 
_chem_comp_bond.atom_id_1 
_chem_comp_bond.atom_id_2 
_chem_comp_bond.value_order 
_chem_comp_bond.pdbx_aromatic_flag 
_chem_comp_bond.pdbx_stereo_config 
_chem_comp_bond.pdbx_ordinal 
ALA N   CA   sing N N 1   
ALA N   H    sing N N 2   
ALA N   H2   sing N N 3   
ALA CA  C    sing N N 4   
ALA CA  CB   sing N N 5   
ALA CA  HA   sing N N 6   
ALA C   O    doub N N 7   
ALA C   OXT  sing N N 8   
ALA CB  HB1  sing N N 9   
ALA CB  HB2  sing N N 10  
ALA CB  HB3  sing N N 11  
ALA OXT HXT  sing N N 12  
ARG N   CA   sing N N 13  
ARG N   H    sing N N 14  
ARG N   H2   sing N N 15  
ARG CA  C    sing N N 16  
ARG CA  CB   sing N N 17  
ARG CA  HA   sing N N 18  
ARG C   O    doub N N 19  
ARG C   OXT  sing N N 20  
ARG CB  CG   sing N N 21  
ARG CB  HB2  sing N N 22  
ARG CB  HB3  sing N N 23  
ARG CG  CD   sing N N 24  
ARG CG  HG2  sing N N 25  
ARG CG  HG3  sing N N 26  
ARG CD  NE   sing N N 27  
ARG CD  HD2  sing N N 28  
ARG CD  HD3  sing N N 29  
ARG NE  CZ   sing N N 30  
ARG NE  HE   sing N N 31  
ARG CZ  NH1  sing N N 32  
ARG CZ  NH2  doub N N 33  
ARG NH1 HH11 sing N N 34  
ARG NH1 HH12 sing N N 35  
ARG NH2 HH21 sing N N 36  
ARG NH2 HH22 sing N N 37  
ARG OXT HXT  sing N N 38  
ASN N   CA   sing N N 39  
ASN N   H    sing N N 40  
ASN N   H2   sing N N 41  
ASN CA  C    sing N N 42  
ASN CA  CB   sing N N 43  
ASN CA  HA   sing N N 44  
ASN C   O    doub N N 45  
ASN C   OXT  sing N N 46  
ASN CB  CG   sing N N 47  
ASN CB  HB2  sing N N 48  
ASN CB  HB3  sing N N 49  
ASN CG  OD1  doub N N 50  
ASN CG  ND2  sing N N 51  
ASN ND2 HD21 sing N N 52  
ASN ND2 HD22 sing N N 53  
ASN OXT HXT  sing N N 54  
ASP N   CA   sing N N 55  
ASP N   H    sing N N 56  
ASP N   H2   sing N N 57  
ASP CA  C    sing N N 58  
ASP CA  CB   sing N N 59  
ASP CA  HA   sing N N 60  
ASP C   O    doub N N 61  
ASP C   OXT  sing N N 62  
ASP CB  CG   sing N N 63  
ASP CB  HB2  sing N N 64  
ASP CB  HB3  sing N N 65  
ASP CG  OD1  doub N N 66  
ASP CG  OD2  sing N N 67  
ASP OD2 HD2  sing N N 68  
ASP OXT HXT  sing N N 69  
EPE N1  C2   sing N N 70  
EPE N1  C6   sing N N 71  
EPE N1  C9   sing N N 72  
EPE C2  C3   sing N N 73  
EPE C2  H21  sing N N 74  
EPE C2  H22  sing N N 75  
EPE C3  N4   sing N N 76  
EPE C3  H31  sing N N 77  
EPE C3  H32  sing N N 78  
EPE N4  C5   sing N N 79  
EPE N4  C7   sing N N 80  
EPE C5  C6   sing N N 81  
EPE C5  H51  sing N N 82  
EPE C5  H52  sing N N 83  
EPE C6  H61  sing N N 84  
EPE C6  H62  sing N N 85  
EPE C7  C8   sing N N 86  
EPE C7  H71  sing N N 87  
EPE C7  H72  sing N N 88  
EPE C8  O8   sing N N 89  
EPE C8  H81  sing N N 90  
EPE C8  H82  sing N N 91  
EPE O8  HO8  sing N N 92  
EPE C9  C10  sing N N 93  
EPE C9  H91  sing N N 94  
EPE C9  H92  sing N N 95  
EPE C10 S    sing N N 96  
EPE C10 H101 sing N N 97  
EPE C10 H102 sing N N 98  
EPE S   O1S  doub N N 99  
EPE S   O2S  doub N N 100 
EPE S   O3S  sing N N 101 
EPE O3S HOS3 sing N N 102 
GLN N   CA   sing N N 103 
GLN N   H    sing N N 104 
GLN N   H2   sing N N 105 
GLN CA  C    sing N N 106 
GLN CA  CB   sing N N 107 
GLN CA  HA   sing N N 108 
GLN C   O    doub N N 109 
GLN C   OXT  sing N N 110 
GLN CB  CG   sing N N 111 
GLN CB  HB2  sing N N 112 
GLN CB  HB3  sing N N 113 
GLN CG  CD   sing N N 114 
GLN CG  HG2  sing N N 115 
GLN CG  HG3  sing N N 116 
GLN CD  OE1  doub N N 117 
GLN CD  NE2  sing N N 118 
GLN NE2 HE21 sing N N 119 
GLN NE2 HE22 sing N N 120 
GLN OXT HXT  sing N N 121 
GLU N   CA   sing N N 122 
GLU N   H    sing N N 123 
GLU N   H2   sing N N 124 
GLU CA  C    sing N N 125 
GLU CA  CB   sing N N 126 
GLU CA  HA   sing N N 127 
GLU C   O    doub N N 128 
GLU C   OXT  sing N N 129 
GLU CB  CG   sing N N 130 
GLU CB  HB2  sing N N 131 
GLU CB  HB3  sing N N 132 
GLU CG  CD   sing N N 133 
GLU CG  HG2  sing N N 134 
GLU CG  HG3  sing N N 135 
GLU CD  OE1  doub N N 136 
GLU CD  OE2  sing N N 137 
GLU OE2 HE2  sing N N 138 
GLU OXT HXT  sing N N 139 
GLY N   CA   sing N N 140 
GLY N   H    sing N N 141 
GLY N   H2   sing N N 142 
GLY CA  C    sing N N 143 
GLY CA  HA2  sing N N 144 
GLY CA  HA3  sing N N 145 
GLY C   O    doub N N 146 
GLY C   OXT  sing N N 147 
GLY OXT HXT  sing N N 148 
HIS N   CA   sing N N 149 
HIS N   H    sing N N 150 
HIS N   H2   sing N N 151 
HIS CA  C    sing N N 152 
HIS CA  CB   sing N N 153 
HIS CA  HA   sing N N 154 
HIS C   O    doub N N 155 
HIS C   OXT  sing N N 156 
HIS CB  CG   sing N N 157 
HIS CB  HB2  sing N N 158 
HIS CB  HB3  sing N N 159 
HIS CG  ND1  sing Y N 160 
HIS CG  CD2  doub Y N 161 
HIS ND1 CE1  doub Y N 162 
HIS ND1 HD1  sing N N 163 
HIS CD2 NE2  sing Y N 164 
HIS CD2 HD2  sing N N 165 
HIS CE1 NE2  sing Y N 166 
HIS CE1 HE1  sing N N 167 
HIS NE2 HE2  sing N N 168 
HIS OXT HXT  sing N N 169 
HOH O   H1   sing N N 170 
HOH O   H2   sing N N 171 
ILE N   CA   sing N N 172 
ILE N   H    sing N N 173 
ILE N   H2   sing N N 174 
ILE CA  C    sing N N 175 
ILE CA  CB   sing N N 176 
ILE CA  HA   sing N N 177 
ILE C   O    doub N N 178 
ILE C   OXT  sing N N 179 
ILE CB  CG1  sing N N 180 
ILE CB  CG2  sing N N 181 
ILE CB  HB   sing N N 182 
ILE CG1 CD1  sing N N 183 
ILE CG1 HG12 sing N N 184 
ILE CG1 HG13 sing N N 185 
ILE CG2 HG21 sing N N 186 
ILE CG2 HG22 sing N N 187 
ILE CG2 HG23 sing N N 188 
ILE CD1 HD11 sing N N 189 
ILE CD1 HD12 sing N N 190 
ILE CD1 HD13 sing N N 191 
ILE OXT HXT  sing N N 192 
LEU N   CA   sing N N 193 
LEU N   H    sing N N 194 
LEU N   H2   sing N N 195 
LEU CA  C    sing N N 196 
LEU CA  CB   sing N N 197 
LEU CA  HA   sing N N 198 
LEU C   O    doub N N 199 
LEU C   OXT  sing N N 200 
LEU CB  CG   sing N N 201 
LEU CB  HB2  sing N N 202 
LEU CB  HB3  sing N N 203 
LEU CG  CD1  sing N N 204 
LEU CG  CD2  sing N N 205 
LEU CG  HG   sing N N 206 
LEU CD1 HD11 sing N N 207 
LEU CD1 HD12 sing N N 208 
LEU CD1 HD13 sing N N 209 
LEU CD2 HD21 sing N N 210 
LEU CD2 HD22 sing N N 211 
LEU CD2 HD23 sing N N 212 
LEU OXT HXT  sing N N 213 
LYS N   CA   sing N N 214 
LYS N   H    sing N N 215 
LYS N   H2   sing N N 216 
LYS CA  C    sing N N 217 
LYS CA  CB   sing N N 218 
LYS CA  HA   sing N N 219 
LYS C   O    doub N N 220 
LYS C   OXT  sing N N 221 
LYS CB  CG   sing N N 222 
LYS CB  HB2  sing N N 223 
LYS CB  HB3  sing N N 224 
LYS CG  CD   sing N N 225 
LYS CG  HG2  sing N N 226 
LYS CG  HG3  sing N N 227 
LYS CD  CE   sing N N 228 
LYS CD  HD2  sing N N 229 
LYS CD  HD3  sing N N 230 
LYS CE  NZ   sing N N 231 
LYS CE  HE2  sing N N 232 
LYS CE  HE3  sing N N 233 
LYS NZ  HZ1  sing N N 234 
LYS NZ  HZ2  sing N N 235 
LYS NZ  HZ3  sing N N 236 
LYS OXT HXT  sing N N 237 
MSE N   CA   sing N N 238 
MSE N   H    sing N N 239 
MSE N   H2   sing N N 240 
MSE CA  C    sing N N 241 
MSE CA  CB   sing N N 242 
MSE CA  HA   sing N N 243 
MSE C   O    doub N N 244 
MSE C   OXT  sing N N 245 
MSE OXT HXT  sing N N 246 
MSE CB  CG   sing N N 247 
MSE CB  HB2  sing N N 248 
MSE CB  HB3  sing N N 249 
MSE CG  SE   sing N N 250 
MSE CG  HG2  sing N N 251 
MSE CG  HG3  sing N N 252 
MSE SE  CE   sing N N 253 
MSE CE  HE1  sing N N 254 
MSE CE  HE2  sing N N 255 
MSE CE  HE3  sing N N 256 
PHE N   CA   sing N N 257 
PHE N   H    sing N N 258 
PHE N   H2   sing N N 259 
PHE CA  C    sing N N 260 
PHE CA  CB   sing N N 261 
PHE CA  HA   sing N N 262 
PHE C   O    doub N N 263 
PHE C   OXT  sing N N 264 
PHE CB  CG   sing N N 265 
PHE CB  HB2  sing N N 266 
PHE CB  HB3  sing N N 267 
PHE CG  CD1  doub Y N 268 
PHE CG  CD2  sing Y N 269 
PHE CD1 CE1  sing Y N 270 
PHE CD1 HD1  sing N N 271 
PHE CD2 CE2  doub Y N 272 
PHE CD2 HD2  sing N N 273 
PHE CE1 CZ   doub Y N 274 
PHE CE1 HE1  sing N N 275 
PHE CE2 CZ   sing Y N 276 
PHE CE2 HE2  sing N N 277 
PHE CZ  HZ   sing N N 278 
PHE OXT HXT  sing N N 279 
PRO N   CA   sing N N 280 
PRO N   CD   sing N N 281 
PRO N   H    sing N N 282 
PRO CA  C    sing N N 283 
PRO CA  CB   sing N N 284 
PRO CA  HA   sing N N 285 
PRO C   O    doub N N 286 
PRO C   OXT  sing N N 287 
PRO CB  CG   sing N N 288 
PRO CB  HB2  sing N N 289 
PRO CB  HB3  sing N N 290 
PRO CG  CD   sing N N 291 
PRO CG  HG2  sing N N 292 
PRO CG  HG3  sing N N 293 
PRO CD  HD2  sing N N 294 
PRO CD  HD3  sing N N 295 
PRO OXT HXT  sing N N 296 
SER N   CA   sing N N 297 
SER N   H    sing N N 298 
SER N   H2   sing N N 299 
SER CA  C    sing N N 300 
SER CA  CB   sing N N 301 
SER CA  HA   sing N N 302 
SER C   O    doub N N 303 
SER C   OXT  sing N N 304 
SER CB  OG   sing N N 305 
SER CB  HB2  sing N N 306 
SER CB  HB3  sing N N 307 
SER OG  HG   sing N N 308 
SER OXT HXT  sing N N 309 
THR N   CA   sing N N 310 
THR N   H    sing N N 311 
THR N   H2   sing N N 312 
THR CA  C    sing N N 313 
THR CA  CB   sing N N 314 
THR CA  HA   sing N N 315 
THR C   O    doub N N 316 
THR C   OXT  sing N N 317 
THR CB  OG1  sing N N 318 
THR CB  CG2  sing N N 319 
THR CB  HB   sing N N 320 
THR OG1 HG1  sing N N 321 
THR CG2 HG21 sing N N 322 
THR CG2 HG22 sing N N 323 
THR CG2 HG23 sing N N 324 
THR OXT HXT  sing N N 325 
TRP N   CA   sing N N 326 
TRP N   H    sing N N 327 
TRP N   H2   sing N N 328 
TRP CA  C    sing N N 329 
TRP CA  CB   sing N N 330 
TRP CA  HA   sing N N 331 
TRP C   O    doub N N 332 
TRP C   OXT  sing N N 333 
TRP CB  CG   sing N N 334 
TRP CB  HB2  sing N N 335 
TRP CB  HB3  sing N N 336 
TRP CG  CD1  doub Y N 337 
TRP CG  CD2  sing Y N 338 
TRP CD1 NE1  sing Y N 339 
TRP CD1 HD1  sing N N 340 
TRP CD2 CE2  doub Y N 341 
TRP CD2 CE3  sing Y N 342 
TRP NE1 CE2  sing Y N 343 
TRP NE1 HE1  sing N N 344 
TRP CE2 CZ2  sing Y N 345 
TRP CE3 CZ3  doub Y N 346 
TRP CE3 HE3  sing N N 347 
TRP CZ2 CH2  doub Y N 348 
TRP CZ2 HZ2  sing N N 349 
TRP CZ3 CH2  sing Y N 350 
TRP CZ3 HZ3  sing N N 351 
TRP CH2 HH2  sing N N 352 
TRP OXT HXT  sing N N 353 
TYR N   CA   sing N N 354 
TYR N   H    sing N N 355 
TYR N   H2   sing N N 356 
TYR CA  C    sing N N 357 
TYR CA  CB   sing N N 358 
TYR CA  HA   sing N N 359 
TYR C   O    doub N N 360 
TYR C   OXT  sing N N 361 
TYR CB  CG   sing N N 362 
TYR CB  HB2  sing N N 363 
TYR CB  HB3  sing N N 364 
TYR CG  CD1  doub Y N 365 
TYR CG  CD2  sing Y N 366 
TYR CD1 CE1  sing Y N 367 
TYR CD1 HD1  sing N N 368 
TYR CD2 CE2  doub Y N 369 
TYR CD2 HD2  sing N N 370 
TYR CE1 CZ   doub Y N 371 
TYR CE1 HE1  sing N N 372 
TYR CE2 CZ   sing Y N 373 
TYR CE2 HE2  sing N N 374 
TYR CZ  OH   sing N N 375 
TYR OH  HH   sing N N 376 
TYR OXT HXT  sing N N 377 
VAL N   CA   sing N N 378 
VAL N   H    sing N N 379 
VAL N   H2   sing N N 380 
VAL CA  C    sing N N 381 
VAL CA  CB   sing N N 382 
VAL CA  HA   sing N N 383 
VAL C   O    doub N N 384 
VAL C   OXT  sing N N 385 
VAL CB  CG1  sing N N 386 
VAL CB  CG2  sing N N 387 
VAL CB  HB   sing N N 388 
VAL CG1 HG11 sing N N 389 
VAL CG1 HG12 sing N N 390 
VAL CG1 HG13 sing N N 391 
VAL CG2 HG21 sing N N 392 
VAL CG2 HG22 sing N N 393 
VAL CG2 HG23 sing N N 394 
VAL OXT HXT  sing N N 395 
# 
_atom_sites.entry_id                    2QNT 
_atom_sites.fract_transf_matrix[1][1]   0.01111540 
_atom_sites.fract_transf_matrix[1][2]   -0.00803958 
_atom_sites.fract_transf_matrix[1][3]   -0.01437325 
_atom_sites.fract_transf_matrix[2][1]   0.00807854 
_atom_sites.fract_transf_matrix[2][2]   0.01777277 
_atom_sites.fract_transf_matrix[2][3]   -0.00369363 
_atom_sites.fract_transf_matrix[3][1]   0.00687413 
_atom_sites.fract_transf_matrix[3][2]   -0.00180946 
_atom_sites.fract_transf_matrix[3][3]   0.00632815 
_atom_sites.fract_transf_vector[1]      0.072737 
_atom_sites.fract_transf_vector[2]      -0.098509 
_atom_sites.fract_transf_vector[3]      0.451871 
# 
loop_
_atom_type.symbol 
C  
N  
O  
S  
SE 
# 
loop_
_atom_site.group_PDB 
_atom_site.id 
_atom_site.type_symbol 
_atom_site.label_atom_id 
_atom_site.label_alt_id 
_atom_site.label_comp_id 
_atom_site.label_asym_id 
_atom_site.label_entity_id 
_atom_site.label_seq_id 
_atom_site.pdbx_PDB_ins_code 
_atom_site.Cartn_x 
_atom_site.Cartn_y 
_atom_site.Cartn_z 
_atom_site.occupancy 
_atom_site.B_iso_or_equiv 
_atom_site.pdbx_formal_charge 
_atom_site.auth_seq_id 
_atom_site.auth_comp_id 
_atom_site.auth_asym_id 
_atom_site.auth_atom_id 
_atom_site.pdbx_PDB_model_num 
ATOM   1    N  N   . ASN A 1 1   ? 22.691  8.215   -1.367  1.00 21.02 ? -5  ASN A N   1 
ATOM   2    C  CA  . ASN A 1 1   ? 23.648  9.221   -0.814  1.00 20.29 ? -5  ASN A CA  1 
ATOM   3    C  C   . ASN A 1 1   ? 24.280  8.746   0.510   1.00 20.03 ? -5  ASN A C   1 
ATOM   4    O  O   . ASN A 1 1   ? 23.666  8.864   1.577   1.00 22.52 ? -5  ASN A O   1 
ATOM   5    C  CB  . ASN A 1 1   ? 22.929  10.566  -0.638  1.00 19.63 ? -5  ASN A CB  1 
ATOM   6    C  CG  . ASN A 1 1   ? 23.845  11.665  -0.139  1.00 20.02 ? -5  ASN A CG  1 
ATOM   7    O  OD1 . ASN A 1 1   ? 25.040  11.456  0.033   1.00 20.03 ? -5  ASN A OD1 1 
ATOM   8    N  ND2 . ASN A 1 1   ? 23.278  12.843  0.095   1.00 19.30 ? -5  ASN A ND2 1 
ATOM   9    N  N   . LEU A 1 2   ? 25.515  8.236   0.441   1.00 20.65 ? -4  LEU A N   1 
ATOM   10   C  CA  . LEU A 1 2   ? 26.261  7.793   1.624   1.00 20.91 ? -4  LEU A CA  1 
ATOM   11   C  C   . LEU A 1 2   ? 26.583  8.909   2.607   1.00 20.28 ? -4  LEU A C   1 
ATOM   12   O  O   . LEU A 1 2   ? 26.988  8.635   3.740   1.00 21.48 ? -4  LEU A O   1 
ATOM   13   C  CB  . LEU A 1 2   ? 27.593  7.142   1.203   1.00 20.92 ? -4  LEU A CB  1 
ATOM   14   C  CG  . LEU A 1 2   ? 27.540  5.758   0.558   1.00 22.46 ? -4  LEU A CG  1 
ATOM   15   C  CD1 . LEU A 1 2   ? 28.922  5.341   0.043   1.00 20.77 ? -4  LEU A CD1 1 
ATOM   16   C  CD2 . LEU A 1 2   ? 27.001  4.749   1.547   1.00 22.94 ? -4  LEU A CD2 1 
ATOM   17   N  N   . TYR A 1 3   ? 26.408  10.150  2.186   1.00 18.80 ? -3  TYR A N   1 
ATOM   18   C  CA  . TYR A 1 3   ? 26.864  11.310  2.927   1.00 17.44 ? -3  TYR A CA  1 
ATOM   19   C  C   . TYR A 1 3   ? 25.721  12.102  3.506   1.00 16.00 ? -3  TYR A C   1 
ATOM   20   O  O   . TYR A 1 3   ? 25.933  13.176  4.073   1.00 16.35 ? -3  TYR A O   1 
ATOM   21   C  CB  . TYR A 1 3   ? 27.716  12.203  2.027   1.00 15.97 ? -3  TYR A CB  1 
ATOM   22   C  CG  . TYR A 1 3   ? 28.773  11.405  1.283   1.00 13.92 ? -3  TYR A CG  1 
ATOM   23   C  CD1 . TYR A 1 3   ? 29.777  10.761  1.946   1.00 16.40 ? -3  TYR A CD1 1 
ATOM   24   C  CD2 . TYR A 1 3   ? 28.728  11.244  -0.068  1.00 14.61 ? -3  TYR A CD2 1 
ATOM   25   C  CE1 . TYR A 1 3   ? 30.728  9.965   1.251   1.00 14.94 ? -3  TYR A CE1 1 
ATOM   26   C  CE2 . TYR A 1 3   ? 29.679  10.462  -0.751  1.00 13.58 ? -3  TYR A CE2 1 
ATOM   27   C  CZ  . TYR A 1 3   ? 30.657  9.811   -0.109  1.00 11.92 ? -3  TYR A CZ  1 
ATOM   28   O  OH  . TYR A 1 3   ? 31.578  9.070   -0.825  1.00 11.60 ? -3  TYR A OH  1 
ATOM   29   N  N   . PHE A 1 4   ? 24.511  11.561  3.408   1.00 16.53 ? -2  PHE A N   1 
ATOM   30   C  CA  . PHE A 1 4   ? 23.369  12.239  3.966   1.00 15.30 ? -2  PHE A CA  1 
ATOM   31   C  C   . PHE A 1 4   ? 23.478  12.149  5.476   1.00 15.24 ? -2  PHE A C   1 
ATOM   32   O  O   . PHE A 1 4   ? 23.615  11.075  6.029   1.00 16.52 ? -2  PHE A O   1 
ATOM   33   C  CB  . PHE A 1 4   ? 22.039  11.614  3.506   1.00 16.39 ? -2  PHE A CB  1 
ATOM   34   C  CG  . PHE A 1 4   ? 20.820  12.324  4.050   1.00 17.52 ? -2  PHE A CG  1 
ATOM   35   C  CD1 . PHE A 1 4   ? 20.408  13.544  3.511   1.00 19.33 ? -2  PHE A CD1 1 
ATOM   36   C  CD2 . PHE A 1 4   ? 20.090  11.788  5.101   1.00 17.04 ? -2  PHE A CD2 1 
ATOM   37   C  CE1 . PHE A 1 4   ? 19.286  14.197  4.014   1.00 18.10 ? -2  PHE A CE1 1 
ATOM   38   C  CE2 . PHE A 1 4   ? 18.986  12.443  5.615   1.00 16.76 ? -2  PHE A CE2 1 
ATOM   39   C  CZ  . PHE A 1 4   ? 18.578  13.642  5.070   1.00 17.51 ? -2  PHE A CZ  1 
ATOM   40   N  N   . GLN A 1 5   ? 23.379  13.279  6.137   1.00 15.57 ? -1  GLN A N   1 
ATOM   41   C  CA  . GLN A 1 5   ? 23.482  13.315  7.571   1.00 16.53 ? -1  GLN A CA  1 
ATOM   42   C  C   . GLN A 1 5   ? 22.046  13.484  8.119   1.00 17.07 ? -1  GLN A C   1 
ATOM   43   O  O   . GLN A 1 5   ? 21.107  13.872  7.425   1.00 18.02 ? -1  GLN A O   1 
ATOM   44   C  CB  . GLN A 1 5   ? 24.495  14.409  8.002   1.00 17.84 ? -1  GLN A CB  1 
ATOM   45   C  CG  . GLN A 1 5   ? 25.897  14.296  7.349   1.00 18.72 ? -1  GLN A CG  1 
ATOM   46   C  CD  . GLN A 1 5   ? 26.847  13.347  8.082   1.00 21.37 ? -1  GLN A CD  1 
ATOM   47   O  OE1 . GLN A 1 5   ? 26.593  12.135  8.178   1.00 23.02 ? -1  GLN A OE1 1 
ATOM   48   N  NE2 . GLN A 1 5   ? 27.980  13.897  8.576   1.00 18.35 ? -1  GLN A NE2 1 
ATOM   49   N  N   . GLY A 1 6   ? 21.859  13.139  9.353   1.00 16.84 ? 0   GLY A N   1 
ATOM   50   C  CA  . GLY A 1 6   ? 20.532  13.313  9.920   1.00 14.74 ? 0   GLY A CA  1 
ATOM   51   C  C   . GLY A 1 6   ? 19.505  12.275  9.464   1.00 12.75 ? 0   GLY A C   1 
ATOM   52   O  O   . GLY A 1 6   ? 19.855  11.198  9.005   1.00 12.94 ? 0   GLY A O   1 
HETATM 53   N  N   . MSE A 1 7   ? 18.218  12.605  9.642   1.00 11.46 ? 1   MSE A N   1 
HETATM 54   C  CA  . MSE A 1 7   ? 17.150  11.620  9.603   1.00 11.48 ? 1   MSE A CA  1 
HETATM 55   C  C   . MSE A 1 7   ? 16.489  11.531  8.252   1.00 11.21 ? 1   MSE A C   1 
HETATM 56   O  O   . MSE A 1 7   ? 16.218  12.555  7.642   1.00 12.38 ? 1   MSE A O   1 
HETATM 57   C  CB  . MSE A 1 7   ? 16.083  12.008  10.652  1.00 11.44 ? 1   MSE A CB  1 
HETATM 58   C  CG  . MSE A 1 7   ? 15.035  10.997  10.894  1.00 12.19 ? 1   MSE A CG  1 
HETATM 59   SE SE  . MSE A 1 7   ? 15.668  9.427   11.830  0.70 12.71 ? 1   MSE A SE  1 
HETATM 60   C  CE  . MSE A 1 7   ? 15.595  10.125  13.661  1.00 13.50 ? 1   MSE A CE  1 
ATOM   61   N  N   . ARG A 1 8   ? 16.216  10.306  7.811   1.00 11.35 ? 2   ARG A N   1 
ATOM   62   C  CA  . ARG A 1 8   ? 15.554  10.071  6.531   1.00 12.33 ? 2   ARG A CA  1 
ATOM   63   C  C   . ARG A 1 8   ? 14.417  9.091   6.744   1.00 12.30 ? 2   ARG A C   1 
ATOM   64   O  O   . ARG A 1 8   ? 14.628  8.019   7.309   1.00 13.12 ? 2   ARG A O   1 
ATOM   65   C  CB  . ARG A 1 8   ? 16.558  9.483   5.506   1.00 14.08 ? 2   ARG A CB  1 
ATOM   66   C  CG  . ARG A 1 8   ? 16.059  9.222   4.087   0.50 13.79 ? 2   ARG A CG  1 
ATOM   67   C  CD  . ARG A 1 8   ? 17.225  8.883   3.157   0.50 15.74 ? 2   ARG A CD  1 
ATOM   68   N  NE  . ARG A 1 8   ? 17.708  7.511   3.323   0.50 18.69 ? 2   ARG A NE  1 
ATOM   69   C  CZ  . ARG A 1 8   ? 17.205  6.443   2.700   0.50 19.07 ? 2   ARG A CZ  1 
ATOM   70   N  NH1 . ARG A 1 8   ? 17.736  5.246   2.921   0.50 20.35 ? 2   ARG A NH1 1 
ATOM   71   N  NH2 . ARG A 1 8   ? 16.164  6.546   1.882   0.50 20.51 ? 2   ARG A NH2 1 
ATOM   72   N  N   . PHE A 1 9   ? 13.225  9.449   6.275   1.00 10.61 ? 3   PHE A N   1 
ATOM   73   C  CA  . PHE A 1 9   ? 12.143  8.476   6.191   1.00 9.64  ? 3   PHE A CA  1 
ATOM   74   C  C   . PHE A 1 9   ? 12.418  7.549   5.012   1.00 10.61 ? 3   PHE A C   1 
ATOM   75   O  O   . PHE A 1 9   ? 12.684  8.007   3.924   1.00 11.44 ? 3   PHE A O   1 
ATOM   76   C  CB  . PHE A 1 9   ? 10.810  9.179   5.998   1.00 9.84  ? 3   PHE A CB  1 
ATOM   77   C  CG  . PHE A 1 9   ? 9.641   8.220   5.972   1.00 8.00  ? 3   PHE A CG  1 
ATOM   78   C  CD1 . PHE A 1 9   ? 8.872   8.083   4.857   1.00 7.34  ? 3   PHE A CD1 1 
ATOM   79   C  CD2 . PHE A 1 9   ? 9.379   7.402   7.060   1.00 9.37  ? 3   PHE A CD2 1 
ATOM   80   C  CE1 . PHE A 1 9   ? 7.828   7.181   4.835   1.00 7.92  ? 3   PHE A CE1 1 
ATOM   81   C  CE2 . PHE A 1 9   ? 8.340   6.514   7.034   1.00 9.55  ? 3   PHE A CE2 1 
ATOM   82   C  CZ  . PHE A 1 9   ? 7.562   6.408   5.941   1.00 8.71  ? 3   PHE A CZ  1 
ATOM   83   N  N   . VAL A 1 10  ? 12.331  6.251   5.243   1.00 10.42 ? 4   VAL A N   1 
ATOM   84   C  CA  . VAL A 1 10  ? 12.618  5.262   4.238   1.00 10.53 ? 4   VAL A CA  1 
ATOM   85   C  C   . VAL A 1 10  ? 11.356  4.617   3.711   1.00 9.68  ? 4   VAL A C   1 
ATOM   86   O  O   . VAL A 1 10  ? 11.034  4.744   2.528   1.00 11.07 ? 4   VAL A O   1 
ATOM   87   C  CB  . VAL A 1 10  ? 13.650  4.246   4.726   1.00 10.75 ? 4   VAL A CB  1 
ATOM   88   C  CG1 . VAL A 1 10  ? 13.908  3.204   3.641   1.00 12.10 ? 4   VAL A CG1 1 
ATOM   89   C  CG2 . VAL A 1 10  ? 14.980  4.987   5.081   1.00 12.76 ? 4   VAL A CG2 1 
ATOM   90   N  N   . ASN A 1 11  ? 10.579  3.949   4.571   1.00 8.54  ? 5   ASN A N   1 
ATOM   91   C  CA  A ASN A 1 11  ? 9.373   3.203   4.120   0.50 8.79  ? 5   ASN A CA  1 
ATOM   92   C  CA  B ASN A 1 11  ? 9.278   3.532   4.083   0.50 8.92  ? 5   ASN A CA  1 
ATOM   93   C  C   . ASN A 1 11  ? 8.277   3.222   5.173   1.00 8.41  ? 5   ASN A C   1 
ATOM   94   O  O   . ASN A 1 11  ? 8.605   2.940   6.305   1.00 8.82  ? 5   ASN A O   1 
ATOM   95   C  CB  A ASN A 1 11  ? 9.667   1.697   3.934   0.50 8.99  ? 5   ASN A CB  1 
ATOM   96   C  CB  B ASN A 1 11  ? 9.392   2.413   3.042   0.50 8.61  ? 5   ASN A CB  1 
ATOM   97   C  CG  A ASN A 1 11  ? 10.716  1.397   2.869   0.50 10.10 ? 5   ASN A CG  1 
ATOM   98   C  CG  B ASN A 1 11  ? 10.236  1.294   3.524   0.50 8.99  ? 5   ASN A CG  1 
ATOM   99   O  OD1 A ASN A 1 11  ? 10.511  1.659   1.683   0.50 12.34 ? 5   ASN A OD1 1 
ATOM   100  O  OD1 B ASN A 1 11  ? 10.219  0.946   4.724   0.50 11.72 ? 5   ASN A OD1 1 
ATOM   101  N  ND2 A ASN A 1 11  ? 11.811  0.771   3.289   0.50 12.78 ? 5   ASN A ND2 1 
ATOM   102  N  ND2 B ASN A 1 11  ? 11.007  0.729   2.621   0.50 9.73  ? 5   ASN A ND2 1 
ATOM   103  N  N   . PRO A 1 12  ? 7.016   3.331   4.792   1.00 7.40  ? 6   PRO A N   1 
ATOM   104  C  CA  . PRO A 1 12  ? 5.979   2.807   5.651   1.00 7.71  ? 6   PRO A CA  1 
ATOM   105  C  C   . PRO A 1 12  ? 5.906   1.316   5.402   1.00 8.69  ? 6   PRO A C   1 
ATOM   106  O  O   . PRO A 1 12  ? 6.149   0.852   4.295   1.00 9.31  ? 6   PRO A O   1 
ATOM   107  C  CB  . PRO A 1 12  ? 4.713   3.450   5.108   1.00 8.85  ? 6   PRO A CB  1 
ATOM   108  C  CG  . PRO A 1 12  ? 4.960   3.601   3.675   1.00 8.94  ? 6   PRO A CG  1 
ATOM   109  C  CD  . PRO A 1 12  ? 6.460   3.779   3.495   1.00 8.89  ? 6   PRO A CD  1 
ATOM   110  N  N   . ILE A 1 13  ? 5.491   0.567   6.426   1.00 7.99  ? 7   ILE A N   1 
ATOM   111  C  CA  . ILE A 1 13  ? 5.396   -0.879  6.327   1.00 8.19  ? 7   ILE A CA  1 
ATOM   112  C  C   . ILE A 1 13  ? 4.057   -1.302  6.931   1.00 8.11  ? 7   ILE A C   1 
ATOM   113  O  O   . ILE A 1 13  ? 3.979   -1.701  8.080   1.00 8.97  ? 7   ILE A O   1 
ATOM   114  C  CB  . ILE A 1 13  ? 6.565   -1.602  7.000   1.00 8.31  ? 7   ILE A CB  1 
ATOM   115  C  CG1 . ILE A 1 13  ? 7.909   -1.026  6.561   1.00 7.69  ? 7   ILE A CG1 1 
ATOM   116  C  CG2 . ILE A 1 13  ? 6.471   -3.100  6.677   1.00 9.04  ? 7   ILE A CG2 1 
ATOM   117  C  CD1 . ILE A 1 13  ? 9.130   -1.581  7.323   1.00 9.82  ? 7   ILE A CD1 1 
ATOM   118  N  N   . PRO A 1 14  ? 2.956   -1.191  6.156   1.00 8.57  ? 8   PRO A N   1 
ATOM   119  C  CA  . PRO A 1 14  ? 1.684   -1.760  6.593   1.00 8.51  ? 8   PRO A CA  1 
ATOM   120  C  C   . PRO A 1 14  ? 1.814   -3.250  6.824   1.00 8.73  ? 8   PRO A C   1 
ATOM   121  O  O   . PRO A 1 14  ? 2.496   -3.959  6.064   1.00 8.81  ? 8   PRO A O   1 
ATOM   122  C  CB  . PRO A 1 14  ? 0.725   -1.453  5.447   1.00 8.85  ? 8   PRO A CB  1 
ATOM   123  C  CG  . PRO A 1 14  ? 1.437   -0.481  4.582   1.00 12.27 ? 8   PRO A CG  1 
ATOM   124  C  CD  . PRO A 1 14  ? 2.870   -0.564  4.825   1.00 8.86  ? 8   PRO A CD  1 
ATOM   125  N  N   . PHE A 1 15  ? 1.113   -3.727  7.847   1.00 8.25  ? 9   PHE A N   1 
ATOM   126  C  CA  . PHE A 1 15  ? 1.078   -5.155  8.162   1.00 8.18  ? 9   PHE A CA  1 
ATOM   127  C  C   . PHE A 1 15  ? -0.004  -5.825  7.336   1.00 8.30  ? 9   PHE A C   1 
ATOM   128  O  O   . PHE A 1 15  ? -1.076  -5.279  7.116   1.00 8.57  ? 9   PHE A O   1 
ATOM   129  C  CB  . PHE A 1 15  ? 0.727   -5.376  9.612   1.00 8.14  ? 9   PHE A CB  1 
ATOM   130  C  CG  . PHE A 1 15  ? 1.754   -4.880  10.625  1.00 8.70  ? 9   PHE A CG  1 
ATOM   131  C  CD1 . PHE A 1 15  ? 2.908   -4.202  10.250  1.00 8.95  ? 9   PHE A CD1 1 
ATOM   132  C  CD2 . PHE A 1 15  ? 1.489   -5.015  11.973  1.00 9.37  ? 9   PHE A CD2 1 
ATOM   133  C  CE1 . PHE A 1 15  ? 3.808   -3.716  11.217  1.00 9.90  ? 9   PHE A CE1 1 
ATOM   134  C  CE2 . PHE A 1 15  ? 2.404   -4.515  12.932  1.00 9.11  ? 9   PHE A CE2 1 
ATOM   135  C  CZ  . PHE A 1 15  ? 3.531   -3.877  12.535  1.00 9.89  ? 9   PHE A CZ  1 
ATOM   136  N  N   . VAL A 1 16  ? 0.300   -7.016  6.841   1.00 8.37  ? 10  VAL A N   1 
ATOM   137  C  CA  . VAL A 1 16  ? -0.634  -7.781  5.996   1.00 8.96  ? 10  VAL A CA  1 
ATOM   138  C  C   . VAL A 1 16  ? -0.759  -9.208  6.490   1.00 9.27  ? 10  VAL A C   1 
ATOM   139  O  O   . VAL A 1 16  ? 0.176   -9.769  7.055   1.00 9.49  ? 10  VAL A O   1 
ATOM   140  C  CB  . VAL A 1 16  ? -0.237  -7.725  4.487   1.00 8.54  ? 10  VAL A CB  1 
ATOM   141  C  CG1 . VAL A 1 16  ? -0.125  -6.259  4.039   1.00 9.45  ? 10  VAL A CG1 1 
ATOM   142  C  CG2 . VAL A 1 16  ? 1.066   -8.488  4.197   1.00 9.75  ? 10  VAL A CG2 1 
ATOM   143  N  N   . ARG A 1 17  ? -1.931  -9.807  6.292   1.00 9.51  ? 11  ARG A N   1 
ATOM   144  C  CA  . ARG A 1 17  ? -2.176  -11.180 6.753   1.00 11.12 ? 11  ARG A CA  1 
ATOM   145  C  C   . ARG A 1 17  ? -1.515  -12.224 5.851   1.00 11.06 ? 11  ARG A C   1 
ATOM   146  O  O   . ARG A 1 17  ? -1.058  -13.269 6.338   1.00 11.81 ? 11  ARG A O   1 
ATOM   147  C  CB  . ARG A 1 17  ? -3.681  -11.441 6.858   1.00 12.50 ? 11  ARG A CB  1 
ATOM   148  C  CG  . ARG A 1 17  ? -4.105  -12.652 7.611   1.00 14.76 ? 11  ARG A CG  1 
ATOM   149  C  CD  . ARG A 1 17  ? -5.641  -12.745 7.653   0.30 13.88 ? 11  ARG A CD  1 
ATOM   150  N  NE  . ARG A 1 17  ? -6.210  -11.975 8.766   0.30 16.03 ? 11  ARG A NE  1 
ATOM   151  C  CZ  . ARG A 1 17  ? -7.497  -11.638 8.882   0.30 16.29 ? 11  ARG A CZ  1 
ATOM   152  N  NH1 . ARG A 1 17  ? -8.378  -11.983 7.951   0.30 16.47 ? 11  ARG A NH1 1 
ATOM   153  N  NH2 . ARG A 1 17  ? -7.908  -10.939 9.935   0.30 16.01 ? 11  ARG A NH2 1 
ATOM   154  N  N   . ASP A 1 18  ? -1.422  -11.929 4.562   1.00 13.56 ? 12  ASP A N   1 
ATOM   155  C  CA  . ASP A 1 18  ? -0.971  -12.906 3.563   1.00 13.62 ? 12  ASP A CA  1 
ATOM   156  C  C   . ASP A 1 18  ? -0.104  -12.137 2.580   1.00 14.53 ? 12  ASP A C   1 
ATOM   157  O  O   . ASP A 1 18  ? -0.604  -11.325 1.811   1.00 15.05 ? 12  ASP A O   1 
ATOM   158  C  CB  . ASP A 1 18  ? -2.203  -13.542 2.890   1.00 14.59 ? 12  ASP A CB  1 
ATOM   159  C  CG  . ASP A 1 18  ? -1.861  -14.623 1.903   1.00 15.40 ? 12  ASP A CG  1 
ATOM   160  O  OD1 . ASP A 1 18  ? -0.982  -14.467 1.051   1.00 18.05 ? 12  ASP A OD1 1 
ATOM   161  O  OD2 . ASP A 1 18  ? -2.505  -15.678 1.981   1.00 22.15 ? 12  ASP A OD2 1 
ATOM   162  N  N   . ILE A 1 19  ? 1.203   -12.355 2.633   1.00 15.02 ? 13  ILE A N   1 
ATOM   163  C  CA  . ILE A 1 19  ? 2.129   -11.613 1.783   1.00 14.88 ? 13  ILE A CA  1 
ATOM   164  C  C   . ILE A 1 19  ? 1.914   -11.891 0.285   1.00 15.54 ? 13  ILE A C   1 
ATOM   165  O  O   . ILE A 1 19  ? 2.002   -10.992 -0.539  1.00 15.95 ? 13  ILE A O   1 
ATOM   166  C  CB  . ILE A 1 19  ? 3.606   -11.870 2.212   1.00 14.89 ? 13  ILE A CB  1 
ATOM   167  C  CG1 . ILE A 1 19  ? 4.534   -10.747 1.738   1.00 16.52 ? 13  ILE A CG1 1 
ATOM   168  C  CG2 . ILE A 1 19  ? 4.104   -13.266 1.788   1.00 14.51 ? 13  ILE A CG2 1 
ATOM   169  C  CD1 . ILE A 1 19  ? 4.322   -9.395  2.421   1.00 13.17 ? 13  ILE A CD1 1 
ATOM   170  N  N   . ASN A 1 20  ? 1.568   -13.113 -0.067  1.00 15.44 ? 14  ASN A N   1 
ATOM   171  C  CA  . ASN A 1 20  ? 1.313   -13.397 -1.472  1.00 15.80 ? 14  ASN A CA  1 
ATOM   172  C  C   . ASN A 1 20  ? 0.087   -12.680 -2.029  1.00 15.34 ? 14  ASN A C   1 
ATOM   173  O  O   . ASN A 1 20  ? 0.141   -12.112 -3.133  1.00 16.68 ? 14  ASN A O   1 
ATOM   174  C  CB  . ASN A 1 20  ? 1.254   -14.916 -1.662  1.00 16.06 ? 14  ASN A CB  1 
ATOM   175  C  CG  . ASN A 1 20  ? 2.573   -15.575 -1.301  1.00 20.33 ? 14  ASN A CG  1 
ATOM   176  O  OD1 . ASN A 1 20  ? 3.638   -15.038 -1.608  1.00 23.49 ? 14  ASN A OD1 1 
ATOM   177  N  ND2 . ASN A 1 20  ? 2.512   -16.715 -0.615  1.00 25.86 ? 14  ASN A ND2 1 
ATOM   178  N  N   . ARG A 1 21  ? -0.997  -12.657 -1.261  1.00 15.65 ? 15  ARG A N   1 
ATOM   179  C  CA  A ARG A 1 21  ? -2.236  -11.944 -1.598  0.50 15.68 ? 15  ARG A CA  1 
ATOM   180  C  CA  B ARG A 1 21  ? -2.201  -11.971 -1.735  0.50 15.47 ? 15  ARG A CA  1 
ATOM   181  C  C   . ARG A 1 21  ? -1.926  -10.472 -1.826  1.00 15.41 ? 15  ARG A C   1 
ATOM   182  O  O   . ARG A 1 21  ? -2.317  -9.860  -2.805  1.00 15.56 ? 15  ARG A O   1 
ATOM   183  C  CB  A ARG A 1 21  ? -3.213  -12.103 -0.418  0.50 15.54 ? 15  ARG A CB  1 
ATOM   184  C  CB  B ARG A 1 21  ? -3.412  -12.292 -0.857  0.50 15.25 ? 15  ARG A CB  1 
ATOM   185  C  CG  A ARG A 1 21  ? -4.443  -11.202 -0.376  0.50 16.70 ? 15  ARG A CG  1 
ATOM   186  C  CG  B ARG A 1 21  ? -4.655  -11.415 -1.041  0.50 16.08 ? 15  ARG A CG  1 
ATOM   187  C  CD  A ARG A 1 21  ? -5.504  -11.684 0.666   0.50 16.44 ? 15  ARG A CD  1 
ATOM   188  C  CD  B ARG A 1 21  ? -5.767  -11.976 -1.869  0.50 19.19 ? 15  ARG A CD  1 
ATOM   189  N  NE  A ARG A 1 21  ? -5.298  -11.141 2.023   0.50 15.21 ? 15  ARG A NE  1 
ATOM   190  N  NE  B ARG A 1 21  ? -6.991  -11.191 -1.666  0.50 19.22 ? 15  ARG A NE  1 
ATOM   191  C  CZ  A ARG A 1 21  ? -6.278  -10.761 2.840   0.50 15.94 ? 15  ARG A CZ  1 
ATOM   192  C  CZ  B ARG A 1 21  ? -7.405  -10.156 -2.399  0.50 18.71 ? 15  ARG A CZ  1 
ATOM   193  N  NH1 A ARG A 1 21  ? -7.556  -10.887 2.482   0.50 15.52 ? 15  ARG A NH1 1 
ATOM   194  N  NH1 B ARG A 1 21  ? -6.718  -9.710  -3.445  0.50 17.54 ? 15  ARG A NH1 1 
ATOM   195  N  NH2 A ARG A 1 21  ? -5.989  -10.225 4.029   0.50 15.99 ? 15  ARG A NH2 1 
ATOM   196  N  NH2 B ARG A 1 21  ? -8.541  -9.540  -2.074  0.50 19.80 ? 15  ARG A NH2 1 
ATOM   197  N  N   A SER A 1 22  ? -1.228  -9.892  -0.865  0.50 15.10 ? 16  SER A N   1 
ATOM   198  N  N   B SER A 1 22  ? -1.221  -9.905  -0.856  0.50 15.48 ? 16  SER A N   1 
ATOM   199  C  CA  A SER A 1 22  ? -0.888  -8.485  -0.941  0.50 14.96 ? 16  SER A CA  1 
ATOM   200  C  CA  B SER A 1 22  ? -0.894  -8.481  -0.911  0.50 15.73 ? 16  SER A CA  1 
ATOM   201  C  C   A SER A 1 22  ? 0.068   -8.193  -2.083  0.50 15.31 ? 16  SER A C   1 
ATOM   202  C  C   B SER A 1 22  ? 0.146   -8.121  -1.979  0.50 15.75 ? 16  SER A C   1 
ATOM   203  O  O   A SER A 1 22  ? -0.190  -7.283  -2.898  0.50 14.77 ? 16  SER A O   1 
ATOM   204  O  O   B SER A 1 22  ? 0.062   -7.057  -2.598  0.50 15.33 ? 16  SER A O   1 
ATOM   205  C  CB  A SER A 1 22  ? -0.310  -8.027  0.387   0.50 14.94 ? 16  SER A CB  1 
ATOM   206  C  CB  B SER A 1 22  ? -0.436  -7.989  0.461   0.50 15.84 ? 16  SER A CB  1 
ATOM   207  O  OG  A SER A 1 22  ? -1.277  -8.193  1.404   0.50 13.01 ? 16  SER A OG  1 
ATOM   208  O  OG  B SER A 1 22  ? -0.386  -6.574  0.479   0.50 17.61 ? 16  SER A OG  1 
ATOM   209  N  N   . LYS A 1 23  ? 1.145   -8.973  -2.173  1.00 15.79 ? 17  LYS A N   1 
ATOM   210  C  CA  . LYS A 1 23  ? 2.144   -8.759  -3.226  1.00 16.50 ? 17  LYS A CA  1 
ATOM   211  C  C   . LYS A 1 23  ? 1.473   -8.740  -4.611  1.00 16.02 ? 17  LYS A C   1 
ATOM   212  O  O   . LYS A 1 23  ? 1.722   -7.859  -5.438  1.00 16.28 ? 17  LYS A O   1 
ATOM   213  C  CB  . LYS A 1 23  ? 3.218   -9.840  -3.152  1.00 18.38 ? 17  LYS A CB  1 
ATOM   214  C  CG  . LYS A 1 23  ? 4.260   -9.830  -4.249  1.00 18.48 ? 17  LYS A CG  1 
ATOM   215  C  CD  . LYS A 1 23  ? 5.395   -10.764 -3.883  1.00 18.88 ? 17  LYS A CD  1 
ATOM   216  C  CE  . LYS A 1 23  ? 4.970   -12.216 -4.018  1.00 20.21 ? 17  LYS A CE  1 
ATOM   217  N  NZ  . LYS A 1 23  ? 6.130   -13.134 -3.888  1.00 18.51 ? 17  LYS A NZ  1 
ATOM   218  N  N   . SER A 1 24  ? 0.613   -9.739  -4.832  1.00 15.90 ? 18  SER A N   1 
ATOM   219  C  CA  A SER A 1 24  ? -0.102  -9.871  -6.093  0.50 15.70 ? 18  SER A CA  1 
ATOM   220  C  CA  B SER A 1 24  ? -0.078  -9.861  -6.106  0.50 15.89 ? 18  SER A CA  1 
ATOM   221  C  C   . SER A 1 24  ? -1.051  -8.685  -6.330  1.00 16.06 ? 18  SER A C   1 
ATOM   222  O  O   . SER A 1 24  ? -1.171  -8.183  -7.427  1.00 16.49 ? 18  SER A O   1 
ATOM   223  C  CB  A SER A 1 24  ? -0.870  -11.189 -6.140  0.50 15.86 ? 18  SER A CB  1 
ATOM   224  C  CB  B SER A 1 24  ? -0.752  -11.234 -6.258  0.50 16.16 ? 18  SER A CB  1 
ATOM   225  O  OG  A SER A 1 24  ? 0.007   -12.300 -6.094  0.50 15.77 ? 18  SER A OG  1 
ATOM   226  O  OG  B SER A 1 24  ? -1.846  -11.429 -5.381  0.50 18.34 ? 18  SER A OG  1 
ATOM   227  N  N   . PHE A 1 25  ? -1.729  -8.228  -5.281  1.00 15.85 ? 19  PHE A N   1 
ATOM   228  C  CA  . PHE A 1 25  ? -2.582  -7.046  -5.395  1.00 15.73 ? 19  PHE A CA  1 
ATOM   229  C  C   . PHE A 1 25  ? -1.785  -5.804  -5.826  1.00 16.60 ? 19  PHE A C   1 
ATOM   230  O  O   . PHE A 1 25  ? -2.142  -5.114  -6.803  1.00 16.33 ? 19  PHE A O   1 
ATOM   231  C  CB  . PHE A 1 25  ? -3.243  -6.793  -4.046  1.00 17.04 ? 19  PHE A CB  1 
ATOM   232  C  CG  . PHE A 1 25  ? -4.101  -5.568  -4.001  1.00 16.09 ? 19  PHE A CG  1 
ATOM   233  C  CD1 . PHE A 1 25  ? -5.390  -5.628  -4.438  1.00 17.36 ? 19  PHE A CD1 1 
ATOM   234  C  CD2 . PHE A 1 25  ? -3.630  -4.376  -3.502  1.00 16.29 ? 19  PHE A CD2 1 
ATOM   235  C  CE1 . PHE A 1 25  ? -6.207  -4.529  -4.386  1.00 18.80 ? 19  PHE A CE1 1 
ATOM   236  C  CE2 . PHE A 1 25  ? -4.440  -3.266  -3.483  1.00 16.66 ? 19  PHE A CE2 1 
ATOM   237  C  CZ  . PHE A 1 25  ? -5.738  -3.363  -3.899  1.00 17.21 ? 19  PHE A CZ  1 
ATOM   238  N  N   . TYR A 1 26  ? -0.716  -5.501  -5.086  1.00 15.84 ? 20  TYR A N   1 
ATOM   239  C  CA  . TYR A 1 26  ? 0.045   -4.262  -5.360  1.00 15.45 ? 20  TYR A CA  1 
ATOM   240  C  C   . TYR A 1 26  ? 0.772   -4.314  -6.691  1.00 15.55 ? 20  TYR A C   1 
ATOM   241  O  O   . TYR A 1 26  ? 0.846   -3.307  -7.405  1.00 15.43 ? 20  TYR A O   1 
ATOM   242  C  CB  . TYR A 1 26  ? 0.978   -3.914  -4.183  1.00 14.69 ? 20  TYR A CB  1 
ATOM   243  C  CG  . TYR A 1 26  ? 0.245   -3.328  -3.005  1.00 13.73 ? 20  TYR A CG  1 
ATOM   244  C  CD1 . TYR A 1 26  ? -0.045  -4.065  -1.867  1.00 13.35 ? 20  TYR A CD1 1 
ATOM   245  C  CD2 . TYR A 1 26  ? -0.177  -2.025  -3.053  1.00 14.41 ? 20  TYR A CD2 1 
ATOM   246  C  CE1 . TYR A 1 26  ? -0.721  -3.514  -0.813  1.00 12.97 ? 20  TYR A CE1 1 
ATOM   247  C  CE2 . TYR A 1 26  ? -0.855  -1.448  -2.021  1.00 13.96 ? 20  TYR A CE2 1 
ATOM   248  C  CZ  . TYR A 1 26  ? -1.144  -2.183  -0.874  1.00 13.64 ? 20  TYR A CZ  1 
ATOM   249  O  OH  . TYR A 1 26  ? -1.831  -1.560  0.159   1.00 12.74 ? 20  TYR A OH  1 
ATOM   250  N  N   A ARG A 1 27  ? 1.298   -5.485  -7.049  0.50 14.82 ? 21  ARG A N   1 
ATOM   251  N  N   B ARG A 1 27  ? 1.287   -5.498  -7.011  0.50 15.27 ? 21  ARG A N   1 
ATOM   252  C  CA  A ARG A 1 27  ? 2.002   -5.657  -8.339  0.50 15.72 ? 21  ARG A CA  1 
ATOM   253  C  CA  B ARG A 1 27  ? 1.962   -5.771  -8.280  0.50 16.22 ? 21  ARG A CA  1 
ATOM   254  C  C   A ARG A 1 27  ? 1.003   -5.805  -9.493  0.50 16.16 ? 21  ARG A C   1 
ATOM   255  C  C   B ARG A 1 27  ? 0.954   -5.760  -9.419  0.50 16.13 ? 21  ARG A C   1 
ATOM   256  O  O   A ARG A 1 27  ? 1.129   -5.073  -10.489 0.50 17.75 ? 21  ARG A O   1 
ATOM   257  O  O   B ARG A 1 27  ? 1.009   -4.884  -10.292 0.50 16.27 ? 21  ARG A O   1 
ATOM   258  C  CB  A ARG A 1 27  ? 3.018   -6.823  -8.289  0.50 15.66 ? 21  ARG A CB  1 
ATOM   259  C  CB  B ARG A 1 27  ? 2.667   -7.133  -8.204  0.50 16.23 ? 21  ARG A CB  1 
ATOM   260  C  CG  A ARG A 1 27  ? 4.009   -6.872  -9.489  0.50 14.44 ? 21  ARG A CG  1 
ATOM   261  C  CG  B ARG A 1 27  ? 3.476   -7.471  -9.438  0.50 16.00 ? 21  ARG A CG  1 
ATOM   262  C  CD  A ARG A 1 27  ? 4.883   -8.139  -9.460  0.50 14.82 ? 21  ARG A CD  1 
ATOM   263  C  CD  B ARG A 1 27  ? 3.404   -8.961  -9.792  0.50 17.39 ? 21  ARG A CD  1 
ATOM   264  N  NE  A ARG A 1 27  ? 4.035   -9.312  -9.284  0.50 13.40 ? 21  ARG A NE  1 
ATOM   265  N  NE  B ARG A 1 27  ? 3.599   -9.871  -8.662  0.50 20.43 ? 21  ARG A NE  1 
ATOM   266  C  CZ  A ARG A 1 27  ? 4.389   -10.452 -8.681  0.50 13.78 ? 21  ARG A CZ  1 
ATOM   267  C  CZ  B ARG A 1 27  ? 2.830   -10.928 -8.361  0.50 19.31 ? 21  ARG A CZ  1 
ATOM   268  N  NH1 A ARG A 1 27  ? 3.501   -11.429 -8.583  0.50 13.38 ? 21  ARG A NH1 1 
ATOM   269  N  NH1 B ARG A 1 27  ? 1.754   -11.247 -9.074  0.50 18.74 ? 21  ARG A NH1 1 
ATOM   270  N  NH2 A ARG A 1 27  ? 5.609   -10.640 -8.178  0.50 16.07 ? 21  ARG A NH2 1 
ATOM   271  N  NH2 B ARG A 1 27  ? 3.134   -11.675 -7.314  0.50 20.61 ? 21  ARG A NH2 1 
ATOM   272  N  N   . ASP A 1 28  ? -0.007  -6.675  -9.371  1.00 17.23 ? 22  ASP A N   1 
ATOM   273  C  CA  . ASP A 1 28  ? -0.934  -6.942  -10.530 1.00 17.79 ? 22  ASP A CA  1 
ATOM   274  C  C   . ASP A 1 28  ? -2.017  -5.907  -10.752 1.00 18.55 ? 22  ASP A C   1 
ATOM   275  O  O   . ASP A 1 28  ? -2.398  -5.617  -11.889 1.00 19.69 ? 22  ASP A O   1 
ATOM   276  C  CB  . ASP A 1 28  ? -1.725  -8.268  -10.424 1.00 18.85 ? 22  ASP A CB  1 
ATOM   277  C  CG  . ASP A 1 28  ? -0.861  -9.506  -10.473 1.00 19.20 ? 22  ASP A CG  1 
ATOM   278  O  OD1 . ASP A 1 28  ? 0.384   -9.380  -10.603 1.00 22.50 ? 22  ASP A OD1 1 
ATOM   279  O  OD2 . ASP A 1 28  ? -1.467  -10.595 -10.329 1.00 19.82 ? 22  ASP A OD2 1 
ATOM   280  N  N   . ARG A 1 29  ? -2.581  -5.395  -9.661  1.00 17.97 ? 23  ARG A N   1 
ATOM   281  C  CA  . ARG A 1 29  ? -3.680  -4.465  -9.789  1.00 17.49 ? 23  ARG A CA  1 
ATOM   282  C  C   . ARG A 1 29  ? -3.151  -3.051  -9.792  1.00 17.16 ? 23  ARG A C   1 
ATOM   283  O  O   . ARG A 1 29  ? -3.536  -2.288  -10.653 1.00 18.15 ? 23  ARG A O   1 
ATOM   284  C  CB  . ARG A 1 29  ? -4.804  -4.686  -8.744  1.00 16.63 ? 23  ARG A CB  1 
ATOM   285  C  CG  . ARG A 1 29  ? -5.504  -6.022  -8.816  1.00 18.26 ? 23  ARG A CG  1 
ATOM   286  C  CD  . ARG A 1 29  ? -6.071  -6.297  -10.193 1.00 15.87 ? 23  ARG A CD  1 
ATOM   287  N  NE  . ARG A 1 29  ? -6.919  -7.474  -10.239 1.00 15.95 ? 23  ARG A NE  1 
ATOM   288  C  CZ  . ARG A 1 29  ? -7.366  -8.014  -11.358 1.00 14.92 ? 23  ARG A CZ  1 
ATOM   289  N  NH1 . ARG A 1 29  ? -7.071  -7.476  -12.534 1.00 15.84 ? 23  ARG A NH1 1 
ATOM   290  N  NH2 . ARG A 1 29  ? -8.134  -9.082  -11.297 1.00 15.02 ? 23  ARG A NH2 1 
ATOM   291  N  N   . LEU A 1 30  ? -2.274  -2.699  -8.837  1.00 18.03 ? 24  LEU A N   1 
ATOM   292  C  CA  . LEU A 1 30  ? -1.797  -1.307  -8.782  1.00 17.45 ? 24  LEU A CA  1 
ATOM   293  C  C   . LEU A 1 30  ? -0.604  -1.043  -9.678  1.00 17.32 ? 24  LEU A C   1 
ATOM   294  O  O   . LEU A 1 30  ? -0.298  0.105   -9.931  1.00 17.73 ? 24  LEU A O   1 
ATOM   295  C  CB  . LEU A 1 30  ? -1.485  -0.857  -7.360  1.00 17.58 ? 24  LEU A CB  1 
ATOM   296  C  CG  . LEU A 1 30  ? -2.695  -0.254  -6.663  1.00 20.02 ? 24  LEU A CG  1 
ATOM   297  C  CD1 . LEU A 1 30  ? -3.840  -1.260  -6.627  1.00 21.12 ? 24  LEU A CD1 1 
ATOM   298  C  CD2 . LEU A 1 30  ? -2.286  0.228   -5.286  1.00 18.59 ? 24  LEU A CD2 1 
ATOM   299  N  N   . GLY A 1 31  ? 0.030   -2.074  -10.230 1.00 17.33 ? 25  GLY A N   1 
ATOM   300  C  CA  . GLY A 1 31  ? 1.142   -1.869  -11.138 1.00 17.67 ? 25  GLY A CA  1 
ATOM   301  C  C   . GLY A 1 31  ? 2.438   -1.455  -10.467 1.00 18.06 ? 25  GLY A C   1 
ATOM   302  O  O   . GLY A 1 31  ? 3.295   -0.841  -11.099 1.00 18.11 ? 25  GLY A O   1 
ATOM   303  N  N   . LEU A 1 32  ? 2.612   -1.779  -9.188  1.00 19.01 ? 26  LEU A N   1 
ATOM   304  C  CA  . LEU A 1 32  ? 3.882   -1.501  -8.527  1.00 19.39 ? 26  LEU A CA  1 
ATOM   305  C  C   . LEU A 1 32  ? 4.909   -2.529  -8.960  1.00 20.46 ? 26  LEU A C   1 
ATOM   306  O  O   . LEU A 1 32  ? 4.536   -3.617  -9.387  1.00 22.61 ? 26  LEU A O   1 
ATOM   307  C  CB  . LEU A 1 32  ? 3.725   -1.535  -7.006  1.00 19.35 ? 26  LEU A CB  1 
ATOM   308  C  CG  . LEU A 1 32  ? 2.709   -0.603  -6.389  1.00 19.87 ? 26  LEU A CG  1 
ATOM   309  C  CD1 . LEU A 1 32  ? 2.922   -0.577  -4.881  1.00 20.00 ? 26  LEU A CD1 1 
ATOM   310  C  CD2 . LEU A 1 32  ? 2.872   0.795   -6.985  1.00 21.18 ? 26  LEU A CD2 1 
ATOM   311  N  N   . LYS A 1 33  ? 6.182   -2.150  -8.901  1.00 21.00 ? 27  LYS A N   1 
ATOM   312  C  CA  . LYS A 1 33  ? 7.307   -3.006  -9.306  1.00 20.42 ? 27  LYS A CA  1 
ATOM   313  C  C   . LYS A 1 33  ? 8.060   -3.419  -8.057  1.00 19.68 ? 27  LYS A C   1 
ATOM   314  O  O   . LYS A 1 33  ? 8.395   -2.571  -7.217  1.00 20.38 ? 27  LYS A O   1 
ATOM   315  C  CB  . LYS A 1 33  ? 8.240   -2.234  -10.233 1.00 21.48 ? 27  LYS A CB  1 
ATOM   316  C  CG  . LYS A 1 33  ? 7.539   -1.707  -11.451 1.00 24.01 ? 27  LYS A CG  1 
ATOM   317  C  CD  . LYS A 1 33  ? 6.987   -2.828  -12.316 1.00 26.00 ? 27  LYS A CD  1 
ATOM   318  C  CE  . LYS A 1 33  ? 6.149   -2.273  -13.462 0.20 24.48 ? 27  LYS A CE  1 
ATOM   319  N  NZ  . LYS A 1 33  ? 6.921   -1.321  -14.309 0.20 24.57 ? 27  LYS A NZ  1 
ATOM   320  N  N   . ILE A 1 34  ? 8.263   -4.711  -7.884  1.00 19.03 ? 28  ILE A N   1 
ATOM   321  C  CA  . ILE A 1 34  ? 9.054   -5.195  -6.768  1.00 19.41 ? 28  ILE A CA  1 
ATOM   322  C  C   . ILE A 1 34  ? 10.526  -4.819  -6.904  1.00 20.29 ? 28  ILE A C   1 
ATOM   323  O  O   . ILE A 1 34  ? 11.157  -5.091  -7.940  1.00 19.68 ? 28  ILE A O   1 
ATOM   324  C  CB  . ILE A 1 34  ? 8.888   -6.703  -6.581  1.00 19.42 ? 28  ILE A CB  1 
ATOM   325  C  CG1 . ILE A 1 34  ? 7.425   -6.976  -6.176  1.00 19.93 ? 28  ILE A CG1 1 
ATOM   326  C  CG2 . ILE A 1 34  ? 9.862   -7.212  -5.527  1.00 18.86 ? 28  ILE A CG2 1 
ATOM   327  C  CD1 . ILE A 1 34  ? 7.045   -8.394  -6.019  1.00 20.50 ? 28  ILE A CD1 1 
ATOM   328  N  N   . LEU A 1 35  ? 11.070  -4.163  -5.882  1.00 20.50 ? 29  LEU A N   1 
ATOM   329  C  CA  . LEU A 1 35  ? 12.512  -3.888  -5.765  1.00 20.57 ? 29  LEU A CA  1 
ATOM   330  C  C   . LEU A 1 35  ? 13.258  -5.067  -5.141  1.00 19.80 ? 29  LEU A C   1 
ATOM   331  O  O   . LEU A 1 35  ? 14.285  -5.531  -5.673  1.00 20.67 ? 29  LEU A O   1 
ATOM   332  C  CB  . LEU A 1 35  ? 12.705  -2.588  -4.981  1.00 21.36 ? 29  LEU A CB  1 
ATOM   333  C  CG  . LEU A 1 35  ? 14.095  -2.123  -4.596  1.00 23.34 ? 29  LEU A CG  1 
ATOM   334  C  CD1 . LEU A 1 35  ? 14.921  -1.919  -5.871  1.00 28.16 ? 29  LEU A CD1 1 
ATOM   335  C  CD2 . LEU A 1 35  ? 13.973  -0.811  -3.813  1.00 24.36 ? 29  LEU A CD2 1 
ATOM   336  N  N   . GLU A 1 36  ? 12.733  -5.583  -4.026  1.00 17.55 ? 30  GLU A N   1 
ATOM   337  C  CA  A GLU A 1 36  ? 13.253  -6.815  -3.457  0.50 17.98 ? 30  GLU A CA  1 
ATOM   338  C  CA  B GLU A 1 36  ? 13.296  -6.741  -3.318  0.50 18.11 ? 30  GLU A CA  1 
ATOM   339  C  C   . GLU A 1 36  ? 12.192  -7.548  -2.654  1.00 17.32 ? 30  GLU A C   1 
ATOM   340  O  O   . GLU A 1 36  ? 11.350  -6.956  -1.988  1.00 17.61 ? 30  GLU A O   1 
ATOM   341  C  CB  A GLU A 1 36  ? 14.515  -6.560  -2.633  0.50 17.72 ? 30  GLU A CB  1 
ATOM   342  C  CB  B GLU A 1 36  ? 14.223  -6.243  -2.215  0.50 18.30 ? 30  GLU A CB  1 
ATOM   343  C  CG  A GLU A 1 36  ? 15.345  -7.820  -2.448  0.50 17.82 ? 30  GLU A CG  1 
ATOM   344  C  CG  B GLU A 1 36  ? 15.268  -7.233  -1.792  0.50 19.93 ? 30  GLU A CG  1 
ATOM   345  C  CD  A GLU A 1 36  ? 16.685  -7.572  -1.785  0.50 17.93 ? 30  GLU A CD  1 
ATOM   346  C  CD  B GLU A 1 36  ? 16.497  -7.163  -2.657  0.50 21.96 ? 30  GLU A CD  1 
ATOM   347  O  OE1 A GLU A 1 36  ? 16.982  -6.404  -1.455  0.50 18.07 ? 30  GLU A OE1 1 
ATOM   348  O  OE1 B GLU A 1 36  ? 17.549  -6.727  -2.146  0.50 24.59 ? 30  GLU A OE1 1 
ATOM   349  O  OE2 A GLU A 1 36  ? 17.440  -8.553  -1.620  0.50 16.56 ? 30  GLU A OE2 1 
ATOM   350  O  OE2 B GLU A 1 36  ? 16.409  -7.526  -3.843  0.50 23.54 ? 30  GLU A OE2 1 
ATOM   351  N  N   . ASP A 1 37  ? 12.215  -8.863  -2.766  1.00 17.42 ? 31  ASP A N   1 
ATOM   352  C  CA  . ASP A 1 37  ? 11.241  -9.752  -2.169  1.00 16.75 ? 31  ASP A CA  1 
ATOM   353  C  C   . ASP A 1 37  ? 12.041  -10.629 -1.226  1.00 16.74 ? 31  ASP A C   1 
ATOM   354  O  O   . ASP A 1 37  ? 12.886  -11.393 -1.668  1.00 16.25 ? 31  ASP A O   1 
ATOM   355  C  CB  . ASP A 1 37  ? 10.512  -10.567 -3.249  1.00 17.37 ? 31  ASP A CB  1 
ATOM   356  C  CG  . ASP A 1 37  ? 9.394   -11.443 -2.695  1.00 18.68 ? 31  ASP A CG  1 
ATOM   357  O  OD1 . ASP A 1 37  ? 9.364   -11.744 -1.489  1.00 19.52 ? 31  ASP A OD1 1 
ATOM   358  O  OD2 . ASP A 1 37  ? 8.536   -11.863 -3.501  1.00 23.94 ? 31  ASP A OD2 1 
ATOM   359  N  N   . PHE A 1 38  ? 11.801  -10.480 0.072   1.00 15.91 ? 32  PHE A N   1 
ATOM   360  C  CA  . PHE A 1 38  ? 12.486  -11.274 1.079   1.00 16.30 ? 32  PHE A CA  1 
ATOM   361  C  C   . PHE A 1 38  ? 11.637  -12.445 1.593   1.00 16.49 ? 32  PHE A C   1 
ATOM   362  O  O   . PHE A 1 38  ? 12.111  -13.235 2.413   1.00 19.41 ? 32  PHE A O   1 
ATOM   363  C  CB  . PHE A 1 38  ? 12.823  -10.404 2.287   1.00 15.39 ? 32  PHE A CB  1 
ATOM   364  C  CG  . PHE A 1 38  ? 13.767  -9.277  2.012   1.00 14.67 ? 32  PHE A CG  1 
ATOM   365  C  CD1 . PHE A 1 38  ? 13.298  -8.017  1.666   1.00 16.28 ? 32  PHE A CD1 1 
ATOM   366  C  CD2 . PHE A 1 38  ? 15.140  -9.465  2.160   1.00 16.27 ? 32  PHE A CD2 1 
ATOM   367  C  CE1 . PHE A 1 38  ? 14.207  -6.978  1.453   1.00 15.47 ? 32  PHE A CE1 1 
ATOM   368  C  CE2 . PHE A 1 38  ? 16.027  -8.420  1.915   1.00 14.99 ? 32  PHE A CE2 1 
ATOM   369  C  CZ  . PHE A 1 38  ? 15.542  -7.182  1.585   1.00 16.73 ? 32  PHE A CZ  1 
ATOM   370  N  N   . GLY A 1 39  ? 10.428  -12.604 1.071   1.00 16.40 ? 33  GLY A N   1 
ATOM   371  C  CA  . GLY A 1 39  ? 9.493   -13.599 1.563   1.00 16.25 ? 33  GLY A CA  1 
ATOM   372  C  C   . GLY A 1 39  ? 8.438   -12.907 2.405   1.00 16.58 ? 33  GLY A C   1 
ATOM   373  O  O   . GLY A 1 39  ? 7.371   -12.574 1.919   1.00 19.20 ? 33  GLY A O   1 
ATOM   374  N  N   A SER A 1 40  ? 8.748   -12.673 3.676   0.50 15.74 ? 34  SER A N   1 
ATOM   375  N  N   B SER A 1 40  ? 8.741   -12.669 3.676   0.50 15.49 ? 34  SER A N   1 
ATOM   376  C  CA  A SER A 1 40  ? 7.784   -12.062 4.605   0.50 15.37 ? 34  SER A CA  1 
ATOM   377  C  CA  B SER A 1 40  ? 7.769   -12.056 4.593   0.50 14.95 ? 34  SER A CA  1 
ATOM   378  C  C   A SER A 1 40  ? 7.716   -10.544 4.458   0.50 14.28 ? 34  SER A C   1 
ATOM   379  C  C   B SER A 1 40  ? 7.660   -10.543 4.383   0.50 13.99 ? 34  SER A C   1 
ATOM   380  O  O   A SER A 1 40  ? 6.887   -9.912  5.095   0.50 13.97 ? 34  SER A O   1 
ATOM   381  O  O   B SER A 1 40  ? 6.726   -9.918  4.860   0.50 13.81 ? 34  SER A O   1 
ATOM   382  C  CB  A SER A 1 40  ? 8.113   -12.409 6.065   0.50 15.73 ? 34  SER A CB  1 
ATOM   383  C  CB  B SER A 1 40  ? 8.146   -12.338 6.049   0.50 15.10 ? 34  SER A CB  1 
ATOM   384  O  OG  A SER A 1 40  ? 9.328   -11.817 6.504   0.50 18.12 ? 34  SER A OG  1 
ATOM   385  O  OG  B SER A 1 40  ? 8.220   -13.739 6.289   0.50 15.44 ? 34  SER A OG  1 
ATOM   386  N  N   . PHE A 1 41  ? 8.604   -9.975  3.652   1.00 14.58 ? 35  PHE A N   1 
ATOM   387  C  CA  . PHE A 1 41  ? 8.737   -8.511  3.495   1.00 14.22 ? 35  PHE A CA  1 
ATOM   388  C  C   . PHE A 1 41  ? 8.992   -8.255  2.043   1.00 14.30 ? 35  PHE A C   1 
ATOM   389  O  O   . PHE A 1 41  ? 9.823   -8.912  1.438   1.00 14.99 ? 35  PHE A O   1 
ATOM   390  C  CB  . PHE A 1 41  ? 9.925   -8.044  4.359   1.00 13.65 ? 35  PHE A CB  1 
ATOM   391  C  CG  . PHE A 1 41  ? 10.253  -6.549  4.323   1.00 14.10 ? 35  PHE A CG  1 
ATOM   392  C  CD1 . PHE A 1 41  ? 11.577  -6.109  4.130   1.00 15.08 ? 35  PHE A CD1 1 
ATOM   393  C  CD2 . PHE A 1 41  ? 9.278   -5.587  4.516   1.00 14.69 ? 35  PHE A CD2 1 
ATOM   394  C  CE1 . PHE A 1 41  ? 11.873  -4.748  4.131   1.00 16.41 ? 35  PHE A CE1 1 
ATOM   395  C  CE2 . PHE A 1 41  ? 9.596   -4.240  4.553   1.00 13.91 ? 35  PHE A CE2 1 
ATOM   396  C  CZ  . PHE A 1 41  ? 10.878  -3.804  4.342   1.00 15.02 ? 35  PHE A CZ  1 
ATOM   397  N  N   . VAL A 1 42  ? 8.285   -7.288  1.478   1.00 14.09 ? 36  VAL A N   1 
ATOM   398  C  CA  . VAL A 1 42  ? 8.442   -6.923  0.096   1.00 14.21 ? 36  VAL A CA  1 
ATOM   399  C  C   . VAL A 1 42  ? 8.632   -5.414  -0.009  1.00 14.32 ? 36  VAL A C   1 
ATOM   400  O  O   . VAL A 1 42  ? 7.845   -4.642  0.525   1.00 13.80 ? 36  VAL A O   1 
ATOM   401  C  CB  . VAL A 1 42  ? 7.206   -7.377  -0.762  1.00 15.09 ? 36  VAL A CB  1 
ATOM   402  C  CG1 . VAL A 1 42  ? 7.399   -6.987  -2.236  1.00 16.82 ? 36  VAL A CG1 1 
ATOM   403  C  CG2 . VAL A 1 42  ? 6.951   -8.885  -0.638  1.00 15.64 ? 36  VAL A CG2 1 
ATOM   404  N  N   . LEU A 1 43  ? 9.707   -5.014  -0.686  1.00 14.93 ? 37  LEU A N   1 
ATOM   405  C  CA  . LEU A 1 43  ? 9.980   -3.622  -1.007  1.00 15.09 ? 37  LEU A CA  1 
ATOM   406  C  C   . LEU A 1 43  ? 9.597   -3.372  -2.448  1.00 14.99 ? 37  LEU A C   1 
ATOM   407  O  O   . LEU A 1 43  ? 10.023  -4.123  -3.346  1.00 15.18 ? 37  LEU A O   1 
ATOM   408  C  CB  . LEU A 1 43  ? 11.457  -3.317  -0.897  1.00 16.16 ? 37  LEU A CB  1 
ATOM   409  C  CG  . LEU A 1 43  ? 12.128  -3.390  0.435   1.00 19.12 ? 37  LEU A CG  1 
ATOM   410  C  CD1 . LEU A 1 43  ? 13.595  -3.117  0.280   1.00 21.73 ? 37  LEU A CD1 1 
ATOM   411  C  CD2 . LEU A 1 43  ? 11.511  -2.368  1.352   1.00 20.69 ? 37  LEU A CD2 1 
ATOM   412  N  N   . PHE A 1 44  ? 8.848   -2.298  -2.661  1.00 14.50 ? 38  PHE A N   1 
ATOM   413  C  CA  . PHE A 1 44  ? 8.500   -1.851  -3.994  1.00 14.72 ? 38  PHE A CA  1 
ATOM   414  C  C   . PHE A 1 44  ? 9.283   -0.616  -4.399  1.00 15.72 ? 38  PHE A C   1 
ATOM   415  O  O   . PHE A 1 44  ? 9.738   0.150   -3.559  1.00 17.65 ? 38  PHE A O   1 
ATOM   416  C  CB  . PHE A 1 44  ? 7.016   -1.548  -4.120  1.00 14.86 ? 38  PHE A CB  1 
ATOM   417  C  CG  . PHE A 1 44  ? 6.132   -2.733  -3.876  1.00 15.49 ? 38  PHE A CG  1 
ATOM   418  C  CD1 . PHE A 1 44  ? 5.652   -3.027  -2.604  1.00 16.76 ? 38  PHE A CD1 1 
ATOM   419  C  CD2 . PHE A 1 44  ? 5.769   -3.563  -4.916  1.00 15.37 ? 38  PHE A CD2 1 
ATOM   420  C  CE1 . PHE A 1 44  ? 4.845   -4.124  -2.390  1.00 18.03 ? 38  PHE A CE1 1 
ATOM   421  C  CE2 . PHE A 1 44  ? 4.964   -4.673  -4.691  1.00 16.09 ? 38  PHE A CE2 1 
ATOM   422  C  CZ  . PHE A 1 44  ? 4.497   -4.942  -3.435  1.00 16.85 ? 38  PHE A CZ  1 
ATOM   423  N  N   . GLU A 1 45  ? 9.400   -0.415  -5.706  1.00 15.57 ? 39  GLU A N   1 
ATOM   424  C  CA  . GLU A 1 45  ? 9.915   0.844   -6.236  1.00 16.44 ? 39  GLU A CA  1 
ATOM   425  C  C   . GLU A 1 45  ? 8.940   1.953   -5.777  1.00 16.14 ? 39  GLU A C   1 
ATOM   426  O  O   . GLU A 1 45  ? 7.735   1.731   -5.570  1.00 19.10 ? 39  GLU A O   1 
ATOM   427  C  CB  . GLU A 1 45  ? 10.042  0.797   -7.766  1.00 16.84 ? 39  GLU A CB  1 
ATOM   428  C  CG  . GLU A 1 45  ? 11.033  -0.248  -8.288  1.00 17.47 ? 39  GLU A CG  1 
ATOM   429  C  CD  . GLU A 1 45  ? 11.227  -0.227  -9.803  1.00 18.22 ? 39  GLU A CD  1 
ATOM   430  O  OE1 . GLU A 1 45  ? 10.652  0.659   -10.471 1.00 20.16 ? 39  GLU A OE1 1 
ATOM   431  O  OE2 . GLU A 1 45  ? 11.958  -1.105  -10.333 1.00 20.01 ? 39  GLU A OE2 1 
ATOM   432  N  N   . THR A 1 46  ? 9.504   3.118   -5.575  1.00 14.98 ? 40  THR A N   1 
ATOM   433  C  CA  . THR A 1 46  ? 8.874   4.344   -5.176  1.00 14.45 ? 40  THR A CA  1 
ATOM   434  C  C   . THR A 1 46  ? 8.572   4.403   -3.679  1.00 13.88 ? 40  THR A C   1 
ATOM   435  O  O   . THR A 1 46  ? 7.868   5.278   -3.238  1.00 14.88 ? 40  THR A O   1 
ATOM   436  C  CB  . THR A 1 46  ? 7.669   4.772   -6.095  1.00 14.54 ? 40  THR A CB  1 
ATOM   437  O  OG1 . THR A 1 46  ? 6.496   3.993   -5.839  1.00 14.57 ? 40  THR A OG1 1 
ATOM   438  C  CG2 . THR A 1 46  ? 8.044   4.666   -7.585  1.00 16.02 ? 40  THR A CG2 1 
ATOM   439  N  N   . GLY A 1 47  ? 9.191   3.531   -2.903  1.00 13.80 ? 41  GLY A N   1 
ATOM   440  C  CA  . GLY A 1 47  ? 9.256   3.661   -1.451  1.00 13.49 ? 41  GLY A CA  1 
ATOM   441  C  C   . GLY A 1 47  ? 8.121   3.040   -0.660  1.00 12.93 ? 41  GLY A C   1 
ATOM   442  O  O   . GLY A 1 47  ? 7.855   3.481   0.446   1.00 16.58 ? 41  GLY A O   1 
ATOM   443  N  N   . PHE A 1 48  ? 7.388   2.130   -1.259  1.00 13.30 ? 42  PHE A N   1 
ATOM   444  C  CA  . PHE A 1 48  ? 6.331   1.438   -0.556  1.00 11.58 ? 42  PHE A CA  1 
ATOM   445  C  C   . PHE A 1 48  ? 6.845   0.049   -0.168  1.00 11.64 ? 42  PHE A C   1 
ATOM   446  O  O   . PHE A 1 48  ? 7.725   -0.508  -0.815  1.00 11.08 ? 42  PHE A O   1 
ATOM   447  C  CB  . PHE A 1 48  ? 5.118   1.308   -1.482  1.00 12.53 ? 42  PHE A CB  1 
ATOM   448  C  CG  . PHE A 1 48  ? 3.889   0.766   -0.822  1.00 11.82 ? 42  PHE A CG  1 
ATOM   449  C  CD1 . PHE A 1 48  ? 3.358   -0.472  -1.203  1.00 11.73 ? 42  PHE A CD1 1 
ATOM   450  C  CD2 . PHE A 1 48  ? 3.296   1.426   0.239   1.00 12.51 ? 42  PHE A CD2 1 
ATOM   451  C  CE1 . PHE A 1 48  ? 2.253   -0.996  -0.597  1.00 12.58 ? 42  PHE A CE1 1 
ATOM   452  C  CE2 . PHE A 1 48  ? 2.190   0.895   0.862   1.00 13.17 ? 42  PHE A CE2 1 
ATOM   453  C  CZ  . PHE A 1 48  ? 1.669   -0.332  0.448   1.00 12.62 ? 42  PHE A CZ  1 
ATOM   454  N  N   . ALA A 1 49  ? 6.307   -0.479  0.925   1.00 11.42 ? 43  ALA A N   1 
ATOM   455  C  CA  . ALA A 1 49  ? 6.686   -1.803  1.403   1.00 10.85 ? 43  ALA A CA  1 
ATOM   456  C  C   . ALA A 1 49  ? 5.543   -2.431  2.167   1.00 11.07 ? 43  ALA A C   1 
ATOM   457  O  O   . ALA A 1 49  ? 4.650   -1.727  2.581   1.00 12.61 ? 43  ALA A O   1 
ATOM   458  C  CB  . ALA A 1 49  ? 7.909   -1.729  2.294   1.00 12.08 ? 43  ALA A CB  1 
ATOM   459  N  N   . ILE A 1 50  ? 5.559   -3.764  2.275   1.00 10.68 ? 44  ILE A N   1 
ATOM   460  C  CA  . ILE A 1 50  ? 4.546   -4.510  3.038   1.00 10.96 ? 44  ILE A CA  1 
ATOM   461  C  C   . ILE A 1 50  ? 5.261   -5.609  3.802   1.00 10.39 ? 44  ILE A C   1 
ATOM   462  O  O   . ILE A 1 50  ? 6.294   -6.112  3.355   1.00 11.46 ? 44  ILE A O   1 
ATOM   463  C  CB  . ILE A 1 50  ? 3.462   -5.134  2.115   1.00 11.24 ? 44  ILE A CB  1 
ATOM   464  C  CG1 . ILE A 1 50  ? 4.103   -5.965  0.995   1.00 11.14 ? 44  ILE A CG1 1 
ATOM   465  C  CG2 . ILE A 1 50  ? 2.541   -4.075  1.525   1.00 12.84 ? 44  ILE A CG2 1 
ATOM   466  C  CD1 . ILE A 1 50  ? 3.120   -6.717  0.036   1.00 12.94 ? 44  ILE A CD1 1 
ATOM   467  N  N   . HIS A 1 51  ? 4.694   -6.019  4.938   1.00 10.84 ? 45  HIS A N   1 
ATOM   468  C  CA  . HIS A 1 51  ? 5.288   -7.099  5.721   1.00 10.43 ? 45  HIS A CA  1 
ATOM   469  C  C   . HIS A 1 51  ? 4.203   -7.968  6.313   1.00 9.83  ? 45  HIS A C   1 
ATOM   470  O  O   . HIS A 1 51  ? 3.197   -7.455  6.796   1.00 10.34 ? 45  HIS A O   1 
ATOM   471  C  CB  . HIS A 1 51  ? 6.130   -6.532  6.885   1.00 11.06 ? 45  HIS A CB  1 
ATOM   472  C  CG  . HIS A 1 51  ? 7.211   -7.430  7.442   1.00 10.95 ? 45  HIS A CG  1 
ATOM   473  N  ND1 . HIS A 1 51  ? 6.986   -8.665  8.031   1.00 10.39 ? 45  HIS A ND1 1 
ATOM   474  C  CD2 . HIS A 1 51  ? 8.548   -7.219  7.530   1.00 10.14 ? 45  HIS A CD2 1 
ATOM   475  C  CE1 . HIS A 1 51  ? 8.145   -9.161  8.463   1.00 10.40 ? 45  HIS A CE1 1 
ATOM   476  N  NE2 . HIS A 1 51  ? 9.112   -8.315  8.146   1.00 10.45 ? 45  HIS A NE2 1 
ATOM   477  N  N   . GLU A 1 52  ? 4.375   -9.284  6.262   1.00 10.24 ? 46  GLU A N   1 
ATOM   478  C  CA  . GLU A 1 52  ? 3.471   -10.179 6.973   1.00 10.43 ? 46  GLU A CA  1 
ATOM   479  C  C   . GLU A 1 52  ? 3.437   -9.738  8.428   1.00 10.95 ? 46  GLU A C   1 
ATOM   480  O  O   . GLU A 1 52  ? 4.480   -9.518  9.041   1.00 10.42 ? 46  GLU A O   1 
ATOM   481  C  CB  . GLU A 1 52  ? 3.896   -11.622 6.790   1.00 11.18 ? 46  GLU A CB  1 
ATOM   482  C  CG  . GLU A 1 52  ? 2.871   -12.619 7.337   1.00 12.06 ? 46  GLU A CG  1 
ATOM   483  C  CD  . GLU A 1 52  ? 2.993   -12.836 8.833   1.00 14.59 ? 46  GLU A CD  1 
ATOM   484  O  OE1 . GLU A 1 52  ? 4.121   -12.830 9.340   1.00 13.51 ? 46  GLU A OE1 1 
ATOM   485  O  OE2 . GLU A 1 52  ? 1.960   -13.022 9.521   1.00 15.26 ? 46  GLU A OE2 1 
ATOM   486  N  N   . GLY A 1 53  ? 2.241   -9.612  8.979   1.00 10.32 ? 47  GLY A N   1 
ATOM   487  C  CA  . GLY A 1 53  ? 2.070   -8.869  10.221  1.00 10.97 ? 47  GLY A CA  1 
ATOM   488  C  C   . GLY A 1 53  ? 2.558   -9.592  11.459  1.00 11.50 ? 47  GLY A C   1 
ATOM   489  O  O   . GLY A 1 53  ? 3.170   -8.981  12.324  1.00 11.49 ? 47  GLY A O   1 
ATOM   490  N  N   . ARG A 1 54  ? 2.258   -10.878 11.591  1.00 11.49 ? 48  ARG A N   1 
ATOM   491  C  CA  . ARG A 1 54  ? 2.623   -11.574 12.825  1.00 12.67 ? 48  ARG A CA  1 
ATOM   492  C  C   . ARG A 1 54  ? 4.133   -11.633 13.017  1.00 11.76 ? 48  ARG A C   1 
ATOM   493  O  O   . ARG A 1 54  ? 4.615   -11.433 14.133  1.00 11.72 ? 48  ARG A O   1 
ATOM   494  C  CB  . ARG A 1 54  ? 2.005   -12.966 12.895  1.00 13.23 ? 48  ARG A CB  1 
ATOM   495  C  CG  . ARG A 1 54  ? 0.495   -12.891 12.818  1.00 16.95 ? 48  ARG A CG  1 
ATOM   496  C  CD  . ARG A 1 54  ? -0.248  -14.006 13.437  1.00 18.95 ? 48  ARG A CD  1 
ATOM   497  N  NE  . ARG A 1 54  ? -0.081  -14.036 14.885  1.00 23.48 ? 48  ARG A NE  1 
ATOM   498  C  CZ  . ARG A 1 54  ? -0.723  -14.865 15.701  1.00 24.03 ? 48  ARG A CZ  1 
ATOM   499  N  NH1 . ARG A 1 54  ? -1.609  -15.725 15.219  1.00 27.75 ? 48  ARG A NH1 1 
ATOM   500  N  NH2 . ARG A 1 54  ? -0.488  -14.823 17.007  1.00 24.37 ? 48  ARG A NH2 1 
ATOM   501  N  N   . SER A 1 55  ? 4.882   -11.883 11.953  1.00 10.80 ? 49  SER A N   1 
ATOM   502  C  CA  . SER A 1 55  ? 6.334   -11.928 12.064  1.00 11.54 ? 49  SER A CA  1 
ATOM   503  C  C   . SER A 1 55  ? 6.903   -10.578 12.434  1.00 11.19 ? 49  SER A C   1 
ATOM   504  O  O   . SER A 1 55  ? 7.796   -10.503 13.265  1.00 11.40 ? 49  SER A O   1 
ATOM   505  C  CB  . SER A 1 55  ? 6.985   -12.442 10.781  1.00 11.46 ? 49  SER A CB  1 
ATOM   506  O  OG  . SER A 1 55  ? 6.651   -11.679 9.659   1.00 13.42 ? 49  SER A OG  1 
ATOM   507  N  N   . LEU A 1 56  ? 6.400   -9.493  11.853  1.00 12.07 ? 50  LEU A N   1 
ATOM   508  C  CA  . LEU A 1 56  ? 6.917   -8.180  12.233  1.00 12.79 ? 50  LEU A CA  1 
ATOM   509  C  C   . LEU A 1 56  ? 6.466   -7.786  13.642  1.00 13.82 ? 50  LEU A C   1 
ATOM   510  O  O   . LEU A 1 56  ? 7.264   -7.211  14.385  1.00 13.63 ? 50  LEU A O   1 
ATOM   511  C  CB  . LEU A 1 56  ? 6.535   -7.124  11.199  1.00 12.61 ? 50  LEU A CB  1 
ATOM   512  C  CG  . LEU A 1 56  ? 7.187   -5.757  11.385  1.00 12.95 ? 50  LEU A CG  1 
ATOM   513  C  CD1 . LEU A 1 56  ? 8.716   -5.836  11.635  1.00 13.90 ? 50  LEU A CD1 1 
ATOM   514  C  CD2 . LEU A 1 56  ? 6.859   -4.887  10.177  1.00 13.00 ? 50  LEU A CD2 1 
ATOM   515  N  N   . GLU A 1 57  ? 5.231   -8.098  14.042  1.00 13.79 ? 51  GLU A N   1 
ATOM   516  C  CA  . GLU A 1 57  ? 4.816   -7.860  15.436  1.00 14.43 ? 51  GLU A CA  1 
ATOM   517  C  C   . GLU A 1 57  ? 5.736   -8.585  16.396  1.00 14.60 ? 51  GLU A C   1 
ATOM   518  O  O   . GLU A 1 57  ? 6.118   -8.029  17.435  1.00 15.35 ? 51  GLU A O   1 
ATOM   519  C  CB  . GLU A 1 57  ? 3.387   -8.309  15.697  1.00 14.58 ? 51  GLU A CB  1 
ATOM   520  C  CG  . GLU A 1 57  ? 2.306   -7.458  15.111  1.00 15.76 ? 51  GLU A CG  1 
ATOM   521  C  CD  . GLU A 1 57  ? 0.914   -7.919  15.553  1.00 18.40 ? 51  GLU A CD  1 
ATOM   522  O  OE1 . GLU A 1 57  ? 0.679   -7.942  16.793  1.00 26.27 ? 51  GLU A OE1 1 
ATOM   523  O  OE2 . GLU A 1 57  ? 0.090   -8.204  14.660  1.00 24.02 ? 51  GLU A OE2 1 
ATOM   524  N  N   . GLU A 1 58  ? 6.056   -9.843  16.125  1.00 13.60 ? 52  GLU A N   1 
ATOM   525  C  CA  . GLU A 1 58  ? 6.957   -10.579 17.026  1.00 13.80 ? 52  GLU A CA  1 
ATOM   526  C  C   . GLU A 1 58  ? 8.323   -9.930  17.066  1.00 13.56 ? 52  GLU A C   1 
ATOM   527  O  O   . GLU A 1 58  ? 8.945   -9.824  18.121  1.00 13.86 ? 52  GLU A O   1 
ATOM   528  C  CB  . GLU A 1 58  ? 7.045   -12.055 16.641  1.00 13.60 ? 52  GLU A CB  1 
ATOM   529  C  CG  . GLU A 1 58  ? 5.726   -12.809 16.785  1.00 16.89 ? 52  GLU A CG  1 
ATOM   530  C  CD  . GLU A 1 58  ? 5.444   -13.324 18.173  0.50 17.44 ? 52  GLU A CD  1 
ATOM   531  O  OE1 . GLU A 1 58  ? 6.307   -13.177 19.064  0.50 18.20 ? 52  GLU A OE1 1 
ATOM   532  O  OE2 . GLU A 1 58  ? 4.350   -13.900 18.361  0.50 17.66 ? 52  GLU A OE2 1 
ATOM   533  N  N   . THR A 1 59  ? 8.822   -9.489  15.921  1.00 13.14 ? 53  THR A N   1 
ATOM   534  C  CA  . THR A 1 59  ? 10.128  -8.788  15.885  1.00 13.56 ? 53  THR A CA  1 
ATOM   535  C  C   . THR A 1 59  ? 10.131  -7.538  16.749  1.00 13.43 ? 53  THR A C   1 
ATOM   536  O  O   . THR A 1 59  ? 11.096  -7.292  17.472  1.00 14.02 ? 53  THR A O   1 
ATOM   537  C  CB  . THR A 1 59  ? 10.503  -8.425  14.446  1.00 13.57 ? 53  THR A CB  1 
ATOM   538  O  OG1 . THR A 1 59  ? 10.791  -9.625  13.721  1.00 15.75 ? 53  THR A OG1 1 
ATOM   539  C  CG2 . THR A 1 59  ? 11.683  -7.474  14.386  1.00 14.93 ? 53  THR A CG2 1 
ATOM   540  N  N   . ILE A 1 60  ? 9.068   -6.741  16.664  1.00 13.44 ? 54  ILE A N   1 
ATOM   541  C  CA  . ILE A 1 60  ? 9.005   -5.473  17.388  1.00 13.15 ? 54  ILE A CA  1 
ATOM   542  C  C   . ILE A 1 60  ? 8.697   -5.651  18.878  1.00 12.85 ? 54  ILE A C   1 
ATOM   543  O  O   . ILE A 1 60  ? 9.415   -5.105  19.730  1.00 13.15 ? 54  ILE A O   1 
ATOM   544  C  CB  . ILE A 1 60  ? 7.958   -4.561  16.760  1.00 12.71 ? 54  ILE A CB  1 
ATOM   545  C  CG1 . ILE A 1 60  ? 8.302   -4.204  15.299  1.00 13.65 ? 54  ILE A CG1 1 
ATOM   546  C  CG2 . ILE A 1 60  ? 7.784   -3.268  17.541  1.00 12.90 ? 54  ILE A CG2 1 
ATOM   547  C  CD1 . ILE A 1 60  ? 7.132   -3.643  14.532  1.00 14.46 ? 54  ILE A CD1 1 
ATOM   548  N  N   . TRP A 1 61  ? 7.606   -6.360  19.177  1.00 12.48 ? 55  TRP A N   1 
ATOM   549  C  CA  . TRP A 1 61  ? 7.027   -6.429  20.524  1.00 12.29 ? 55  TRP A CA  1 
ATOM   550  C  C   . TRP A 1 61  ? 7.249   -7.758  21.224  1.00 12.74 ? 55  TRP A C   1 
ATOM   551  O  O   . TRP A 1 61  ? 6.905   -7.895  22.408  1.00 12.95 ? 55  TRP A O   1 
ATOM   552  C  CB  . TRP A 1 61  ? 5.526   -6.157  20.459  1.00 12.22 ? 55  TRP A CB  1 
ATOM   553  C  CG  . TRP A 1 61  ? 5.185   -4.761  20.144  1.00 12.81 ? 55  TRP A CG  1 
ATOM   554  C  CD1 . TRP A 1 61  ? 5.228   -3.691  21.009  1.00 11.86 ? 55  TRP A CD1 1 
ATOM   555  C  CD2 . TRP A 1 61  ? 4.753   -4.238  18.877  1.00 13.07 ? 55  TRP A CD2 1 
ATOM   556  N  NE1 . TRP A 1 61  ? 4.829   -2.545  20.355  1.00 11.99 ? 55  TRP A NE1 1 
ATOM   557  C  CE2 . TRP A 1 61  ? 4.524   -2.850  19.056  1.00 11.87 ? 55  TRP A CE2 1 
ATOM   558  C  CE3 . TRP A 1 61  ? 4.465   -4.811  17.627  1.00 13.50 ? 55  TRP A CE3 1 
ATOM   559  C  CZ2 . TRP A 1 61  ? 4.065   -2.036  18.028  1.00 13.29 ? 55  TRP A CZ2 1 
ATOM   560  C  CZ3 . TRP A 1 61  ? 4.033   -3.972  16.600  1.00 13.78 ? 55  TRP A CZ3 1 
ATOM   561  C  CH2 . TRP A 1 61  ? 3.841   -2.613  16.813  1.00 13.15 ? 55  TRP A CH2 1 
ATOM   562  N  N   . ARG A 1 62  ? 7.791   -8.743  20.513  1.00 11.86 ? 56  ARG A N   1 
ATOM   563  C  CA  A ARG A 1 62  ? 8.005   -10.083 21.070  0.50 12.05 ? 56  ARG A CA  1 
ATOM   564  C  CA  B ARG A 1 62  ? 8.021   -10.083 21.109  0.50 12.40 ? 56  ARG A CA  1 
ATOM   565  C  C   . ARG A 1 62  ? 6.702   -10.763 21.472  1.00 11.45 ? 56  ARG A C   1 
ATOM   566  O  O   . ARG A 1 62  ? 6.684   -11.716 22.237  1.00 12.41 ? 56  ARG A O   1 
ATOM   567  C  CB  A ARG A 1 62  ? 9.023   -10.026 22.214  0.50 12.60 ? 56  ARG A CB  1 
ATOM   568  C  CB  B ARG A 1 62  ? 8.957   -10.041 22.344  0.50 12.55 ? 56  ARG A CB  1 
ATOM   569  C  CG  A ARG A 1 62  ? 10.336  -9.358  21.783  0.50 14.62 ? 56  ARG A CG  1 
ATOM   570  C  CG  B ARG A 1 62  ? 10.429  -9.704  22.056  0.50 14.76 ? 56  ARG A CG  1 
ATOM   571  C  CD  A ARG A 1 62  ? 11.060  -10.263 20.794  0.50 18.70 ? 56  ARG A CD  1 
ATOM   572  C  CD  B ARG A 1 62  ? 11.016  -8.795  23.129  0.50 15.28 ? 56  ARG A CD  1 
ATOM   573  N  NE  A ARG A 1 62  ? 11.954  -9.555  19.879  0.50 21.64 ? 56  ARG A NE  1 
ATOM   574  N  NE  B ARG A 1 62  ? 10.422  -7.476  22.939  0.50 18.94 ? 56  ARG A NE  1 
ATOM   575  C  CZ  A ARG A 1 62  ? 12.317  -10.014 18.680  0.50 20.62 ? 56  ARG A CZ  1 
ATOM   576  C  CZ  B ARG A 1 62  ? 11.037  -6.384  22.478  0.50 19.28 ? 56  ARG A CZ  1 
ATOM   577  N  NH1 A ARG A 1 62  ? 13.146  -9.302  17.926  0.50 19.30 ? 56  ARG A NH1 1 
ATOM   578  N  NH1 B ARG A 1 62  ? 10.315  -5.289  22.335  0.50 13.37 ? 56  ARG A NH1 1 
ATOM   579  N  NH2 A ARG A 1 62  ? 11.857  -11.180 18.224  0.50 20.73 ? 56  ARG A NH2 1 
ATOM   580  N  NH2 B ARG A 1 62  ? 12.349  -6.356  22.212  0.50 18.48 ? 56  ARG A NH2 1 
ATOM   581  N  N   . THR A 1 63  ? 5.601   -10.296 20.910  1.00 7.98  ? 57  THR A N   1 
ATOM   582  C  CA  . THR A 1 63  ? 4.333   -10.971 21.085  1.00 6.08  ? 57  THR A CA  1 
ATOM   583  C  C   . THR A 1 63  ? 3.402   -10.542 19.957  1.00 5.58  ? 57  THR A C   1 
ATOM   584  O  O   . THR A 1 63  ? 3.591   -9.477  19.375  1.00 2.69  ? 57  THR A O   1 
ATOM   585  C  CB  . THR A 1 63  ? 3.715   -10.718 22.488  1.00 6.23  ? 57  THR A CB  1 
ATOM   586  O  OG1 . THR A 1 63  ? 2.501   -11.468 22.613  1.00 5.49  ? 57  THR A OG1 1 
ATOM   587  C  CG2 . THR A 1 63  ? 3.454   -9.238  22.728  1.00 4.50  ? 57  THR A CG2 1 
ATOM   588  N  N   . SER A 1 64  ? 2.451   -11.407 19.631  1.00 5.54  ? 58  SER A N   1 
ATOM   589  C  CA  . SER A 1 64  ? 1.355   -11.071 18.721  1.00 6.77  ? 58  SER A CA  1 
ATOM   590  C  C   . SER A 1 64  ? 0.185   -11.995 19.047  1.00 7.56  ? 58  SER A C   1 
ATOM   591  O  O   . SER A 1 64  ? 0.400   -13.121 19.477  1.00 7.44  ? 58  SER A O   1 
ATOM   592  C  CB  . SER A 1 64  ? 1.777   -11.249 17.253  1.00 7.11  ? 58  SER A CB  1 
ATOM   593  O  OG  . SER A 1 64  ? 1.988   -12.614 16.913  1.00 7.74  ? 58  SER A OG  1 
ATOM   594  N  N   . SER A 1 65  ? -1.039  -11.505 18.877  1.00 9.29  ? 59  SER A N   1 
ATOM   595  C  CA  . SER A 1 65  ? -2.204  -12.397 18.731  1.00 10.49 ? 59  SER A CA  1 
ATOM   596  C  C   . SER A 1 65  ? -2.634  -12.458 17.271  1.00 10.62 ? 59  SER A C   1 
ATOM   597  O  O   . SER A 1 65  ? -1.870  -12.123 16.371  1.00 11.71 ? 59  SER A O   1 
ATOM   598  C  CB  . SER A 1 65  ? -3.386  -11.936 19.580  1.00 11.06 ? 59  SER A CB  1 
ATOM   599  O  OG  . SER A 1 65  ? -4.606  -12.395 19.008  1.00 12.78 ? 59  SER A OG  1 
ATOM   600  N  N   . GLN A 1 68  ? -6.620  -11.902 15.412  1.00 15.40 ? 62  GLN A N   1 
ATOM   601  C  CA  . GLN A 1 68  ? -6.703  -10.459 15.222  1.00 15.44 ? 62  GLN A CA  1 
ATOM   602  C  C   . GLN A 1 68  ? -7.692  -10.000 14.151  1.00 15.74 ? 62  GLN A C   1 
ATOM   603  O  O   . GLN A 1 68  ? -7.936  -10.682 13.150  1.00 16.12 ? 62  GLN A O   1 
ATOM   604  C  CB  . GLN A 1 68  ? -5.342  -9.909  14.820  1.00 15.85 ? 62  GLN A CB  1 
ATOM   605  C  CG  . GLN A 1 68  ? -4.426  -9.611  15.957  1.00 15.15 ? 62  GLN A CG  1 
ATOM   606  C  CD  . GLN A 1 68  ? -3.148  -8.986  15.462  1.00 14.57 ? 62  GLN A CD  1 
ATOM   607  O  OE1 . GLN A 1 68  ? -3.176  -7.940  14.813  1.00 10.87 ? 62  GLN A OE1 1 
ATOM   608  N  NE2 . GLN A 1 68  ? -2.022  -9.611  15.772  1.00 12.08 ? 62  GLN A NE2 1 
ATOM   609  N  N   . GLU A 1 69  ? -8.224  -8.799  14.365  1.00 15.25 ? 63  GLU A N   1 
ATOM   610  C  CA  . GLU A 1 69  ? -9.070  -8.155  13.399  1.00 15.40 ? 63  GLU A CA  1 
ATOM   611  C  C   . GLU A 1 69  ? -8.190  -7.818  12.216  1.00 14.12 ? 63  GLU A C   1 
ATOM   612  O  O   . GLU A 1 69  ? -6.965  -7.908  12.284  1.00 13.71 ? 63  GLU A O   1 
ATOM   613  C  CB  . GLU A 1 69  ? -9.732  -6.891  13.978  1.00 15.29 ? 63  GLU A CB  1 
ATOM   614  C  CG  . GLU A 1 69  ? -8.771  -5.860  14.585  1.00 15.67 ? 63  GLU A CG  1 
ATOM   615  C  CD  . GLU A 1 69  ? -9.423  -4.512  14.881  1.00 15.75 ? 63  GLU A CD  1 
ATOM   616  O  OE1 . GLU A 1 69  ? -10.447 -4.167  14.254  1.00 17.82 ? 63  GLU A OE1 1 
ATOM   617  O  OE2 . GLU A 1 69  ? -8.891  -3.786  15.747  1.00 17.12 ? 63  GLU A OE2 1 
ATOM   618  N  N   . ALA A 1 70  ? -8.832  -7.463  11.117  1.00 14.47 ? 64  ALA A N   1 
ATOM   619  C  CA  . ALA A 1 70  ? -8.128  -7.051  9.918   1.00 12.79 ? 64  ALA A CA  1 
ATOM   620  C  C   . ALA A 1 70  ? -7.160  -5.954  10.281  1.00 12.84 ? 64  ALA A C   1 
ATOM   621  O  O   . ALA A 1 70  ? -7.431  -5.140  11.150  1.00 13.90 ? 64  ALA A O   1 
ATOM   622  C  CB  . ALA A 1 70  ? -9.119  -6.552  8.857   1.00 13.55 ? 64  ALA A CB  1 
ATOM   623  N  N   . TYR A 1 71  ? -6.020  -5.927  9.594   1.00 10.84 ? 65  TYR A N   1 
ATOM   624  C  CA  . TYR A 1 71  ? -5.010  -4.879  9.853   1.00 9.53  ? 65  TYR A CA  1 
ATOM   625  C  C   . TYR A 1 71  ? -5.454  -3.492  9.429   1.00 10.78 ? 65  TYR A C   1 
ATOM   626  O  O   . TYR A 1 71  ? -4.939  -2.496  9.911   1.00 11.25 ? 65  TYR A O   1 
ATOM   627  C  CB  . TYR A 1 71  ? -3.681  -5.262  9.190   1.00 9.66  ? 65  TYR A CB  1 
ATOM   628  C  CG  . TYR A 1 71  ? -2.909  -6.287  9.946   1.00 10.51 ? 65  TYR A CG  1 
ATOM   629  C  CD1 . TYR A 1 71  ? -2.528  -6.069  11.270  1.00 12.30 ? 65  TYR A CD1 1 
ATOM   630  C  CD2 . TYR A 1 71  ? -2.551  -7.490  9.371   1.00 9.85  ? 65  TYR A CD2 1 
ATOM   631  C  CE1 . TYR A 1 71  ? -1.822  -7.002  11.967  1.00 13.72 ? 65  TYR A CE1 1 
ATOM   632  C  CE2 . TYR A 1 71  ? -1.828  -8.428  10.052  1.00 12.04 ? 65  TYR A CE2 1 
ATOM   633  C  CZ  . TYR A 1 71  ? -1.488  -8.194  11.376  1.00 11.22 ? 65  TYR A CZ  1 
ATOM   634  O  OH  . TYR A 1 71  ? -0.754  -9.115  12.113  1.00 16.01 ? 65  TYR A OH  1 
ATOM   635  N  N   . GLY A 1 72  ? -6.379  -3.400  8.503   1.00 9.86  ? 66  GLY A N   1 
ATOM   636  C  CA  . GLY A 1 72  ? -6.917  -2.105  8.143   1.00 11.17 ? 66  GLY A CA  1 
ATOM   637  C  C   . GLY A 1 72  ? -7.779  -1.477  9.208   1.00 11.66 ? 66  GLY A C   1 
ATOM   638  O  O   . GLY A 1 72  ? -8.799  -2.057  9.585   1.00 11.98 ? 66  GLY A O   1 
ATOM   639  N  N   . ARG A 1 73  ? -7.381  -0.312  9.727   1.00 10.86 ? 67  ARG A N   1 
ATOM   640  C  CA  . ARG A 1 73  ? -7.968  0.218   10.973  1.00 12.19 ? 67  ARG A CA  1 
ATOM   641  C  C   . ARG A 1 73  ? -8.246  1.735   10.969  1.00 13.10 ? 67  ARG A C   1 
ATOM   642  O  O   . ARG A 1 73  ? -8.241  2.368   12.003  1.00 13.60 ? 67  ARG A O   1 
ATOM   643  C  CB  . ARG A 1 73  ? -7.117  -0.215  12.184  1.00 13.26 ? 67  ARG A CB  1 
ATOM   644  C  CG  . ARG A 1 73  ? -7.190  -1.699  12.440  1.00 15.20 ? 67  ARG A CG  1 
ATOM   645  C  CD  . ARG A 1 73  ? -6.182  -2.248  13.467  1.00 15.25 ? 67  ARG A CD  1 
ATOM   646  N  NE  . ARG A 1 73  ? -6.068  -3.702  13.322  1.00 15.71 ? 67  ARG A NE  1 
ATOM   647  C  CZ  . ARG A 1 73  ? -5.183  -4.496  13.921  1.00 17.71 ? 67  ARG A CZ  1 
ATOM   648  N  NH1 . ARG A 1 73  ? -4.301  -4.015  14.791  1.00 19.90 ? 67  ARG A NH1 1 
ATOM   649  N  NH2 . ARG A 1 73  ? -5.207  -5.815  13.698  1.00 18.05 ? 67  ARG A NH2 1 
ATOM   650  N  N   A ARG A 1 74  ? -8.514  2.267   9.791   0.50 11.16 ? 68  ARG A N   1 
ATOM   651  N  N   B ARG A 1 74  ? -8.535  2.294   9.809   0.50 12.68 ? 68  ARG A N   1 
ATOM   652  C  CA  A ARG A 1 74  ? -8.883  3.691   9.548   0.50 9.80  ? 68  ARG A CA  1 
ATOM   653  C  CA  B ARG A 1 74  ? -8.927  3.720   9.658   0.50 12.66 ? 68  ARG A CA  1 
ATOM   654  C  C   A ARG A 1 74  ? -8.019  4.681   10.324  0.50 10.48 ? 68  ARG A C   1 
ATOM   655  C  C   B ARG A 1 74  ? -8.012  4.652   10.447  0.50 11.86 ? 68  ARG A C   1 
ATOM   656  O  O   A ARG A 1 74  ? -8.500  5.672   10.843  0.50 10.15 ? 68  ARG A O   1 
ATOM   657  O  O   B ARG A 1 74  ? -8.459  5.557   11.159  0.50 12.06 ? 68  ARG A O   1 
ATOM   658  C  CB  A ARG A 1 74  ? -10.404 3.962   9.733   0.50 9.55  ? 68  ARG A CB  1 
ATOM   659  C  CB  B ARG A 1 74  ? -10.407 3.969   10.032  0.50 13.44 ? 68  ARG A CB  1 
ATOM   660  C  CG  A ARG A 1 74  ? -11.322 3.128   8.788   0.50 8.31  ? 68  ARG A CG  1 
ATOM   661  C  CG  B ARG A 1 74  ? -11.457 3.419   9.053   0.50 14.62 ? 68  ARG A CG  1 
ATOM   662  C  CD  A ARG A 1 74  ? -12.684 3.766   8.615   0.50 6.46  ? 68  ARG A CD  1 
ATOM   663  C  CD  B ARG A 1 74  ? -12.815 4.112   9.261   0.50 15.67 ? 68  ARG A CD  1 
ATOM   664  N  NE  A ARG A 1 74  ? -13.587 2.849   7.974   0.50 6.96  ? 68  ARG A NE  1 
ATOM   665  N  NE  B ARG A 1 74  ? -13.753 3.898   8.168   0.50 18.29 ? 68  ARG A NE  1 
ATOM   666  C  CZ  A ARG A 1 74  ? -14.834 3.161   7.690   0.50 5.27  ? 68  ARG A CZ  1 
ATOM   667  C  CZ  B ARG A 1 74  ? -14.378 2.756   7.915   0.50 19.36 ? 68  ARG A CZ  1 
ATOM   668  N  NH1 A ARG A 1 74  ? -15.338 4.346   8.021   0.50 4.46  ? 68  ARG A NH1 1 
ATOM   669  N  NH1 B ARG A 1 74  ? -14.176 1.683   8.672   0.50 22.66 ? 68  ARG A NH1 1 
ATOM   670  N  NH2 A ARG A 1 74  ? -15.579 2.256   7.112   0.50 5.71  ? 68  ARG A NH2 1 
ATOM   671  N  NH2 B ARG A 1 74  ? -15.222 2.686   6.897   0.50 18.71 ? 68  ARG A NH2 1 
ATOM   672  N  N   . ASN A 1 75  ? -6.708  4.443   10.298  1.00 9.66  ? 69  ASN A N   1 
ATOM   673  C  CA  . ASN A 1 75  ? -5.751  5.235   11.076  1.00 9.27  ? 69  ASN A CA  1 
ATOM   674  C  C   . ASN A 1 75  ? -4.611  5.767   10.240  1.00 9.11  ? 69  ASN A C   1 
ATOM   675  O  O   . ASN A 1 75  ? -3.662  6.304   10.794  1.00 8.50  ? 69  ASN A O   1 
ATOM   676  C  CB  . ASN A 1 75  ? -5.206  4.432   12.258  1.00 9.14  ? 69  ASN A CB  1 
ATOM   677  C  CG  . ASN A 1 75  ? -4.346  3.281   11.829  1.00 8.98  ? 69  ASN A CG  1 
ATOM   678  O  OD1 . ASN A 1 75  ? -4.526  2.701   10.759  1.00 10.72 ? 69  ASN A OD1 1 
ATOM   679  N  ND2 . ASN A 1 75  ? -3.468  2.868   12.720  1.00 10.95 ? 69  ASN A ND2 1 
HETATM 680  N  N   . MSE A 1 76  ? -4.735  5.656   8.929   1.00 9.08  ? 70  MSE A N   1 
HETATM 681  C  CA  A MSE A 1 76  ? -3.682  6.028   7.984   0.50 10.35 ? 70  MSE A CA  1 
HETATM 682  C  CA  B MSE A 1 76  ? -3.749  6.137   7.997   0.50 8.83  ? 70  MSE A CA  1 
HETATM 683  C  C   . MSE A 1 76  ? -4.302  6.017   6.600   1.00 9.15  ? 70  MSE A C   1 
HETATM 684  O  O   . MSE A 1 76  ? -5.306  5.305   6.382   1.00 10.16 ? 70  MSE A O   1 
HETATM 685  C  CB  A MSE A 1 76  ? -2.499  5.045   8.044   0.50 10.97 ? 70  MSE A CB  1 
HETATM 686  C  CB  B MSE A 1 76  ? -2.472  5.353   8.125   0.50 10.09 ? 70  MSE A CB  1 
HETATM 687  C  CG  A MSE A 1 76  ? -1.265  5.424   7.182   0.50 12.61 ? 70  MSE A CG  1 
HETATM 688  C  CG  B MSE A 1 76  ? -2.654  3.907   7.865   0.50 10.02 ? 70  MSE A CG  1 
HETATM 689  SE SE  A MSE A 1 76  ? 0.242   4.234   7.347   0.35 19.73 ? 70  MSE A SE  1 
HETATM 690  SE SE  B MSE A 1 76  ? -2.497  3.424   6.025   0.35 20.23 ? 70  MSE A SE  1 
HETATM 691  C  CE  A MSE A 1 76  ? -0.789  2.976   7.519   0.50 2.95  ? 70  MSE A CE  1 
HETATM 692  C  CE  B MSE A 1 76  ? -1.538  1.824   6.405   0.50 12.67 ? 70  MSE A CE  1 
ATOM   693  N  N   . LEU A 1 77  ? -3.706  6.753   5.687   1.00 8.34  ? 71  LEU A N   1 
ATOM   694  C  CA  . LEU A 1 77  ? -4.024  6.693   4.287   1.00 9.17  ? 71  LEU A CA  1 
ATOM   695  C  C   . LEU A 1 77  ? -2.741  6.494   3.526   1.00 8.96  ? 71  LEU A C   1 
ATOM   696  O  O   . LEU A 1 77  ? -1.738  7.150   3.787   1.00 9.92  ? 71  LEU A O   1 
ATOM   697  C  CB  . LEU A 1 77  ? -4.694  7.995   3.820   1.00 9.19  ? 71  LEU A CB  1 
ATOM   698  C  CG  . LEU A 1 77  ? -5.095  8.069   2.363   1.00 8.82  ? 71  LEU A CG  1 
ATOM   699  C  CD1 . LEU A 1 77  ? -6.197  7.085   1.984   1.00 9.77  ? 71  LEU A CD1 1 
ATOM   700  C  CD2 . LEU A 1 77  ? -5.536  9.511   1.998   1.00 9.63  ? 71  LEU A CD2 1 
ATOM   701  N  N   . LEU A 1 78  ? -2.747  5.563   2.572   1.00 9.24  ? 72  LEU A N   1 
ATOM   702  C  CA  . LEU A 1 78  ? -1.602  5.355   1.667   1.00 9.16  ? 72  LEU A CA  1 
ATOM   703  C  C   . LEU A 1 78  ? -1.874  6.076   0.352   1.00 9.68  ? 72  LEU A C   1 
ATOM   704  O  O   . LEU A 1 78  ? -2.823  5.712   -0.360  1.00 10.32 ? 72  LEU A O   1 
ATOM   705  C  CB  . LEU A 1 78  ? -1.369  3.870   1.446   1.00 9.84  ? 72  LEU A CB  1 
ATOM   706  C  CG  . LEU A 1 78  ? -1.076  3.105   2.725   1.00 9.58  ? 72  LEU A CG  1 
ATOM   707  C  CD1 . LEU A 1 78  ? -1.189  1.583   2.511   1.00 12.52 ? 72  LEU A CD1 1 
ATOM   708  C  CD2 . LEU A 1 78  ? 0.275   3.496   3.289   1.00 11.80 ? 72  LEU A CD2 1 
ATOM   709  N  N   . TYR A 1 79  ? -1.075  7.092   0.030   1.00 9.50  ? 73  TYR A N   1 
ATOM   710  C  CA  . TYR A 1 79  ? -1.358  8.023   -1.048  1.00 10.00 ? 73  TYR A CA  1 
ATOM   711  C  C   . TYR A 1 79  ? -0.397  7.778   -2.206  1.00 9.29  ? 73  TYR A C   1 
ATOM   712  O  O   . TYR A 1 79  ? 0.823   7.917   -2.077  1.00 9.63  ? 73  TYR A O   1 
ATOM   713  C  CB  . TYR A 1 79  ? -1.280  9.479   -0.522  1.00 9.77  ? 73  TYR A CB  1 
ATOM   714  C  CG  . TYR A 1 79  ? -1.402  10.506  -1.617  1.00 9.94  ? 73  TYR A CG  1 
ATOM   715  C  CD1 . TYR A 1 79  ? -2.573  10.687  -2.314  1.00 11.04 ? 73  TYR A CD1 1 
ATOM   716  C  CD2 . TYR A 1 79  ? -0.333  11.283  -1.965  1.00 10.42 ? 73  TYR A CD2 1 
ATOM   717  C  CE1 . TYR A 1 79  ? -2.663  11.575  -3.351  1.00 11.40 ? 73  TYR A CE1 1 
ATOM   718  C  CE2 . TYR A 1 79  ? -0.413  12.214  -3.009  1.00 10.90 ? 73  TYR A CE2 1 
ATOM   719  C  CZ  . TYR A 1 79  ? -1.578  12.330  -3.693  1.00 9.72  ? 73  TYR A CZ  1 
ATOM   720  O  OH  . TYR A 1 79  ? -1.737  13.243  -4.734  1.00 11.23 ? 73  TYR A OH  1 
ATOM   721  N  N   . PHE A 1 80  ? -0.996  7.460   -3.352  1.00 9.61  ? 74  PHE A N   1 
ATOM   722  C  CA  . PHE A 1 80  ? -0.325  7.182   -4.624  1.00 9.53  ? 74  PHE A CA  1 
ATOM   723  C  C   . PHE A 1 80  ? -0.829  8.152   -5.682  1.00 9.94  ? 74  PHE A C   1 
ATOM   724  O  O   . PHE A 1 80  ? -1.947  8.656   -5.604  1.00 10.69 ? 74  PHE A O   1 
ATOM   725  C  CB  . PHE A 1 80  ? -0.666  5.769   -5.152  1.00 9.65  ? 74  PHE A CB  1 
ATOM   726  C  CG  . PHE A 1 80  ? -0.222  4.615   -4.274  1.00 9.72  ? 74  PHE A CG  1 
ATOM   727  C  CD1 . PHE A 1 80  ? 0.832   3.825   -4.632  1.00 9.35  ? 74  PHE A CD1 1 
ATOM   728  C  CD2 . PHE A 1 80  ? -0.923  4.238   -3.143  1.00 10.11 ? 74  PHE A CD2 1 
ATOM   729  C  CE1 . PHE A 1 80  ? 1.254   2.734   -3.879  1.00 9.92  ? 74  PHE A CE1 1 
ATOM   730  C  CE2 . PHE A 1 80  ? -0.537  3.136   -2.413  1.00 10.29 ? 74  PHE A CE2 1 
ATOM   731  C  CZ  . PHE A 1 80  ? 0.538   2.398   -2.766  1.00 8.95  ? 74  PHE A CZ  1 
ATOM   732  N  N   . GLU A 1 81  ? 0.000   8.379   -6.689  1.00 10.03 ? 75  GLU A N   1 
ATOM   733  C  CA  . GLU A 1 81  ? -0.376  9.152   -7.875  1.00 9.93  ? 75  GLU A CA  1 
ATOM   734  C  C   . GLU A 1 81  ? -0.124  8.325   -9.118  1.00 10.11 ? 75  GLU A C   1 
ATOM   735  O  O   . GLU A 1 81  ? 0.766   7.505   -9.160  1.00 10.98 ? 75  GLU A O   1 
ATOM   736  C  CB  . GLU A 1 81  ? 0.405   10.477  -7.962  1.00 10.22 ? 75  GLU A CB  1 
ATOM   737  C  CG  . GLU A 1 81  ? -0.066  11.519  -6.948  1.00 10.92 ? 75  GLU A CG  1 
ATOM   738  C  CD  . GLU A 1 81  ? 0.736   12.805  -6.903  1.00 11.30 ? 75  GLU A CD  1 
ATOM   739  O  OE1 . GLU A 1 81  ? 1.578   13.013  -7.791  1.00 13.91 ? 75  GLU A OE1 1 
ATOM   740  O  OE2 . GLU A 1 81  ? 0.558   13.627  -5.969  1.00 13.18 ? 75  GLU A OE2 1 
ATOM   741  N  N   . HIS A 1 82  ? -0.923  8.589   -10.141 1.00 11.12 ? 76  HIS A N   1 
ATOM   742  C  CA  . HIS A 1 82  ? -0.798  7.923   -11.427 1.00 12.11 ? 76  HIS A CA  1 
ATOM   743  C  C   . HIS A 1 82  ? -0.860  8.982   -12.511 1.00 12.68 ? 76  HIS A C   1 
ATOM   744  O  O   . HIS A 1 82  ? -1.670  9.899   -12.452 1.00 13.24 ? 76  HIS A O   1 
ATOM   745  C  CB  . HIS A 1 82  ? -1.905  6.897   -11.618 1.00 12.19 ? 76  HIS A CB  1 
ATOM   746  C  CG  . HIS A 1 82  ? -1.649  5.874   -12.681 1.00 13.21 ? 76  HIS A CG  1 
ATOM   747  N  ND1 . HIS A 1 82  ? -1.741  6.154   -14.030 1.00 14.75 ? 76  HIS A ND1 1 
ATOM   748  C  CD2 . HIS A 1 82  ? -1.360  4.553   -12.589 1.00 14.88 ? 76  HIS A CD2 1 
ATOM   749  C  CE1 . HIS A 1 82  ? -1.503  5.049   -14.716 1.00 14.82 ? 76  HIS A CE1 1 
ATOM   750  N  NE2 . HIS A 1 82  ? -1.258  4.065   -13.866 1.00 16.26 ? 76  HIS A NE2 1 
ATOM   751  N  N   . ALA A 1 83  ? -0.043  8.781   -13.531 1.00 13.95 ? 77  ALA A N   1 
ATOM   752  C  CA  . ALA A 1 83  ? -0.017  9.653   -14.687 1.00 14.20 ? 77  ALA A CA  1 
ATOM   753  C  C   . ALA A 1 83  ? -1.331  9.766   -15.456 1.00 13.93 ? 77  ALA A C   1 
ATOM   754  O  O   . ALA A 1 83  ? -1.595  10.782  -16.121 1.00 16.20 ? 77  ALA A O   1 
ATOM   755  C  CB  . ALA A 1 83  ? 1.101   9.192   -15.646 1.00 14.93 ? 77  ALA A CB  1 
ATOM   756  N  N   . ASP A 1 84  ? -2.101  8.684   -15.455 1.00 12.63 ? 78  ASP A N   1 
ATOM   757  C  CA  . ASP A 1 84  ? -3.371  8.602   -16.137 1.00 12.55 ? 78  ASP A CA  1 
ATOM   758  C  C   . ASP A 1 84  ? -4.402  7.987   -15.186 1.00 11.69 ? 78  ASP A C   1 
ATOM   759  O  O   . ASP A 1 84  ? -4.668  6.779   -15.205 1.00 12.61 ? 78  ASP A O   1 
ATOM   760  C  CB  . ASP A 1 84  ? -3.245  7.758   -17.407 1.00 12.35 ? 78  ASP A CB  1 
ATOM   761  C  CG  . ASP A 1 84  ? -4.517  7.766   -18.241 1.00 13.15 ? 78  ASP A CG  1 
ATOM   762  O  OD1 . ASP A 1 84  ? -5.573  8.226   -17.763 1.00 14.60 ? 78  ASP A OD1 1 
ATOM   763  O  OD2 . ASP A 1 84  ? -4.448  7.310   -19.411 1.00 16.18 ? 78  ASP A OD2 1 
ATOM   764  N  N   . VAL A 1 85  ? -4.964  8.841   -14.341 1.00 12.26 ? 79  VAL A N   1 
ATOM   765  C  CA  . VAL A 1 85  ? -5.859  8.390   -13.300 1.00 11.47 ? 79  VAL A CA  1 
ATOM   766  C  C   . VAL A 1 85  ? -7.111  7.739   -13.884 1.00 11.05 ? 79  VAL A C   1 
ATOM   767  O  O   . VAL A 1 85  ? -7.660  6.836   -13.278 1.00 11.08 ? 79  VAL A O   1 
ATOM   768  C  CB  . VAL A 1 85  ? -6.213  9.518   -12.297 1.00 11.73 ? 79  VAL A CB  1 
ATOM   769  C  CG1 . VAL A 1 85  ? -7.233  10.488  -12.857 1.00 12.79 ? 79  VAL A CG1 1 
ATOM   770  C  CG2 . VAL A 1 85  ? -6.691  8.906   -10.962 1.00 12.49 ? 79  VAL A CG2 1 
ATOM   771  N  N   . ASP A 1 86  ? -7.542  8.163   -15.063 1.00 11.00 ? 80  ASP A N   1 
ATOM   772  C  CA  . ASP A 1 86  ? -8.690  7.518   -15.706 1.00 11.03 ? 80  ASP A CA  1 
ATOM   773  C  C   . ASP A 1 86  ? -8.409  6.068   -16.089 1.00 12.15 ? 80  ASP A C   1 
ATOM   774  O  O   . ASP A 1 86  ? -9.253  5.208   -15.876 1.00 12.49 ? 80  ASP A O   1 
ATOM   775  C  CB  . ASP A 1 86  ? -9.121  8.302   -16.934 1.00 11.56 ? 80  ASP A CB  1 
ATOM   776  C  CG  . ASP A 1 86  ? -9.582  9.687   -16.571 1.00 13.14 ? 80  ASP A CG  1 
ATOM   777  O  OD1 . ASP A 1 86  ? -10.631 9.798   -15.936 1.00 12.29 ? 80  ASP A OD1 1 
ATOM   778  O  OD2 . ASP A 1 86  ? -8.884  10.667  -16.911 1.00 19.29 ? 80  ASP A OD2 1 
ATOM   779  N  N   . ALA A 1 87  ? -7.242  5.823   -16.670 1.00 12.11 ? 81  ALA A N   1 
ATOM   780  C  CA  . ALA A 1 87  ? -6.831  4.461   -17.020 1.00 12.56 ? 81  ALA A CA  1 
ATOM   781  C  C   . ALA A 1 87  ? -6.659  3.638   -15.754 1.00 13.30 ? 81  ALA A C   1 
ATOM   782  O  O   . ALA A 1 87  ? -7.084  2.480   -15.717 1.00 14.66 ? 81  ALA A O   1 
ATOM   783  C  CB  . ALA A 1 87  ? -5.536  4.453   -17.849 1.00 13.60 ? 81  ALA A CB  1 
ATOM   784  N  N   . ALA A 1 88  ? -6.033  4.209   -14.720 1.00 12.78 ? 82  ALA A N   1 
ATOM   785  C  CA  . ALA A 1 88  ? -5.848  3.500   -13.461 1.00 12.39 ? 82  ALA A CA  1 
ATOM   786  C  C   . ALA A 1 88  ? -7.196  3.087   -12.893 1.00 12.38 ? 82  ALA A C   1 
ATOM   787  O  O   . ALA A 1 88  ? -7.342  1.976   -12.379 1.00 13.82 ? 82  ALA A O   1 
ATOM   788  C  CB  . ALA A 1 88  ? -5.075  4.362   -12.410 1.00 12.68 ? 82  ALA A CB  1 
ATOM   789  N  N   . PHE A 1 89  ? -8.161  4.008   -12.902 1.00 12.26 ? 83  PHE A N   1 
ATOM   790  C  CA  . PHE A 1 89  ? -9.474  3.701   -12.344 1.00 11.88 ? 83  PHE A CA  1 
ATOM   791  C  C   . PHE A 1 89  ? -10.148 2.561   -13.118 1.00 12.83 ? 83  PHE A C   1 
ATOM   792  O  O   . PHE A 1 89  ? -10.708 1.621   -12.525 1.00 11.96 ? 83  PHE A O   1 
ATOM   793  C  CB  . PHE A 1 89  ? -10.347 4.956   -12.373 1.00 11.77 ? 83  PHE A CB  1 
ATOM   794  C  CG  . PHE A 1 89  ? -11.696 4.764   -11.766 1.00 11.83 ? 83  PHE A CG  1 
ATOM   795  C  CD1 . PHE A 1 89  ? -11.832 4.560   -10.404 1.00 11.78 ? 83  PHE A CD1 1 
ATOM   796  C  CD2 . PHE A 1 89  ? -12.836 4.836   -12.533 1.00 14.06 ? 83  PHE A CD2 1 
ATOM   797  C  CE1 . PHE A 1 89  ? -13.079 4.366   -9.838  1.00 10.72 ? 83  PHE A CE1 1 
ATOM   798  C  CE2 . PHE A 1 89  ? -14.087 4.675   -11.955 1.00 12.86 ? 83  PHE A CE2 1 
ATOM   799  C  CZ  . PHE A 1 89  ? -14.200 4.408   -10.620 1.00 11.97 ? 83  PHE A CZ  1 
ATOM   800  N  N   . GLN A 1 90  ? -10.063 2.632   -14.448 1.00 12.72 ? 84  GLN A N   1 
ATOM   801  C  CA  . GLN A 1 90  ? -10.716 1.629   -15.306 1.00 14.75 ? 84  GLN A CA  1 
ATOM   802  C  C   . GLN A 1 90  ? -10.104 0.284   -15.011 1.00 15.54 ? 84  GLN A C   1 
ATOM   803  O  O   . GLN A 1 90  ? -10.815 -0.750  -14.982 1.00 16.88 ? 84  GLN A O   1 
ATOM   804  C  CB  . GLN A 1 90  ? -10.577 2.000   -16.808 1.00 15.03 ? 84  GLN A CB  1 
ATOM   805  C  CG  . GLN A 1 90  ? -11.051 0.916   -17.823 1.00 16.09 ? 84  GLN A CG  1 
ATOM   806  C  CD  . GLN A 1 90  ? -11.107 1.403   -19.265 0.10 14.79 ? 84  GLN A CD  1 
ATOM   807  O  OE1 . GLN A 1 90  ? -11.025 0.605   -20.202 0.10 14.39 ? 84  GLN A OE1 1 
ATOM   808  N  NE2 . GLN A 1 90  ? -11.253 2.709   -19.452 0.10 14.43 ? 84  GLN A NE2 1 
ATOM   809  N  N   . ASP A 1 91  ? -8.785  0.302   -14.805 1.00 16.88 ? 85  ASP A N   1 
ATOM   810  C  CA  B ASP A 1 91  ? -7.929  -0.857  -14.544 0.38 16.80 ? 85  ASP A CA  1 
ATOM   811  C  CA  C ASP A 1 91  ? -8.077  -0.952  -14.638 0.62 17.44 ? 85  ASP A CA  1 
ATOM   812  C  C   . ASP A 1 91  ? -8.219  -1.541  -13.220 1.00 17.15 ? 85  ASP A C   1 
ATOM   813  O  O   . ASP A 1 91  ? -8.318  -2.766  -13.114 1.00 19.30 ? 85  ASP A O   1 
ATOM   814  C  CB  B ASP A 1 91  ? -6.484  -0.359  -14.454 0.38 17.19 ? 85  ASP A CB  1 
ATOM   815  C  CB  C ASP A 1 91  ? -6.639  -0.913  -15.249 0.62 17.75 ? 85  ASP A CB  1 
ATOM   816  C  CG  B ASP A 1 91  ? -5.528  -1.223  -15.182 0.38 16.99 ? 85  ASP A CG  1 
ATOM   817  C  CG  C ASP A 1 91  ? -5.560  -0.485  -14.284 0.62 20.12 ? 85  ASP A CG  1 
ATOM   818  O  OD1 B ASP A 1 91  ? -5.372  -0.982  -16.392 0.38 17.19 ? 85  ASP A OD1 1 
ATOM   819  O  OD1 C ASP A 1 91  ? -4.446  -0.111  -14.748 0.62 23.59 ? 85  ASP A OD1 1 
ATOM   820  O  OD2 B ASP A 1 91  ? -4.917  -2.109  -14.546 0.38 17.98 ? 85  ASP A OD2 1 
ATOM   821  O  OD2 C ASP A 1 91  ? -5.792  -0.541  -13.081 0.62 23.67 ? 85  ASP A OD2 1 
ATOM   822  N  N   . ILE A 1 92  ? -8.331  -0.696  -12.182 1.00 16.10 ? 86  ILE A N   1 
ATOM   823  C  CA  . ILE A 1 92  ? -8.356  -1.096  -10.777 1.00 16.04 ? 86  ILE A CA  1 
ATOM   824  C  C   . ILE A 1 92  ? -9.748  -1.259  -10.160 1.00 15.19 ? 86  ILE A C   1 
ATOM   825  O  O   . ILE A 1 92  ? -9.984  -2.188  -9.390  1.00 15.88 ? 86  ILE A O   1 
ATOM   826  C  CB  . ILE A 1 92  ? -7.520  -0.085  -9.901  1.00 16.36 ? 86  ILE A CB  1 
ATOM   827  C  CG1 . ILE A 1 92  ? -6.043  -0.237  -10.231 1.00 16.04 ? 86  ILE A CG1 1 
ATOM   828  C  CG2 . ILE A 1 92  ? -7.737  -0.315  -8.396  1.00 17.07 ? 86  ILE A CG2 1 
ATOM   829  C  CD1 . ILE A 1 92  ? -5.149  0.913   -9.864  1.00 17.20 ? 86  ILE A CD1 1 
ATOM   830  N  N   . ALA A 1 93  ? -10.658 -0.332  -10.455 1.00 15.78 ? 87  ALA A N   1 
ATOM   831  C  CA  . ALA A 1 93  ? -11.939 -0.264  -9.741  1.00 16.42 ? 87  ALA A CA  1 
ATOM   832  C  C   . ALA A 1 93  ? -12.721 -1.563  -9.681  1.00 16.71 ? 87  ALA A C   1 
ATOM   833  O  O   . ALA A 1 93  ? -13.264 -1.914  -8.629  1.00 16.77 ? 87  ALA A O   1 
ATOM   834  C  CB  . ALA A 1 93  ? -12.816 0.822   -10.329 1.00 17.75 ? 87  ALA A CB  1 
ATOM   835  N  N   . PRO A 1 94  ? -12.803 -2.309  -10.794 1.00 16.40 ? 88  PRO A N   1 
ATOM   836  C  CA  . PRO A 1 94  ? -13.599 -3.551  -10.696 1.00 15.66 ? 88  PRO A CA  1 
ATOM   837  C  C   . PRO A 1 94  ? -13.074 -4.602  -9.715  1.00 16.19 ? 88  PRO A C   1 
ATOM   838  O  O   . PRO A 1 94  ? -13.812 -5.537  -9.351  1.00 17.22 ? 88  PRO A O   1 
ATOM   839  C  CB  . PRO A 1 94  ? -13.547 -4.107  -12.125 1.00 16.22 ? 88  PRO A CB  1 
ATOM   840  C  CG  . PRO A 1 94  ? -13.171 -2.923  -12.961 1.00 16.31 ? 88  PRO A CG  1 
ATOM   841  C  CD  . PRO A 1 94  ? -12.296 -2.077  -12.153 1.00 16.01 ? 88  PRO A CD  1 
ATOM   842  N  N   . HIS A 1 95  ? -11.817 -4.479  -9.308  1.00 15.92 ? 89  HIS A N   1 
ATOM   843  C  CA  . HIS A 1 95  ? -11.160 -5.517  -8.507  1.00 16.27 ? 89  HIS A CA  1 
ATOM   844  C  C   . HIS A 1 95  ? -10.960 -5.175  -7.056  1.00 17.16 ? 89  HIS A C   1 
ATOM   845  O  O   . HIS A 1 95  ? -10.260 -5.881  -6.321  1.00 19.91 ? 89  HIS A O   1 
ATOM   846  C  CB  . HIS A 1 95  ? -9.827  -5.818  -9.151  1.00 15.60 ? 89  HIS A CB  1 
ATOM   847  C  CG  . HIS A 1 95  ? -9.942  -6.036  -10.623 1.00 17.33 ? 89  HIS A CG  1 
ATOM   848  N  ND1 . HIS A 1 95  ? -10.706 -7.050  -11.158 1.00 16.74 ? 89  HIS A ND1 1 
ATOM   849  C  CD2 . HIS A 1 95  ? -9.436  -5.351  -11.669 1.00 18.52 ? 89  HIS A CD2 1 
ATOM   850  C  CE1 . HIS A 1 95  ? -10.658 -6.981  -12.477 1.00 17.53 ? 89  HIS A CE1 1 
ATOM   851  N  NE2 . HIS A 1 95  ? -9.889  -5.962  -12.813 1.00 19.17 ? 89  HIS A NE2 1 
ATOM   852  N  N   . VAL A 1 96  ? -11.506 -4.040  -6.640  1.00 16.00 ? 90  VAL A N   1 
ATOM   853  C  CA  . VAL A 1 96  ? -11.302 -3.571  -5.289  1.00 15.56 ? 90  VAL A CA  1 
ATOM   854  C  C   . VAL A 1 96  ? -12.640 -3.152  -4.731  1.00 14.78 ? 90  VAL A C   1 
ATOM   855  O  O   . VAL A 1 96  ? -13.581 -2.900  -5.465  1.00 14.52 ? 90  VAL A O   1 
ATOM   856  C  CB  . VAL A 1 96  ? -10.302 -2.372  -5.231  1.00 15.36 ? 90  VAL A CB  1 
ATOM   857  C  CG1 . VAL A 1 96  ? -8.947  -2.774  -5.842  1.00 19.26 ? 90  VAL A CG1 1 
ATOM   858  C  CG2 . VAL A 1 96  ? -10.866 -1.156  -5.906  1.00 15.85 ? 90  VAL A CG2 1 
ATOM   859  N  N   . GLU A 1 97  ? -12.719 -3.112  -3.414  1.00 13.51 ? 91  GLU A N   1 
ATOM   860  C  CA  . GLU A 1 97  ? -13.809 -2.470  -2.736  1.00 12.58 ? 91  GLU A CA  1 
ATOM   861  C  C   . GLU A 1 97  ? -13.534 -0.957  -2.689  1.00 11.96 ? 91  GLU A C   1 
ATOM   862  O  O   . GLU A 1 97  ? -12.678 -0.497  -1.929  1.00 11.06 ? 91  GLU A O   1 
ATOM   863  C  CB  . GLU A 1 97  ? -13.936 -3.054  -1.338  1.00 12.77 ? 91  GLU A CB  1 
ATOM   864  C  CG  . GLU A 1 97  ? -15.112 -2.483  -0.616  1.00 14.20 ? 91  GLU A CG  1 
ATOM   865  C  CD  . GLU A 1 97  ? -15.272 -3.010  0.771   1.00 14.98 ? 91  GLU A CD  1 
ATOM   866  O  OE1 . GLU A 1 97  ? -14.573 -3.990  1.137   1.00 17.78 ? 91  GLU A OE1 1 
ATOM   867  O  OE2 . GLU A 1 97  ? -16.094 -2.416  1.501   1.00 20.26 ? 91  GLU A OE2 1 
ATOM   868  N  N   . LEU A 1 98  ? -14.254 -0.191  -3.497  1.00 12.28 ? 92  LEU A N   1 
ATOM   869  C  CA  . LEU A 1 98  ? -14.134 1.254   -3.491  1.00 12.42 ? 92  LEU A CA  1 
ATOM   870  C  C   . LEU A 1 98  ? -14.709 1.848   -2.221  1.00 12.61 ? 92  LEU A C   1 
ATOM   871  O  O   . LEU A 1 98  ? -15.734 1.414   -1.712  1.00 13.22 ? 92  LEU A O   1 
ATOM   872  C  CB  . LEU A 1 98  ? -14.861 1.915   -4.688  1.00 13.56 ? 92  LEU A CB  1 
ATOM   873  C  CG  . LEU A 1 98  ? -14.289 1.652   -6.076  1.00 12.63 ? 92  LEU A CG  1 
ATOM   874  C  CD1 . LEU A 1 98  ? -15.260 2.167   -7.180  1.00 12.58 ? 92  LEU A CD1 1 
ATOM   875  C  CD2 . LEU A 1 98  ? -12.940 2.264   -6.256  1.00 14.02 ? 92  LEU A CD2 1 
ATOM   876  N  N   . ILE A 1 99  ? -14.069 2.905   -1.749  1.00 11.04 ? 93  ILE A N   1 
ATOM   877  C  CA  . ILE A 1 99  ? -14.650 3.845   -0.812  1.00 11.62 ? 93  ILE A CA  1 
ATOM   878  C  C   . ILE A 1 99  ? -15.498 4.842   -1.585  1.00 11.85 ? 93  ILE A C   1 
ATOM   879  O  O   . ILE A 1 99  ? -16.623 5.102   -1.213  1.00 13.01 ? 93  ILE A O   1 
ATOM   880  C  CB  . ILE A 1 99  ? -13.550 4.512   0.042   1.00 11.74 ? 93  ILE A CB  1 
ATOM   881  C  CG1 . ILE A 1 99  ? -12.855 3.461   0.949   1.00 10.88 ? 93  ILE A CG1 1 
ATOM   882  C  CG2 . ILE A 1 99  ? -14.159 5.649   0.848   1.00 12.37 ? 93  ILE A CG2 1 
ATOM   883  C  CD1 . ILE A 1 99  ? -11.573 3.951   1.576   1.00 11.10 ? 93  ILE A CD1 1 
ATOM   884  N  N   . HIS A 1 100 ? -14.968 5.348   -2.706  1.00 12.00 ? 94  HIS A N   1 
ATOM   885  C  CA  . HIS A 1 100 ? -15.729 6.214   -3.599  1.00 11.53 ? 94  HIS A CA  1 
ATOM   886  C  C   . HIS A 1 100 ? -15.026 6.168   -4.961  1.00 11.50 ? 94  HIS A C   1 
ATOM   887  O  O   . HIS A 1 100 ? -13.829 5.814   -5.057  1.00 12.53 ? 94  HIS A O   1 
ATOM   888  C  CB  . HIS A 1 100 ? -15.837 7.665   -3.069  1.00 11.33 ? 94  HIS A CB  1 
ATOM   889  C  CG  . HIS A 1 100 ? -14.532 8.394   -2.942  1.00 11.47 ? 94  HIS A CG  1 
ATOM   890  N  ND1 . HIS A 1 100 ? -13.847 8.910   -4.030  1.00 11.37 ? 94  HIS A ND1 1 
ATOM   891  C  CD2 . HIS A 1 100 ? -13.807 8.719   -1.847  1.00 11.53 ? 94  HIS A CD2 1 
ATOM   892  C  CE1 . HIS A 1 100 ? -12.734 9.497   -3.596  1.00 11.10 ? 94  HIS A CE1 1 
ATOM   893  N  NE2 . HIS A 1 100 ? -12.689 9.380   -2.278  1.00 12.60 ? 94  HIS A NE2 1 
ATOM   894  N  N   . PRO A 1 101 ? -15.763 6.552   -6.017  1.00 12.17 ? 95  PRO A N   1 
ATOM   895  C  CA  . PRO A 1 101 ? -15.210 6.537   -7.378  1.00 12.38 ? 95  PRO A CA  1 
ATOM   896  C  C   . PRO A 1 101 ? -14.330 7.735   -7.650  1.00 13.02 ? 95  PRO A C   1 
ATOM   897  O  O   . PRO A 1 101 ? -14.070 8.556   -6.770  1.00 13.42 ? 95  PRO A O   1 
ATOM   898  C  CB  . PRO A 1 101 ? -16.452 6.480   -8.272  1.00 14.12 ? 95  PRO A CB  1 
ATOM   899  C  CG  . PRO A 1 101 ? -17.528 7.032   -7.470  1.00 12.99 ? 95  PRO A CG  1 
ATOM   900  C  CD  . PRO A 1 101 ? -17.193 6.881   -6.007  1.00 12.36 ? 95  PRO A CD  1 
ATOM   901  N  N   . LEU A 1 102 ? -13.885 7.848   -8.889  1.00 11.93 ? 96  LEU A N   1 
ATOM   902  C  CA  . LEU A 1 102 ? -12.992 8.897   -9.287  1.00 12.69 ? 96  LEU A CA  1 
ATOM   903  C  C   . LEU A 1 102 ? -13.744 10.214  -9.278  1.00 13.66 ? 96  LEU A C   1 
ATOM   904  O  O   . LEU A 1 102 ? -14.658 10.412  -10.100 1.00 14.58 ? 96  LEU A O   1 
ATOM   905  C  CB  . LEU A 1 102 ? -12.401 8.520   -10.669 1.00 13.43 ? 96  LEU A CB  1 
ATOM   906  C  CG  . LEU A 1 102 ? -11.396 9.471   -11.309 1.00 12.82 ? 96  LEU A CG  1 
ATOM   907  C  CD1 . LEU A 1 102 ? -10.247 9.770   -10.410 1.00 13.22 ? 96  LEU A CD1 1 
ATOM   908  C  CD2 . LEU A 1 102 ? -10.926 8.805   -12.595 1.00 13.52 ? 96  LEU A CD2 1 
ATOM   909  N  N   . GLU A 1 103 ? -13.373 11.104  -8.361  1.00 12.98 ? 97  GLU A N   1 
ATOM   910  C  CA  . GLU A 1 103 ? -14.129 12.346  -8.040  1.00 14.99 ? 97  GLU A CA  1 
ATOM   911  C  C   . GLU A 1 103 ? -13.182 13.492  -7.817  1.00 13.77 ? 97  GLU A C   1 
ATOM   912  O  O   . GLU A 1 103 ? -12.183 13.332  -7.146  1.00 13.83 ? 97  GLU A O   1 
ATOM   913  C  CB  . GLU A 1 103 ? -14.925 12.139  -6.713  1.00 15.89 ? 97  GLU A CB  1 
ATOM   914  C  CG  . GLU A 1 103 ? -16.039 11.106  -6.859  1.00 18.80 ? 97  GLU A CG  1 
ATOM   915  C  CD  . GLU A 1 103 ? -16.825 10.781  -5.571  1.00 18.95 ? 97  GLU A CD  1 
ATOM   916  O  OE1 . GLU A 1 103 ? -16.440 11.170  -4.459  1.00 20.97 ? 97  GLU A OE1 1 
ATOM   917  O  OE2 . GLU A 1 103 ? -17.888 10.136  -5.689  1.00 25.88 ? 97  GLU A OE2 1 
ATOM   918  N  N   . ARG A 1 104 ? -13.497 14.653  -8.352  1.00 12.47 ? 98  ARG A N   1 
ATOM   919  C  CA  . ARG A 1 104 ? -12.776 15.855  -8.081  1.00 14.25 ? 98  ARG A CA  1 
ATOM   920  C  C   . ARG A 1 104 ? -12.935 16.225  -6.607  1.00 14.21 ? 98  ARG A C   1 
ATOM   921  O  O   . ARG A 1 104 ? -14.040 16.371  -6.085  1.00 15.84 ? 98  ARG A O   1 
ATOM   922  C  CB  . ARG A 1 104 ? -13.240 16.968  -9.005  1.00 13.69 ? 98  ARG A CB  1 
ATOM   923  C  CG  . ARG A 1 104 ? -12.335 18.194  -8.942  1.00 16.84 ? 98  ARG A CG  1 
ATOM   924  C  CD  . ARG A 1 104 ? -12.666 19.250  -9.972  1.00 18.75 ? 98  ARG A CD  1 
ATOM   925  N  NE  . ARG A 1 104 ? -12.739 18.727  -11.337 1.00 24.16 ? 98  ARG A NE  1 
ATOM   926  C  CZ  . ARG A 1 104 ? -11.698 18.431  -12.125 1.00 24.89 ? 98  ARG A CZ  1 
ATOM   927  N  NH1 . ARG A 1 104 ? -10.447 18.599  -11.714 1.00 27.70 ? 98  ARG A NH1 1 
ATOM   928  N  NH2 . ARG A 1 104 ? -11.923 17.963  -13.353 1.00 26.19 ? 98  ARG A NH2 1 
ATOM   929  N  N   . GLN A 1 105 ? -11.801 16.412  -5.958  1.00 13.59 ? 99  GLN A N   1 
ATOM   930  C  CA  . GLN A 1 105 ? -11.764 16.803  -4.546  1.00 13.43 ? 99  GLN A CA  1 
ATOM   931  C  C   . GLN A 1 105 ? -11.911 18.314  -4.387  1.00 13.88 ? 99  GLN A C   1 
ATOM   932  O  O   . GLN A 1 105 ? -11.865 19.060  -5.365  1.00 13.69 ? 99  GLN A O   1 
ATOM   933  C  CB  . GLN A 1 105 ? -10.464 16.309  -3.900  1.00 13.81 ? 99  GLN A CB  1 
ATOM   934  C  CG  . GLN A 1 105 ? -10.274 14.815  -4.008  1.00 12.67 ? 99  GLN A CG  1 
ATOM   935  C  CD  . GLN A 1 105 ? -11.357 14.064  -3.289  1.00 13.52 ? 99  GLN A CD  1 
ATOM   936  O  OE1 . GLN A 1 105 ? -11.388 14.078  -2.062  1.00 13.13 ? 99  GLN A OE1 1 
ATOM   937  N  NE2 . GLN A 1 105 ? -12.265 13.411  -4.034  1.00 13.36 ? 99  GLN A NE2 1 
ATOM   938  N  N   . ALA A 1 106 ? -12.064 18.756  -3.141  1.00 13.73 ? 100 ALA A N   1 
ATOM   939  C  CA  . ALA A 1 106 ? -12.288 20.171  -2.848  1.00 14.07 ? 100 ALA A CA  1 
ATOM   940  C  C   . ALA A 1 106 ? -11.144 21.052  -3.352  1.00 14.35 ? 100 ALA A C   1 
ATOM   941  O  O   . ALA A 1 106 ? -11.330 22.231  -3.605  1.00 15.17 ? 100 ALA A O   1 
ATOM   942  C  CB  . ALA A 1 106 ? -12.488 20.370  -1.330  1.00 14.74 ? 100 ALA A CB  1 
ATOM   943  N  N   . TRP A 1 107 ? -9.953  20.477  -3.447  1.00 13.93 ? 101 TRP A N   1 
ATOM   944  C  CA  . TRP A 1 107 ? -8.763  21.179  -3.915  1.00 13.45 ? 101 TRP A CA  1 
ATOM   945  C  C   . TRP A 1 107 ? -8.489  21.008  -5.411  1.00 13.82 ? 101 TRP A C   1 
ATOM   946  O  O   . TRP A 1 107 ? -7.447  21.432  -5.907  1.00 15.64 ? 101 TRP A O   1 
ATOM   947  C  CB  . TRP A 1 107 ? -7.547  20.719  -3.109  1.00 12.91 ? 101 TRP A CB  1 
ATOM   948  C  CG  . TRP A 1 107 ? -7.331  19.236  -3.053  1.00 12.52 ? 101 TRP A CG  1 
ATOM   949  C  CD1 . TRP A 1 107 ? -6.476  18.501  -3.824  1.00 13.13 ? 101 TRP A CD1 1 
ATOM   950  C  CD2 . TRP A 1 107 ? -7.921  18.318  -2.122  1.00 12.92 ? 101 TRP A CD2 1 
ATOM   951  N  NE1 . TRP A 1 107 ? -6.514  17.186  -3.433  1.00 13.50 ? 101 TRP A NE1 1 
ATOM   952  C  CE2 . TRP A 1 107 ? -7.409  17.042  -2.409  1.00 12.01 ? 101 TRP A CE2 1 
ATOM   953  C  CE3 . TRP A 1 107 ? -8.856  18.444  -1.087  1.00 12.07 ? 101 TRP A CE3 1 
ATOM   954  C  CZ2 . TRP A 1 107 ? -7.737  15.918  -1.659  1.00 12.93 ? 101 TRP A CZ2 1 
ATOM   955  C  CZ3 . TRP A 1 107 ? -9.227  17.304  -0.381  1.00 12.76 ? 101 TRP A CZ3 1 
ATOM   956  C  CH2 . TRP A 1 107 ? -8.673  16.066  -0.673  1.00 13.27 ? 101 TRP A CH2 1 
ATOM   957  N  N   . GLY A 1 108 ? -9.417  20.378  -6.127  1.00 12.98 ? 102 GLY A N   1 
ATOM   958  C  CA  . GLY A 1 108 ? -9.389  20.355  -7.588  1.00 13.47 ? 102 GLY A CA  1 
ATOM   959  C  C   . GLY A 1 108 ? -8.806  19.115  -8.230  1.00 13.38 ? 102 GLY A C   1 
ATOM   960  O  O   . GLY A 1 108 ? -8.923  18.923  -9.440  1.00 15.86 ? 102 GLY A O   1 
ATOM   961  N  N   . GLN A 1 109 ? -8.160  18.271  -7.442  1.00 13.19 ? 103 GLN A N   1 
ATOM   962  C  CA  . GLN A 1 109 ? -7.545  17.044  -7.937  1.00 12.68 ? 103 GLN A CA  1 
ATOM   963  C  C   . GLN A 1 109 ? -8.566  15.917  -8.008  1.00 13.64 ? 103 GLN A C   1 
ATOM   964  O  O   . GLN A 1 109 ? -9.348  15.740  -7.084  1.00 14.35 ? 103 GLN A O   1 
ATOM   965  C  CB  . GLN A 1 109 ? -6.419  16.639  -6.978  1.00 12.14 ? 103 GLN A CB  1 
ATOM   966  C  CG  . GLN A 1 109 ? -5.597  15.453  -7.389  1.00 12.39 ? 103 GLN A CG  1 
ATOM   967  C  CD  . GLN A 1 109 ? -4.734  14.939  -6.249  1.00 13.41 ? 103 GLN A CD  1 
ATOM   968  O  OE1 . GLN A 1 109 ? -4.925  15.304  -5.085  1.00 13.65 ? 103 GLN A OE1 1 
ATOM   969  N  NE2 . GLN A 1 109 ? -3.753  14.109  -6.580  1.00 11.98 ? 103 GLN A NE2 1 
ATOM   970  N  N   . ARG A 1 110 ? -8.537  15.141  -9.092  1.00 12.65 ? 104 ARG A N   1 
ATOM   971  C  CA  . ARG A 1 110 ? -9.359  13.946  -9.224  1.00 13.04 ? 104 ARG A CA  1 
ATOM   972  C  C   . ARG A 1 110 ? -8.654  12.742  -8.605  1.00 12.21 ? 104 ARG A C   1 
ATOM   973  O  O   . ARG A 1 110 ? -7.509  12.430  -8.970  1.00 12.66 ? 104 ARG A O   1 
ATOM   974  C  CB  . ARG A 1 110 ? -9.646  13.691  -10.691 1.00 13.04 ? 104 ARG A CB  1 
ATOM   975  C  CG  . ARG A 1 110 ? -10.408 14.828  -11.333 1.00 14.10 ? 104 ARG A CG  1 
ATOM   976  C  CD  . ARG A 1 110 ? -10.473 14.684  -12.816 1.00 15.20 ? 104 ARG A CD  1 
ATOM   977  N  NE  . ARG A 1 110 ? -11.270 13.548  -13.203 1.00 18.22 ? 104 ARG A NE  1 
ATOM   978  C  CZ  . ARG A 1 110 ? -10.911 12.620  -14.081 1.00 18.83 ? 104 ARG A CZ  1 
ATOM   979  N  NH1 . ARG A 1 110 ? -9.721  12.678  -14.700 1.00 18.23 ? 104 ARG A NH1 1 
ATOM   980  N  NH2 . ARG A 1 110 ? -11.776 11.644  -14.347 1.00 19.87 ? 104 ARG A NH2 1 
ATOM   981  N  N   . VAL A 1 111 ? -9.339  12.093  -7.657  1.00 9.22  ? 105 VAL A N   1 
ATOM   982  C  CA  . VAL A 1 111 ? -8.810  10.915  -6.992  1.00 9.17  ? 105 VAL A CA  1 
ATOM   983  C  C   . VAL A 1 111 ? -9.876  9.876   -6.789  1.00 8.81  ? 105 VAL A C   1 
ATOM   984  O  O   . VAL A 1 111 ? -11.053 10.183  -6.757  1.00 8.46  ? 105 VAL A O   1 
ATOM   985  C  CB  . VAL A 1 111 ? -8.161  11.258  -5.598  1.00 9.23  ? 105 VAL A CB  1 
ATOM   986  C  CG1 . VAL A 1 111 ? -7.377  12.579  -5.675  1.00 10.00 ? 105 VAL A CG1 1 
ATOM   987  C  CG2 . VAL A 1 111 ? -9.171  11.305  -4.477  1.00 9.54  ? 105 VAL A CG2 1 
ATOM   988  N  N   . PHE A 1 112 ? -9.465  8.621   -6.592  1.00 8.55  ? 106 PHE A N   1 
ATOM   989  C  CA  . PHE A 1 112 ? -10.366 7.602   -6.071  1.00 8.70  ? 106 PHE A CA  1 
ATOM   990  C  C   . PHE A 1 112 ? -9.726  6.936   -4.878  1.00 8.38  ? 106 PHE A C   1 
ATOM   991  O  O   . PHE A 1 112 ? -8.522  6.999   -4.696  1.00 9.41  ? 106 PHE A O   1 
ATOM   992  C  CB  . PHE A 1 112 ? -10.815 6.595   -7.147  1.00 8.49  ? 106 PHE A CB  1 
ATOM   993  C  CG  . PHE A 1 112 ? -9.738  5.734   -7.767  1.00 8.65  ? 106 PHE A CG  1 
ATOM   994  C  CD1 . PHE A 1 112 ? -9.687  4.365   -7.498  1.00 10.33 ? 106 PHE A CD1 1 
ATOM   995  C  CD2 . PHE A 1 112 ? -8.882  6.241   -8.713  1.00 9.98  ? 106 PHE A CD2 1 
ATOM   996  C  CE1 . PHE A 1 112 ? -8.769  3.541   -8.134  1.00 9.84  ? 106 PHE A CE1 1 
ATOM   997  C  CE2 . PHE A 1 112 ? -7.968  5.404   -9.354  1.00 10.14 ? 106 PHE A CE2 1 
ATOM   998  C  CZ  . PHE A 1 112 ? -7.915  4.066   -9.043  1.00 9.49  ? 106 PHE A CZ  1 
ATOM   999  N  N   . ARG A 1 113 ? -10.550 6.324   -4.030  1.00 8.48  ? 107 ARG A N   1 
ATOM   1000 C  CA  . ARG A 1 113 ? -10.071 5.742   -2.771  1.00 8.66  ? 107 ARG A CA  1 
ATOM   1001 C  C   . ARG A 1 113 ? -10.729 4.377   -2.587  1.00 9.27  ? 107 ARG A C   1 
ATOM   1002 O  O   . ARG A 1 113 ? -11.872 4.158   -3.014  1.00 8.61  ? 107 ARG A O   1 
ATOM   1003 C  CB  . ARG A 1 113 ? -10.369 6.656   -1.602  1.00 9.46  ? 107 ARG A CB  1 
ATOM   1004 C  CG  . ARG A 1 113 ? -9.701  8.027   -1.728  1.00 9.15  ? 107 ARG A CG  1 
ATOM   1005 C  CD  . ARG A 1 113 ? -9.803  8.858   -0.462  1.00 9.60  ? 107 ARG A CD  1 
ATOM   1006 N  NE  . ARG A 1 113 ? -9.161  10.176  -0.577  1.00 8.20  ? 107 ARG A NE  1 
ATOM   1007 C  CZ  . ARG A 1 113 ? -9.806  11.316  -0.791  1.00 8.14  ? 107 ARG A CZ  1 
ATOM   1008 N  NH1 . ARG A 1 113 ? -11.128 11.361  -0.962  1.00 8.20  ? 107 ARG A NH1 1 
ATOM   1009 N  NH2 . ARG A 1 113 ? -9.157  12.472  -0.824  1.00 9.24  ? 107 ARG A NH2 1 
ATOM   1010 N  N   . PHE A 1 114 ? -9.993  3.446   -1.982  1.00 9.23  ? 108 PHE A N   1 
ATOM   1011 C  CA  . PHE A 1 114 ? -10.399 2.058   -1.922  1.00 9.35  ? 108 PHE A CA  1 
ATOM   1012 C  C   . PHE A 1 114 ? -9.609  1.341   -0.870  1.00 9.42  ? 108 PHE A C   1 
ATOM   1013 O  O   . PHE A 1 114 ? -8.670  1.877   -0.301  1.00 9.99  ? 108 PHE A O   1 
ATOM   1014 C  CB  . PHE A 1 114 ? -10.240 1.375   -3.282  1.00 9.38  ? 108 PHE A CB  1 
ATOM   1015 C  CG  . PHE A 1 114 ? -8.860  1.468   -3.863  1.00 9.54  ? 108 PHE A CG  1 
ATOM   1016 C  CD1 . PHE A 1 114 ? -7.950  0.433   -3.703  1.00 9.83  ? 108 PHE A CD1 1 
ATOM   1017 C  CD2 . PHE A 1 114 ? -8.475  2.555   -4.610  1.00 10.08 ? 108 PHE A CD2 1 
ATOM   1018 C  CE1 . PHE A 1 114 ? -6.695  0.508   -4.240  1.00 10.50 ? 108 PHE A CE1 1 
ATOM   1019 C  CE2 . PHE A 1 114 ? -7.200  2.620   -5.151  1.00 10.66 ? 108 PHE A CE2 1 
ATOM   1020 C  CZ  . PHE A 1 114 ? -6.320  1.578   -4.958  1.00 10.88 ? 108 PHE A CZ  1 
ATOM   1021 N  N   . TYR A 1 115 ? -9.964  0.091   -0.628  1.00 9.60  ? 109 TYR A N   1 
ATOM   1022 C  CA  . TYR A 1 115 ? -9.273  -0.733  0.358   1.00 9.40  ? 109 TYR A CA  1 
ATOM   1023 C  C   . TYR A 1 115 ? -8.322  -1.713  -0.301  1.00 8.94  ? 109 TYR A C   1 
ATOM   1024 O  O   . TYR A 1 115 ? -8.623  -2.250  -1.375  1.00 10.22 ? 109 TYR A O   1 
ATOM   1025 C  CB  . TYR A 1 115 ? -10.272 -1.553  1.165   1.00 10.08 ? 109 TYR A CB  1 
ATOM   1026 C  CG  . TYR A 1 115 ? -11.217 -0.716  1.977   1.00 9.79  ? 109 TYR A CG  1 
ATOM   1027 C  CD1 . TYR A 1 115 ? -10.780 0.015   3.070   1.00 10.36 ? 109 TYR A CD1 1 
ATOM   1028 C  CD2 . TYR A 1 115 ? -12.545 -0.603  1.614   1.00 9.56  ? 109 TYR A CD2 1 
ATOM   1029 C  CE1 . TYR A 1 115 ? -11.670 0.798   3.815   1.00 11.05 ? 109 TYR A CE1 1 
ATOM   1030 C  CE2 . TYR A 1 115 ? -13.424 0.174   2.328   1.00 11.01 ? 109 TYR A CE2 1 
ATOM   1031 C  CZ  . TYR A 1 115 ? -12.980 0.875   3.433   1.00 10.41 ? 109 TYR A CZ  1 
ATOM   1032 O  OH  . TYR A 1 115 ? -13.860 1.656   4.155   1.00 11.19 ? 109 TYR A OH  1 
ATOM   1033 N  N   . ASP A 1 116 ? -7.195  -1.962  0.347   1.00 8.47  ? 110 ASP A N   1 
ATOM   1034 C  CA  . ASP A 1 116 ? -6.353  -3.106  -0.013  1.00 8.12  ? 110 ASP A CA  1 
ATOM   1035 C  C   . ASP A 1 116 ? -6.923  -4.389  0.586   1.00 8.55  ? 110 ASP A C   1 
ATOM   1036 O  O   . ASP A 1 116 ? -7.937  -4.344  1.276   1.00 9.47  ? 110 ASP A O   1 
ATOM   1037 C  CB  . ASP A 1 116 ? -4.880  -2.817  0.268   1.00 8.85  ? 110 ASP A CB  1 
ATOM   1038 C  CG  . ASP A 1 116 ? -4.426  -3.159  1.639   1.00 9.38  ? 110 ASP A CG  1 
ATOM   1039 O  OD1 . ASP A 1 116 ? -5.242  -3.505  2.525   1.00 9.42  ? 110 ASP A OD1 1 
ATOM   1040 O  OD2 . ASP A 1 116 ? -3.183  -3.133  1.870   1.00 9.69  ? 110 ASP A OD2 1 
ATOM   1041 N  N   . PRO A 1 117 ? -6.336  -5.549  0.271   1.00 8.93  ? 111 PRO A N   1 
ATOM   1042 C  CA  . PRO A 1 117 ? -6.881  -6.802  0.760   1.00 8.82  ? 111 PRO A CA  1 
ATOM   1043 C  C   . PRO A 1 117 ? -6.993  -6.909  2.283   1.00 8.58  ? 111 PRO A C   1 
ATOM   1044 O  O   . PRO A 1 117 ? -7.779  -7.722  2.768   1.00 10.13 ? 111 PRO A O   1 
ATOM   1045 C  CB  . PRO A 1 117 ? -5.901  -7.841  0.206   1.00 9.50  ? 111 PRO A CB  1 
ATOM   1046 C  CG  . PRO A 1 117 ? -5.443  -7.203  -1.083  1.00 9.91  ? 111 PRO A CG  1 
ATOM   1047 C  CD  . PRO A 1 117 ? -5.243  -5.765  -0.699  1.00 9.27  ? 111 PRO A CD  1 
ATOM   1048 N  N   . ASP A 1 118 ? -6.238  -6.125  3.039   1.00 7.95  ? 112 ASP A N   1 
ATOM   1049 C  CA  . ASP A 1 118 ? -6.261  -6.159  4.498   1.00 8.58  ? 112 ASP A CA  1 
ATOM   1050 C  C   . ASP A 1 118 ? -7.131  -5.045  5.059   1.00 8.63  ? 112 ASP A C   1 
ATOM   1051 O  O   . ASP A 1 118 ? -7.275  -4.946  6.294   1.00 9.41  ? 112 ASP A O   1 
ATOM   1052 C  CB  . ASP A 1 118 ? -4.842  -6.056  5.057   1.00 8.81  ? 112 ASP A CB  1 
ATOM   1053 C  CG  . ASP A 1 118 ? -4.058  -7.299  4.801   1.00 9.83  ? 112 ASP A CG  1 
ATOM   1054 O  OD1 . ASP A 1 118 ? -4.069  -8.191  5.678   1.00 11.05 ? 112 ASP A OD1 1 
ATOM   1055 O  OD2 . ASP A 1 118 ? -3.479  -7.408  3.702   1.00 10.60 ? 112 ASP A OD2 1 
ATOM   1056 N  N   . GLY A 1 119 ? -7.721  -4.223  4.196   1.00 8.01  ? 113 GLY A N   1 
ATOM   1057 C  CA  . GLY A 1 119 ? -8.528  -3.117  4.647   1.00 7.83  ? 113 GLY A CA  1 
ATOM   1058 C  C   . GLY A 1 119 ? -7.812  -1.805  4.850   1.00 8.27  ? 113 GLY A C   1 
ATOM   1059 O  O   . GLY A 1 119 ? -8.430  -0.849  5.317   1.00 9.48  ? 113 GLY A O   1 
ATOM   1060 N  N   . HIS A 1 120 ? -6.535  -1.714  4.482   1.00 8.35  ? 114 HIS A N   1 
ATOM   1061 C  CA  . HIS A 1 120 ? -5.853  -0.434  4.587   1.00 8.50  ? 114 HIS A CA  1 
ATOM   1062 C  C   . HIS A 1 120 ? -6.436  0.512   3.543   1.00 8.95  ? 114 HIS A C   1 
ATOM   1063 O  O   . HIS A 1 120 ? -6.785  0.066   2.438   1.00 9.21  ? 114 HIS A O   1 
ATOM   1064 C  CB  . HIS A 1 120 ? -4.336  -0.566  4.342   1.00 8.95  ? 114 HIS A CB  1 
ATOM   1065 C  CG  . HIS A 1 120 ? -3.628  -1.392  5.359   1.00 8.75  ? 114 HIS A CG  1 
ATOM   1066 N  ND1 . HIS A 1 120 ? -3.559  -1.038  6.697   1.00 9.94  ? 114 HIS A ND1 1 
ATOM   1067 C  CD2 . HIS A 1 120 ? -2.940  -2.550  5.232   1.00 8.80  ? 114 HIS A CD2 1 
ATOM   1068 C  CE1 . HIS A 1 120 ? -2.841  -1.945  7.331   1.00 8.81  ? 114 HIS A CE1 1 
ATOM   1069 N  NE2 . HIS A 1 120 ? -2.454  -2.875  6.468   1.00 8.11  ? 114 HIS A NE2 1 
ATOM   1070 N  N   . ALA A 1 121 ? -6.541  1.803   3.843   1.00 8.43  ? 115 ALA A N   1 
ATOM   1071 C  CA  . ALA A 1 121 ? -7.127  2.779   2.955   1.00 8.88  ? 115 ALA A CA  1 
ATOM   1072 C  C   . ALA A 1 121 ? -6.075  3.295   1.995   1.00 8.57  ? 115 ALA A C   1 
ATOM   1073 O  O   . ALA A 1 121 ? -4.982  3.728   2.411   1.00 9.00  ? 115 ALA A O   1 
ATOM   1074 C  CB  . ALA A 1 121 ? -7.750  3.921   3.767   1.00 10.25 ? 115 ALA A CB  1 
ATOM   1075 N  N   A ILE A 1 122 ? -6.411  3.252   0.706   0.50 8.89  ? 116 ILE A N   1 
ATOM   1076 N  N   B ILE A 1 122 ? -6.436  3.284   0.720   0.50 8.68  ? 116 ILE A N   1 
ATOM   1077 C  CA  A ILE A 1 122 ? -5.561  3.726   -0.383  0.50 9.10  ? 116 ILE A CA  1 
ATOM   1078 C  CA  B ILE A 1 122 ? -5.583  3.677   -0.382  0.50 8.78  ? 116 ILE A CA  1 
ATOM   1079 C  C   A ILE A 1 122 ? -6.239  4.799   -1.211  0.50 9.24  ? 116 ILE A C   1 
ATOM   1080 C  C   B ILE A 1 122 ? -6.251  4.831   -1.141  0.50 9.13  ? 116 ILE A C   1 
ATOM   1081 O  O   A ILE A 1 122 ? -7.422  4.694   -1.546  0.50 8.82  ? 116 ILE A O   1 
ATOM   1082 O  O   B ILE A 1 122 ? -7.467  4.859   -1.271  0.50 8.90  ? 116 ILE A O   1 
ATOM   1083 C  CB  A ILE A 1 122 ? -5.210  2.593   -1.369  0.50 8.86  ? 116 ILE A CB  1 
ATOM   1084 C  CB  B ILE A 1 122 ? -5.353  2.468   -1.342  0.50 8.46  ? 116 ILE A CB  1 
ATOM   1085 C  CG1 A ILE A 1 122 ? -4.292  1.568   -0.710  0.50 9.87  ? 116 ILE A CG1 1 
ATOM   1086 C  CG1 B ILE A 1 122 ? -5.101  1.154   -0.560  0.50 9.01  ? 116 ILE A CG1 1 
ATOM   1087 C  CG2 A ILE A 1 122 ? -4.533  3.158   -2.619  0.50 9.28  ? 116 ILE A CG2 1 
ATOM   1088 C  CG2 B ILE A 1 122 ? -4.194  2.757   -2.295  0.50 8.78  ? 116 ILE A CG2 1 
ATOM   1089 C  CD1 A ILE A 1 122 ? -4.181  0.290   -1.491  0.50 9.89  ? 116 ILE A CD1 1 
ATOM   1090 C  CD1 B ILE A 1 122 ? -3.880  1.144   0.342   0.50 10.35 ? 116 ILE A CD1 1 
ATOM   1091 N  N   . GLU A 1 123 ? -5.457  5.802   -1.578  1.00 8.85  ? 117 GLU A N   1 
ATOM   1092 C  CA  . GLU A 1 123 ? -5.893  6.824   -2.533  1.00 8.76  ? 117 GLU A CA  1 
ATOM   1093 C  C   . GLU A 1 123 ? -4.980  6.781   -3.722  1.00 8.58  ? 117 GLU A C   1 
ATOM   1094 O  O   . GLU A 1 123 ? -3.767  6.703   -3.564  1.00 9.30  ? 117 GLU A O   1 
ATOM   1095 C  CB  . GLU A 1 123 ? -5.827  8.207   -1.871  1.00 8.61  ? 117 GLU A CB  1 
ATOM   1096 C  CG  . GLU A 1 123 ? -6.156  9.341   -2.839  1.00 8.58  ? 117 GLU A CG  1 
ATOM   1097 C  CD  . GLU A 1 123 ? -6.189  10.689  -2.206  1.00 9.25  ? 117 GLU A CD  1 
ATOM   1098 O  OE1 . GLU A 1 123 ? -6.428  10.783  -0.989  1.00 9.42  ? 117 GLU A OE1 1 
ATOM   1099 O  OE2 . GLU A 1 123 ? -5.931  11.643  -2.975  1.00 10.69 ? 117 GLU A OE2 1 
ATOM   1100 N  N   . VAL A 1 124 ? -5.595  6.851   -4.912  1.00 8.98  ? 118 VAL A N   1 
ATOM   1101 C  CA  . VAL A 1 124 ? -4.876  7.059   -6.160  1.00 8.41  ? 118 VAL A CA  1 
ATOM   1102 C  C   . VAL A 1 124 ? -5.392  8.349   -6.750  1.00 9.21  ? 118 VAL A C   1 
ATOM   1103 O  O   . VAL A 1 124 ? -6.561  8.452   -7.108  1.00 9.50  ? 118 VAL A O   1 
ATOM   1104 C  CB  . VAL A 1 124 ? -5.027  5.879   -7.125  1.00 8.19  ? 118 VAL A CB  1 
ATOM   1105 C  CG1 . VAL A 1 124 ? -4.404  6.197   -8.487  1.00 9.31  ? 118 VAL A CG1 1 
ATOM   1106 C  CG2 . VAL A 1 124 ? -4.455  4.595   -6.540  1.00 9.28  ? 118 VAL A CG2 1 
ATOM   1107 N  N   . GLY A 1 125 ? -4.499  9.309   -6.906  1.00 8.87  ? 119 GLY A N   1 
ATOM   1108 C  CA  . GLY A 1 125 ? -4.827  10.603  -7.476  1.00 9.41  ? 119 GLY A CA  1 
ATOM   1109 C  C   . GLY A 1 125 ? -4.084  10.884  -8.741  1.00 9.65  ? 119 GLY A C   1 
ATOM   1110 O  O   . GLY A 1 125 ? -2.997  10.325  -9.004  1.00 10.26 ? 119 GLY A O   1 
ATOM   1111 N  N   . GLU A 1 126 ? -4.643  11.803  -9.524  1.00 10.82 ? 120 GLU A N   1 
ATOM   1112 C  CA  . GLU A 1 126 ? -3.897  12.283  -10.675 1.00 11.50 ? 120 GLU A CA  1 
ATOM   1113 C  C   . GLU A 1 126 ? -2.642  12.980  -10.201 1.00 12.60 ? 120 GLU A C   1 
ATOM   1114 O  O   . GLU A 1 126 ? -2.591  13.537  -9.107  1.00 11.64 ? 120 GLU A O   1 
ATOM   1115 C  CB  . GLU A 1 126 ? -4.725  13.208  -11.553 1.00 13.06 ? 120 GLU A CB  1 
ATOM   1116 C  CG  . GLU A 1 126 ? -5.159  14.485  -10.887 1.00 13.97 ? 120 GLU A CG  1 
ATOM   1117 C  CD  . GLU A 1 126 ? -6.004  15.321  -11.811 1.00 13.00 ? 120 GLU A CD  1 
ATOM   1118 O  OE1 . GLU A 1 126 ? -5.670  15.399  -13.021 1.00 18.39 ? 120 GLU A OE1 1 
ATOM   1119 O  OE2 . GLU A 1 126 ? -7.003  15.876  -11.346 1.00 14.07 ? 120 GLU A OE2 1 
ATOM   1120 N  N   . SER A 1 127 ? -1.633  12.980  -11.058 1.00 14.25 ? 121 SER A N   1 
ATOM   1121 C  CA  . SER A 1 127 ? -0.330  13.498  -10.710 1.00 16.70 ? 121 SER A CA  1 
ATOM   1122 C  C   . SER A 1 127 ? -0.443  14.990  -10.443 1.00 17.40 ? 121 SER A C   1 
ATOM   1123 O  O   . SER A 1 127 ? -1.195  15.706  -11.110 1.00 17.64 ? 121 SER A O   1 
ATOM   1124 C  CB  . SER A 1 127 ? 0.656   13.218  -11.866 1.00 17.33 ? 121 SER A CB  1 
ATOM   1125 O  OG  . SER A 1 127 ? 1.089   11.866  -11.780 1.00 22.95 ? 121 SER A OG  1 
ATOM   1126 N  N   . LEU A 1 128 ? 0.300   15.434  -9.428  1.00 18.83 ? 122 LEU A N   1 
ATOM   1127 C  CA  . LEU A 1 128 ? 0.396   16.836  -9.080  1.00 20.05 ? 122 LEU A CA  1 
ATOM   1128 C  C   . LEU A 1 128 ? 1.778   17.352  -9.487  1.00 20.84 ? 122 LEU A C   1 
ATOM   1129 O  O   . LEU A 1 128 ? 1.896   18.460  -10.004 1.00 23.97 ? 122 LEU A O   1 
ATOM   1130 C  CB  . LEU A 1 128 ? 0.197   17.018  -7.567  1.00 19.95 ? 122 LEU A CB  1 
ATOM   1131 C  CG  . LEU A 1 128 ? -1.185  16.659  -7.011  1.00 20.01 ? 122 LEU A CG  1 
ATOM   1132 C  CD1 . LEU A 1 128 ? -1.225  16.852  -5.509  1.00 21.33 ? 122 LEU A CD1 1 
ATOM   1133 C  CD2 . LEU A 1 128 ? -2.322  17.454  -7.673  1.00 21.12 ? 122 LEU A CD2 1 
HETATM 1134 N  N1  . EPE B 2 .   ? 15.489  -4.392  6.289   1.00 11.58 ? 136 EPE A N1  1 
HETATM 1135 C  C2  . EPE B 2 .   ? 15.417  -2.993  6.707   1.00 12.02 ? 136 EPE A C2  1 
HETATM 1136 C  C3  . EPE B 2 .   ? 13.994  -2.682  7.065   1.00 11.52 ? 136 EPE A C3  1 
HETATM 1137 N  N4  . EPE B 2 .   ? 13.515  -3.502  8.192   1.00 9.56  ? 136 EPE A N4  1 
HETATM 1138 C  C5  . EPE B 2 .   ? 13.588  -4.900  7.780   1.00 10.16 ? 136 EPE A C5  1 
HETATM 1139 C  C6  . EPE B 2 .   ? 15.005  -5.273  7.377   1.00 10.38 ? 136 EPE A C6  1 
HETATM 1140 C  C7  . EPE B 2 .   ? 12.177  -3.143  8.609   1.00 10.12 ? 136 EPE A C7  1 
HETATM 1141 C  C8  . EPE B 2 .   ? 11.667  -3.862  9.838   1.00 10.66 ? 136 EPE A C8  1 
HETATM 1142 O  O8  . EPE B 2 .   ? 12.552  -3.735  10.910  1.00 10.97 ? 136 EPE A O8  1 
HETATM 1143 C  C9  . EPE B 2 .   ? 16.909  -4.624  5.981   1.00 14.16 ? 136 EPE A C9  1 
HETATM 1144 C  C10 . EPE B 2 .   ? 17.128  -6.028  5.476   1.00 14.83 ? 136 EPE A C10 1 
HETATM 1145 S  S   . EPE B 2 .   ? 18.814  -6.232  4.897   1.00 16.40 ? 136 EPE A S   1 
HETATM 1146 O  O1S . EPE B 2 .   ? 19.645  -6.025  6.074   1.00 18.38 ? 136 EPE A O1S 1 
HETATM 1147 O  O2S . EPE B 2 .   ? 19.004  -5.195  3.894   1.00 18.84 ? 136 EPE A O2S 1 
HETATM 1148 O  O3S . EPE B 2 .   ? 18.809  -7.581  4.377   1.00 17.25 ? 136 EPE A O3S 1 
HETATM 1149 O  O   . HOH C 3 .   ? 6.126   -9.133  24.970  1.00 32.32 ? 137 HOH A O   1 
HETATM 1150 O  O   . HOH C 3 .   ? -2.725  -5.900  1.610   1.00 17.48 ? 138 HOH A O   1 
HETATM 1151 O  O   . HOH C 3 .   ? -15.625 -7.101  -10.556 1.00 43.38 ? 139 HOH A O   1 
HETATM 1152 O  O   . HOH C 3 .   ? -2.951  -9.927  2.932   1.00 17.86 ? 140 HOH A O   1 
HETATM 1153 O  O   . HOH C 3 .   ? -9.581  -7.449  5.012   1.00 29.40 ? 141 HOH A O   1 
HETATM 1154 O  O   . HOH C 3 .   ? 8.556   5.865   1.353   1.00 26.18 ? 142 HOH A O   1 
HETATM 1155 O  O   . HOH C 3 .   ? 14.945  -13.455 2.645   1.00 28.15 ? 143 HOH A O   1 
HETATM 1156 O  O   . HOH C 3 .   ? 6.926   -12.744 -0.791  1.00 33.60 ? 144 HOH A O   1 
HETATM 1157 O  O   . HOH C 3 .   ? -5.121  14.097  -2.616  1.00 16.51 ? 145 HOH A O   1 
HETATM 1158 O  O   . HOH C 3 .   ? 2.125   -14.614 4.302   1.00 24.91 ? 146 HOH A O   1 
HETATM 1159 O  O   . HOH C 3 .   ? -7.252  7.546   -20.173 1.00 30.71 ? 147 HOH A O   1 
HETATM 1160 O  O   . HOH C 3 .   ? 7.641   -6.570  -10.172 1.00 31.24 ? 148 HOH A O   1 
HETATM 1161 O  O   . HOH C 3 .   ? -5.720  -8.090  7.831   1.00 20.76 ? 149 HOH A O   1 
HETATM 1162 O  O   . HOH C 3 .   ? -0.895  1.136   -12.458 1.00 29.06 ? 150 HOH A O   1 
HETATM 1163 O  O   . HOH C 3 .   ? -12.566 16.540  -1.107  1.00 25.10 ? 151 HOH A O   1 
HETATM 1164 O  O   . HOH C 3 .   ? -8.758  1.516   6.862   1.00 19.14 ? 152 HOH A O   1 
HETATM 1165 O  O   . HOH C 3 .   ? -4.112  11.525  -14.455 1.00 34.84 ? 153 HOH A O   1 
HETATM 1166 O  O   . HOH C 3 .   ? -14.640 12.327  -2.824  1.00 24.62 ? 154 HOH A O   1 
HETATM 1167 O  O   . HOH C 3 .   ? -14.779 6.969   9.443   1.00 27.24 ? 155 HOH A O   1 
HETATM 1168 O  O   . HOH C 3 .   ? -10.372 -5.410  2.210   1.00 37.45 ? 156 HOH A O   1 
HETATM 1169 O  O   . HOH C 3 .   ? -9.943  -3.775  11.418  1.00 40.21 ? 157 HOH A O   1 
HETATM 1170 O  O   . HOH C 3 .   ? -10.421 -4.199  -1.929  1.00 21.10 ? 158 HOH A O   1 
HETATM 1171 O  O   . HOH C 3 .   ? -12.012 22.582  -8.394  1.00 53.42 ? 159 HOH A O   1 
HETATM 1172 O  O   . HOH C 3 .   ? 6.540   0.621   -7.515  1.00 25.77 ? 160 HOH A O   1 
HETATM 1173 O  O   . HOH C 3 .   ? -19.132 6.366   -2.439  1.00 41.77 ? 161 HOH A O   1 
HETATM 1174 O  O   . HOH C 3 .   ? 2.544   1.253   -12.994 1.00 32.41 ? 162 HOH A O   1 
HETATM 1175 O  O   . HOH C 3 .   ? -2.371  -8.945  20.621  1.00 35.80 ? 163 HOH A O   1 
HETATM 1176 O  O   . HOH C 3 .   ? -11.071 -1.395  6.237   1.00 25.77 ? 164 HOH A O   1 
HETATM 1177 O  O   . HOH C 3 .   ? -7.354  1.268   -18.281 1.00 34.47 ? 165 HOH A O   1 
HETATM 1178 O  O   . HOH C 3 .   ? -18.074 4.027   6.662   1.00 31.33 ? 166 HOH A O   1 
HETATM 1179 O  O   . HOH C 3 .   ? 12.588  -6.451  19.548  1.00 27.90 ? 167 HOH A O   1 
HETATM 1180 O  O   . HOH C 3 .   ? -12.756 0.007   7.510   1.00 32.11 ? 168 HOH A O   1 
HETATM 1181 O  O   . HOH C 3 .   ? -16.626 5.590   11.281  1.00 32.46 ? 169 HOH A O   1 
HETATM 1182 O  O   . HOH C 3 .   ? 3.926   -4.425  -11.891 1.00 36.67 ? 170 HOH A O   1 
HETATM 1183 O  O   . HOH C 3 .   ? 9.109   -11.764 -6.149  1.00 38.52 ? 171 HOH A O   1 
HETATM 1184 O  O   . HOH C 3 .   ? 12.265  3.247   -6.309  1.00 47.49 ? 172 HOH A O   1 
HETATM 1185 O  O   . HOH C 3 .   ? -9.220  -4.739  -15.168 1.00 50.72 ? 173 HOH A O   1 
HETATM 1186 O  O   . HOH C 3 .   ? -16.457 -1.256  -5.171  1.00 22.68 ? 174 HOH A O   1 
HETATM 1187 O  O   . HOH C 3 .   ? -15.255 -2.153  -7.225  1.00 26.38 ? 175 HOH A O   1 
HETATM 1188 O  O   . HOH C 3 .   ? 8.663   2.444   -10.670 1.00 36.41 ? 176 HOH A O   1 
HETATM 1189 O  O   . HOH C 3 .   ? -19.083 -1.979  -1.423  1.00 42.60 ? 177 HOH A O   1 
HETATM 1190 O  O   . HOH C 3 .   ? 5.798   -14.471 7.763   1.00 34.24 ? 178 HOH A O   1 
HETATM 1191 O  O   . HOH C 3 .   ? 7.416   7.665   -1.531  1.00 31.29 ? 179 HOH A O   1 
HETATM 1192 O  O   . HOH C 3 .   ? 11.918  -9.783  11.188  1.00 33.71 ? 180 HOH A O   1 
HETATM 1193 O  O   . HOH C 3 .   ? -0.103  13.107  -15.809 1.00 35.64 ? 181 HOH A O   1 
HETATM 1194 O  O   . HOH C 3 .   ? 24.967  15.189  1.475   1.00 37.35 ? 182 HOH A O   1 
HETATM 1195 O  O   . HOH C 3 .   ? -1.867  11.239  -19.120 1.00 42.84 ? 183 HOH A O   1 
HETATM 1196 O  O   . HOH C 3 .   ? 1.509   -13.260 -11.780 1.00 27.61 ? 184 HOH A O   1 
HETATM 1197 O  O   . HOH C 3 .   ? -12.657 17.143  1.784   1.00 30.42 ? 185 HOH A O   1 
HETATM 1198 O  O   . HOH C 3 .   ? 5.606   -14.690 -6.364  1.00 56.55 ? 186 HOH A O   1 
HETATM 1199 O  O   . HOH C 3 .   ? -1.149  -12.966 -11.520 1.00 25.21 ? 187 HOH A O   1 
HETATM 1200 O  O   . HOH C 3 .   ? 13.888  -10.156 -4.875  1.00 36.08 ? 188 HOH A O   1 
HETATM 1201 O  O   . HOH C 3 .   ? -5.158  -9.710  10.342  1.00 40.24 ? 189 HOH A O   1 
HETATM 1202 O  O   . HOH C 3 .   ? -2.562  -16.357 -1.108  1.00 36.23 ? 190 HOH A O   1 
HETATM 1203 O  O   . HOH C 3 .   ? -1.820  -5.838  15.656  1.00 27.41 ? 191 HOH A O   1 
HETATM 1204 O  O   . HOH C 3 .   ? -9.685  13.020  -18.247 1.00 33.79 ? 192 HOH A O   1 
HETATM 1205 O  O   . HOH C 3 .   ? -0.535  -13.538 8.962   1.00 26.12 ? 193 HOH A O   1 
HETATM 1206 O  O   . HOH C 3 .   ? -10.510 -3.545  7.901   1.00 25.01 ? 194 HOH A O   1 
HETATM 1207 O  O   . HOH C 3 .   ? -18.262 5.732   4.524   1.00 32.01 ? 195 HOH A O   1 
HETATM 1208 O  O   . HOH C 3 .   ? 2.002   -13.638 -4.892  1.00 42.16 ? 196 HOH A O   1 
HETATM 1209 O  O   . HOH C 3 .   ? -0.067  -10.914 22.542  1.00 37.90 ? 197 HOH A O   1 
HETATM 1210 O  O   . HOH C 3 .   ? -10.863 -5.638  6.308   1.00 31.23 ? 198 HOH A O   1 
HETATM 1211 O  O   . HOH C 3 .   ? -9.835  -8.939  1.463   1.00 37.35 ? 199 HOH A O   1 
HETATM 1212 O  O   . HOH C 3 .   ? 24.326  12.830  11.397  1.00 39.57 ? 200 HOH A O   1 
HETATM 1213 O  O   . HOH C 3 .   ? 2.339   -7.451  -13.048 1.00 40.24 ? 201 HOH A O   1 
HETATM 1214 O  O   . HOH C 3 .   ? -1.607  -8.998  18.114  1.00 52.37 ? 202 HOH A O   1 
HETATM 1215 O  O   . HOH C 3 .   ? 14.095  -14.101 -1.412  1.00 44.93 ? 203 HOH A O   1 
HETATM 1216 O  O   . HOH C 3 .   ? 9.549   -12.690 13.945  1.00 31.65 ? 204 HOH A O   1 
HETATM 1217 O  O   . HOH C 3 .   ? -8.297  9.981   -20.259 1.00 40.39 ? 205 HOH A O   1 
HETATM 1218 O  O   . HOH C 3 .   ? -6.433  10.793  -16.829 1.00 39.20 ? 206 HOH A O   1 
HETATM 1219 O  O   . HOH C 3 .   ? 11.801  1.945   -2.711  1.00 32.45 ? 207 HOH A O   1 
HETATM 1220 O  O   . HOH C 3 .   ? -2.142  -11.973 10.596  1.00 41.28 ? 208 HOH A O   1 
HETATM 1221 O  O   . HOH C 3 .   ? -12.722 -2.944  4.718   1.00 40.63 ? 209 HOH A O   1 
HETATM 1222 O  O   . HOH C 3 .   ? 12.729  -7.560  -8.471  1.00 43.51 ? 210 HOH A O   1 
HETATM 1223 O  O   . HOH C 3 .   ? -18.345 1.821   -2.607  1.00 35.06 ? 211 HOH A O   1 
HETATM 1224 O  O   . HOH C 3 .   ? 15.266  15.043  7.076   1.00 36.13 ? 212 HOH A O   1 
HETATM 1225 O  O   . HOH C 3 .   ? 6.667   -15.897 3.320   1.00 43.24 ? 213 HOH A O   1 
HETATM 1226 O  O   . HOH C 3 .   ? 7.988   -13.214 24.390  1.00 36.42 ? 214 HOH A O   1 
HETATM 1227 O  O   . HOH C 3 .   ? 7.962   -14.764 13.885  1.00 44.20 ? 215 HOH A O   1 
HETATM 1228 O  O   . HOH C 3 .   ? -7.734  -0.976  16.819  0.50 31.73 ? 216 HOH A O   1 
HETATM 1229 O  O   . HOH C 3 .   ? -11.795 -7.311  10.851  1.00 35.63 ? 217 HOH A O   1 
HETATM 1230 O  O   . HOH C 3 .   ? -18.922 4.351   10.684  1.00 30.46 ? 218 HOH A O   1 
HETATM 1231 O  O   . HOH C 3 .   ? -18.592 0.448   -5.738  1.00 36.98 ? 219 HOH A O   1 
HETATM 1232 O  O   . HOH C 3 .   ? -1.319  -14.601 -9.218  1.00 43.89 ? 220 HOH A O   1 
HETATM 1233 O  O   . HOH C 3 .   ? -9.414  -6.355  -3.141  1.00 38.25 ? 221 HOH A O   1 
HETATM 1234 O  O   . HOH C 3 .   ? -2.655  15.592  -13.680 1.00 34.39 ? 222 HOH A O   1 
HETATM 1235 O  O   . HOH C 3 .   ? -8.590  3.063   -20.021 1.00 42.33 ? 223 HOH A O   1 
HETATM 1236 O  O   . HOH C 3 .   ? -4.936  20.062  -6.668  1.00 42.71 ? 224 HOH A O   1 
HETATM 1237 O  O   . HOH C 3 .   ? 12.760  1.942   0.002   1.00 43.35 ? 225 HOH A O   1 
HETATM 1238 O  O   . HOH C 3 .   ? 8.404   -9.381  -9.606  1.00 40.39 ? 226 HOH A O   1 
HETATM 1239 O  O   . HOH C 3 .   ? -2.987  17.830  -11.566 1.00 42.19 ? 227 HOH A O   1 
HETATM 1240 O  O   . HOH C 3 .   ? 9.934   7.897   -0.971  0.50 38.70 ? 228 HOH A O   1 
HETATM 1241 O  O   . HOH C 3 .   ? 12.612  4.787   0.345   1.00 27.88 ? 229 HOH A O   1 
HETATM 1242 O  O   . HOH C 3 .   ? -5.390  -6.654  17.678  1.00 55.73 ? 230 HOH A O   1 
HETATM 1243 O  O   . HOH C 3 .   ? -11.172 14.798  -16.845 1.00 38.92 ? 231 HOH A O   1 
HETATM 1244 O  O   . HOH C 3 .   ? 2.980   -14.308 20.259  1.00 45.45 ? 232 HOH A O   1 
HETATM 1245 O  O   . HOH C 3 .   ? -6.021  13.598  -15.062 1.00 52.71 ? 233 HOH A O   1 
HETATM 1246 O  O   . HOH C 3 .   ? 5.335   -15.068 13.486  1.00 45.26 ? 234 HOH A O   1 
HETATM 1247 O  O   . HOH C 3 .   ? 26.174  15.966  4.248   1.00 44.89 ? 235 HOH A O   1 
HETATM 1248 O  O   . HOH C 3 .   ? -2.882  -10.959 12.527  1.00 38.17 ? 236 HOH A O   1 
HETATM 1249 O  O   . HOH C 3 .   ? -2.280  -5.989  18.323  1.00 40.00 ? 237 HOH A O   1 
HETATM 1250 O  O   . HOH C 3 .   ? -15.999 -5.595  -2.792  1.00 44.29 ? 238 HOH A O   1 
HETATM 1251 O  O   . HOH C 3 .   ? -18.279 3.808   -4.539  1.00 30.57 ? 239 HOH A O   1 
HETATM 1252 O  O   . HOH C 3 .   ? -9.102  5.759   -19.515 1.00 31.04 ? 240 HOH A O   1 
HETATM 1253 O  O   . HOH C 3 .   ? 14.741  0.610   0.913   1.00 39.09 ? 241 HOH A O   1 
HETATM 1254 O  O   . HOH C 3 .   ? -4.751  -9.449  -6.944  1.00 30.89 ? 242 HOH A O   1 
HETATM 1255 O  O   . HOH C 3 .   ? 5.060   -14.490 5.033   1.00 33.99 ? 243 HOH A O   1 
HETATM 1256 O  O   . HOH C 3 .   ? -12.101 7.857   -18.861 1.00 32.65 ? 244 HOH A O   1 
HETATM 1257 O  O   . HOH C 3 .   ? -10.970 9.612   -20.608 1.00 34.52 ? 245 HOH A O   1 
HETATM 1258 O  O   . HOH C 3 .   ? -13.564 -0.586  -15.462 1.00 33.48 ? 246 HOH A O   1 
HETATM 1259 O  O   . HOH C 3 .   ? -17.452 -3.306  -3.437  1.00 39.77 ? 247 HOH A O   1 
HETATM 1260 O  O   . HOH C 3 .   ? -19.465 8.713   -3.306  1.00 43.99 ? 248 HOH A O   1 
HETATM 1261 O  O   . HOH C 3 .   ? -9.688  24.062  -5.643  1.00 49.36 ? 249 HOH A O   1 
HETATM 1262 O  O   . HOH C 3 .   ? -13.552 21.050  -6.728  1.00 49.01 ? 250 HOH A O   1 
HETATM 1263 O  O   . HOH C 3 .   ? 1.651   -15.579 1.684   1.00 34.82 ? 251 HOH A O   1 
HETATM 1264 O  O   . HOH C 3 .   ? -2.703  -0.908  -12.873 1.00 42.30 ? 252 HOH A O   1 
HETATM 1265 O  O   . HOH C 3 .   ? -16.005 14.601  -10.314 0.50 17.53 ? 253 HOH A O   1 
HETATM 1266 O  O   . HOH C 3 .   ? -4.987  0.810   8.283   1.00 15.90 ? 254 HOH A O   1 
HETATM 1267 O  O   . HOH C 3 .   ? -9.210  -8.965  -14.694 1.00 34.89 ? 255 HOH A O   1 
HETATM 1268 O  O   . HOH C 3 .   ? -6.151  2.698   6.644   1.00 16.09 ? 256 HOH A O   1 
HETATM 1269 O  O   . HOH C 3 .   ? 19.961  8.463   6.817   1.00 39.44 ? 257 HOH A O   1 
HETATM 1270 O  O   . HOH C 3 .   ? -12.661 8.073   -15.765 1.00 24.96 ? 258 HOH A O   1 
HETATM 1271 O  O   . HOH C 3 .   ? 14.425  -0.822  3.448   1.00 31.86 ? 259 HOH A O   1 
HETATM 1272 O  O   . HOH C 3 .   ? -15.640 7.866   -11.746 1.00 29.32 ? 260 HOH A O   1 
HETATM 1273 O  O   . HOH C 3 .   ? 2.263   15.159  -4.656  1.00 30.57 ? 261 HOH A O   1 
HETATM 1274 O  O   . HOH C 3 .   ? -4.609  -10.666 -4.370  1.00 26.62 ? 262 HOH A O   1 
HETATM 1275 O  O   . HOH C 3 .   ? 26.925  8.283   -2.089  1.00 30.22 ? 263 HOH A O   1 
HETATM 1276 O  O   . HOH C 3 .   ? -11.943 5.487   -16.030 1.00 26.50 ? 264 HOH A O   1 
HETATM 1277 O  O   . HOH C 3 .   ? 14.985  -3.462  3.427   1.00 26.86 ? 265 HOH A O   1 
HETATM 1278 O  O   . HOH C 3 .   ? -11.984 -5.232  0.059   1.00 31.62 ? 266 HOH A O   1 
HETATM 1279 O  O   . HOH C 3 .   ? 17.167  -3.679  1.947   1.00 37.11 ? 267 HOH A O   1 
HETATM 1280 O  O   . HOH C 3 .   ? 8.657   -8.687  25.904  1.00 39.85 ? 268 HOH A O   1 
HETATM 1281 O  O   . HOH C 3 .   ? -18.538 3.602   0.135   1.00 46.56 ? 269 HOH A O   1 
HETATM 1282 O  O   . HOH C 3 .   ? -13.453 3.228   -15.897 1.00 36.35 ? 270 HOH A O   1 
HETATM 1283 O  O   . HOH C 3 .   ? 0.293   -15.650 6.015   1.00 41.07 ? 271 HOH A O   1 
HETATM 1284 O  O   . HOH C 3 .   ? 23.992  7.122   -2.596  1.00 39.72 ? 272 HOH A O   1 
HETATM 1285 O  O   . HOH C 3 .   ? -18.012 -1.271  0.925   1.00 33.30 ? 273 HOH A O   1 
HETATM 1286 O  O   . HOH C 3 .   ? -8.509  -7.816  -5.652  1.00 40.40 ? 274 HOH A O   1 
HETATM 1287 O  O   . HOH C 3 .   ? 12.362  -0.924  4.869   1.00 34.50 ? 275 HOH A O   1 
HETATM 1288 O  O   . HOH C 3 .   ? -0.218  2.071   -15.762 1.00 52.87 ? 276 HOH A O   1 
HETATM 1289 O  O   . HOH C 3 .   ? -15.004 -0.620  6.402   1.00 38.39 ? 277 HOH A O   1 
HETATM 1290 O  O   . HOH C 3 .   ? -14.178 11.084  -13.054 1.00 42.17 ? 278 HOH A O   1 
HETATM 1291 O  O   . HOH C 3 .   ? -3.293  1.734   -16.320 1.00 49.89 ? 279 HOH A O   1 
HETATM 1292 O  O   . HOH C 3 .   ? 8.878   -13.341 19.477  1.00 50.10 ? 280 HOH A O   1 
HETATM 1293 O  O   . HOH C 3 .   ? -15.511 -2.175  4.308   1.00 42.01 ? 281 HOH A O   1 
HETATM 1294 O  O   . HOH C 3 .   ? -13.445 23.819  -3.222  1.00 50.73 ? 282 HOH A O   1 
HETATM 1295 O  O   . HOH C 3 .   ? -7.891  -9.116  6.395   1.00 29.59 ? 283 HOH A O   1 
HETATM 1296 O  O   . HOH C 3 .   ? 21.950  6.352   -4.181  1.00 44.85 ? 284 HOH A O   1 
HETATM 1297 O  O   . HOH C 3 .   ? -1.950  3.994   -18.034 1.00 39.21 ? 285 HOH A O   1 
HETATM 1298 O  O   . HOH C 3 .   ? 21.528  9.848   7.635   1.00 30.99 ? 286 HOH A O   1 
HETATM 1299 O  O   . HOH C 3 .   ? -2.806  5.578   -20.169 1.00 40.47 ? 287 HOH A O   1 
HETATM 1300 O  O   . HOH C 3 .   ? -15.617 -4.488  -7.278  1.00 44.64 ? 288 HOH A O   1 
HETATM 1301 O  O   . HOH C 3 .   ? -6.455  -4.722  -13.707 1.00 38.11 ? 289 HOH A O   1 
HETATM 1302 O  O   . HOH C 3 .   ? -0.849  -2.106  -14.270 1.00 52.41 ? 290 HOH A O   1 
# 
